data_9UI2
#
_entry.id   9UI2
#
_cell.length_a   173.380
_cell.length_b   173.380
_cell.length_c   422.580
_cell.angle_alpha   90.00
_cell.angle_beta   90.00
_cell.angle_gamma   120.00
#
_symmetry.space_group_name_H-M   'P 65 2 2'
#
loop_
_entity.id
_entity.type
_entity.pdbx_description
1 polymer 'Probable transaldolase'
2 non-polymer 'SULFATE ION'
3 non-polymer 1,2-ETHANEDIOL
4 water water
#
_entity_poly.entity_id   1
_entity_poly.type   'polypeptide(L)'
_entity_poly.pdbx_seq_one_letter_code
;MGSSHHHHHHSSGLVPRGSHMELYLDTASLEEIREIAAWGVLSGVTTNPTLVAKAFAAKGEALTEEAFAAHLRAICETVG
GPVSAEVTALEAEAMVAEGRRLAAIHPNIVVKLPTTEEGLKACKRLSAEGIKVNMTLIFSANQALLAARAGASYVSPFLG
RVDDISWDGGELLREIVEMIQVQDLPVKVIAASIRHPRHVTEAALLGADIATMPHAVFKQLLKHPLTDIGLKRFLEDWEK
VKP
;
_entity_poly.pdbx_strand_id   A,B,C,D,E,F,G,H,I,J
#
# COMPACT_ATOMS: atom_id res chain seq x y z
N SER A 19 -12.95 -6.94 21.56
CA SER A 19 -13.55 -8.24 21.15
C SER A 19 -13.32 -9.30 22.24
N HIS A 20 -12.11 -9.27 22.84
CA HIS A 20 -11.79 -10.12 23.97
C HIS A 20 -12.01 -11.60 23.60
N MET A 21 -11.21 -12.10 22.65
CA MET A 21 -11.55 -13.36 22.00
C MET A 21 -11.52 -14.49 23.02
N GLU A 22 -12.50 -15.40 22.91
CA GLU A 22 -12.62 -16.53 23.80
C GLU A 22 -12.32 -17.82 23.02
N LEU A 23 -11.83 -18.84 23.75
CA LEU A 23 -11.53 -20.12 23.16
C LEU A 23 -12.59 -21.13 23.57
N TYR A 24 -13.14 -21.84 22.57
CA TYR A 24 -14.13 -22.88 22.78
C TYR A 24 -13.57 -24.21 22.27
N LEU A 25 -14.13 -25.32 22.77
CA LEU A 25 -13.88 -26.64 22.20
C LEU A 25 -15.04 -27.01 21.27
N ASP A 26 -14.69 -27.54 20.09
CA ASP A 26 -15.65 -28.07 19.14
C ASP A 26 -15.65 -29.59 19.25
N THR A 27 -16.38 -30.10 20.24
CA THR A 27 -16.41 -31.52 20.55
C THR A 27 -17.62 -31.82 21.41
N ALA A 28 -17.99 -33.11 21.48
CA ALA A 28 -18.97 -33.56 22.46
C ALA A 28 -18.32 -34.49 23.48
N SER A 29 -17.00 -34.62 23.40
CA SER A 29 -16.25 -35.50 24.29
C SER A 29 -16.04 -34.84 25.64
N LEU A 30 -16.61 -35.45 26.69
CA LEU A 30 -16.55 -34.90 28.04
C LEU A 30 -15.10 -34.92 28.54
N GLU A 31 -14.35 -35.95 28.17
CA GLU A 31 -12.98 -36.10 28.65
C GLU A 31 -12.14 -34.95 28.11
N GLU A 32 -12.27 -34.69 26.80
CA GLU A 32 -11.58 -33.59 26.15
C GLU A 32 -11.90 -32.28 26.89
N ILE A 33 -13.18 -32.10 27.22
CA ILE A 33 -13.66 -30.83 27.74
C ILE A 33 -13.11 -30.63 29.16
N ARG A 34 -13.08 -31.72 29.95
CA ARG A 34 -12.57 -31.66 31.31
C ARG A 34 -11.11 -31.24 31.30
N GLU A 35 -10.33 -31.77 30.36
CA GLU A 35 -8.89 -31.53 30.34
C GLU A 35 -8.63 -30.04 30.17
N ILE A 36 -9.28 -29.43 29.17
CA ILE A 36 -8.95 -28.07 28.79
C ILE A 36 -9.58 -27.10 29.79
N ALA A 37 -10.75 -27.46 30.31
CA ALA A 37 -11.40 -26.66 31.33
C ALA A 37 -10.42 -26.40 32.49
N ALA A 38 -9.60 -27.40 32.81
CA ALA A 38 -8.74 -27.33 33.98
C ALA A 38 -7.61 -26.33 33.76
N TRP A 39 -7.34 -25.98 32.48
CA TRP A 39 -6.28 -25.04 32.16
C TRP A 39 -6.69 -23.62 32.54
N GLY A 40 -8.01 -23.38 32.62
CA GLY A 40 -8.53 -22.08 32.98
C GLY A 40 -8.80 -21.20 31.75
N VAL A 41 -8.82 -21.79 30.56
CA VAL A 41 -8.83 -21.01 29.33
C VAL A 41 -10.04 -21.39 28.47
N LEU A 42 -10.95 -22.22 29.01
CA LEU A 42 -12.07 -22.71 28.22
C LEU A 42 -13.33 -21.91 28.52
N SER A 43 -13.90 -21.28 27.48
CA SER A 43 -14.99 -20.33 27.66
C SER A 43 -16.32 -20.96 27.26
N GLY A 44 -16.30 -22.02 26.46
CA GLY A 44 -17.52 -22.62 25.96
C GLY A 44 -17.28 -23.83 25.08
N VAL A 45 -18.37 -24.45 24.62
CA VAL A 45 -18.32 -25.65 23.81
C VAL A 45 -19.32 -25.51 22.68
N THR A 46 -18.93 -25.94 21.47
CA THR A 46 -19.87 -26.13 20.38
C THR A 46 -19.95 -27.61 20.04
N THR A 47 -21.19 -28.12 19.92
CA THR A 47 -21.44 -29.43 19.34
C THR A 47 -22.14 -29.26 18.00
N ASN A 48 -22.15 -30.33 17.21
CA ASN A 48 -23.06 -30.48 16.09
C ASN A 48 -23.51 -31.93 16.01
N PRO A 49 -24.51 -32.25 15.17
CA PRO A 49 -25.09 -33.60 15.14
C PRO A 49 -24.06 -34.69 14.90
N THR A 50 -23.04 -34.39 14.08
CA THR A 50 -22.00 -35.35 13.77
C THR A 50 -21.16 -35.62 15.01
N LEU A 51 -20.74 -34.55 15.70
CA LEU A 51 -19.84 -34.67 16.84
C LEU A 51 -20.52 -35.47 17.94
N VAL A 52 -21.83 -35.24 18.12
CA VAL A 52 -22.59 -35.86 19.19
C VAL A 52 -22.78 -37.35 18.86
N ALA A 53 -23.14 -37.63 17.60
CA ALA A 53 -23.28 -39.00 17.14
C ALA A 53 -22.00 -39.77 17.43
N LYS A 54 -20.84 -39.15 17.15
CA LYS A 54 -19.55 -39.80 17.24
C LYS A 54 -19.25 -40.13 18.71
N ALA A 55 -19.62 -39.20 19.61
CA ALA A 55 -19.42 -39.43 21.03
C ALA A 55 -20.27 -40.60 21.51
N PHE A 56 -21.50 -40.68 21.00
CA PHE A 56 -22.45 -41.68 21.47
C PHE A 56 -22.09 -43.04 20.89
N ALA A 57 -21.46 -43.04 19.71
CA ALA A 57 -21.01 -44.28 19.08
C ALA A 57 -19.87 -44.88 19.89
N ALA A 58 -18.95 -44.03 20.36
CA ALA A 58 -17.70 -44.48 20.95
C ALA A 58 -17.92 -44.87 22.41
N LYS A 59 -18.94 -44.26 23.05
CA LYS A 59 -19.38 -44.67 24.36
C LYS A 59 -20.10 -46.02 24.25
N GLY A 60 -20.80 -46.21 23.13
CA GLY A 60 -21.63 -47.39 22.92
C GLY A 60 -23.05 -47.18 23.43
N GLU A 61 -23.40 -45.93 23.75
CA GLU A 61 -24.66 -45.61 24.41
C GLU A 61 -25.72 -45.31 23.34
N ALA A 62 -27.00 -45.42 23.74
CA ALA A 62 -28.11 -45.16 22.87
C ALA A 62 -28.44 -43.67 22.89
N LEU A 63 -28.54 -43.07 21.70
CA LEU A 63 -28.84 -41.65 21.57
C LEU A 63 -30.35 -41.44 21.67
N THR A 64 -30.85 -41.32 22.90
CA THR A 64 -32.24 -40.99 23.14
C THR A 64 -32.35 -39.52 23.54
N GLU A 65 -33.59 -39.05 23.70
CA GLU A 65 -33.84 -37.67 24.08
C GLU A 65 -33.33 -37.43 25.49
N GLU A 66 -33.53 -38.42 26.37
CA GLU A 66 -33.17 -38.30 27.77
C GLU A 66 -31.65 -38.27 27.90
N ALA A 67 -30.98 -39.11 27.09
CA ALA A 67 -29.54 -39.29 27.20
C ALA A 67 -28.81 -38.13 26.56
N PHE A 68 -29.37 -37.62 25.45
CA PHE A 68 -28.85 -36.41 24.81
C PHE A 68 -28.86 -35.27 25.83
N ALA A 69 -30.00 -35.09 26.51
CA ALA A 69 -30.21 -33.96 27.39
C ALA A 69 -29.23 -34.04 28.57
N ALA A 70 -29.08 -35.24 29.13
CA ALA A 70 -28.22 -35.44 30.29
C ALA A 70 -26.77 -35.17 29.91
N HIS A 71 -26.40 -35.53 28.67
CA HIS A 71 -25.04 -35.34 28.19
C HIS A 71 -24.77 -33.85 28.00
N LEU A 72 -25.74 -33.13 27.42
CA LEU A 72 -25.60 -31.69 27.22
C LEU A 72 -25.50 -31.00 28.58
N ARG A 73 -26.33 -31.44 29.53
CA ARG A 73 -26.34 -30.85 30.86
C ARG A 73 -24.96 -31.03 31.50
N ALA A 74 -24.36 -32.20 31.28
CA ALA A 74 -23.06 -32.52 31.84
C ALA A 74 -22.01 -31.58 31.27
N ILE A 75 -22.10 -31.31 29.97
CA ILE A 75 -21.14 -30.42 29.31
C ILE A 75 -21.28 -29.03 29.92
N CYS A 76 -22.53 -28.57 30.10
CA CYS A 76 -22.79 -27.23 30.60
C CYS A 76 -22.14 -27.06 31.97
N GLU A 77 -22.27 -28.08 32.82
CA GLU A 77 -21.77 -28.02 34.19
C GLU A 77 -20.24 -28.00 34.17
N THR A 78 -19.65 -28.75 33.25
CA THR A 78 -18.20 -28.90 33.19
C THR A 78 -17.59 -27.55 32.81
N VAL A 79 -18.10 -26.93 31.73
CA VAL A 79 -17.40 -25.83 31.10
C VAL A 79 -17.78 -24.52 31.78
N GLY A 80 -19.03 -24.44 32.26
CA GLY A 80 -19.50 -23.26 32.98
C GLY A 80 -19.60 -22.04 32.06
N GLY A 81 -19.90 -22.30 30.79
CA GLY A 81 -20.11 -21.26 29.80
C GLY A 81 -21.02 -21.76 28.67
N PRO A 82 -21.28 -20.93 27.64
CA PRO A 82 -22.21 -21.31 26.58
C PRO A 82 -21.88 -22.65 25.92
N VAL A 83 -22.93 -23.43 25.64
CA VAL A 83 -22.80 -24.70 24.96
C VAL A 83 -23.81 -24.75 23.81
N SER A 84 -23.31 -24.96 22.59
CA SER A 84 -24.14 -24.96 21.40
C SER A 84 -24.67 -26.38 21.14
N ALA A 85 -25.99 -26.48 20.95
CA ALA A 85 -26.63 -27.72 20.54
C ALA A 85 -27.52 -27.46 19.32
N GLU A 86 -27.42 -28.33 18.31
CA GLU A 86 -28.02 -28.08 17.01
C GLU A 86 -29.31 -28.86 16.87
N VAL A 87 -30.35 -28.20 16.33
CA VAL A 87 -31.60 -28.85 16.00
C VAL A 87 -31.37 -29.76 14.80
N THR A 88 -32.30 -30.72 14.58
CA THR A 88 -32.23 -31.58 13.42
C THR A 88 -33.52 -31.48 12.60
N ALA A 89 -34.56 -30.85 13.16
CA ALA A 89 -35.78 -30.59 12.40
C ALA A 89 -35.45 -29.71 11.19
N LEU A 90 -36.24 -29.82 10.12
CA LEU A 90 -35.89 -29.19 8.86
C LEU A 90 -36.84 -28.05 8.54
N GLU A 91 -37.98 -27.99 9.22
CA GLU A 91 -38.94 -26.92 9.00
C GLU A 91 -39.11 -26.10 10.27
N ALA A 92 -39.49 -24.83 10.10
CA ALA A 92 -39.24 -23.80 11.10
C ALA A 92 -40.02 -24.10 12.38
N GLU A 93 -41.28 -24.55 12.23
CA GLU A 93 -42.14 -24.75 13.39
C GLU A 93 -41.50 -25.80 14.31
N ALA A 94 -40.99 -26.88 13.70
CA ALA A 94 -40.38 -27.96 14.45
C ALA A 94 -39.03 -27.52 15.02
N MET A 95 -38.31 -26.69 14.25
CA MET A 95 -37.04 -26.15 14.69
C MET A 95 -37.24 -25.37 15.99
N VAL A 96 -38.33 -24.61 16.05
CA VAL A 96 -38.60 -23.75 17.19
C VAL A 96 -38.95 -24.62 18.39
N ALA A 97 -39.81 -25.63 18.17
CA ALA A 97 -40.17 -26.57 19.22
C ALA A 97 -38.91 -27.23 19.77
N GLU A 98 -38.04 -27.68 18.88
CA GLU A 98 -36.82 -28.37 19.26
C GLU A 98 -35.90 -27.41 20.01
N GLY A 99 -35.80 -26.17 19.51
CA GLY A 99 -34.94 -25.17 20.11
C GLY A 99 -35.33 -24.90 21.56
N ARG A 100 -36.63 -24.79 21.81
CA ARG A 100 -37.16 -24.56 23.15
C ARG A 100 -36.76 -25.71 24.07
N ARG A 101 -36.89 -26.95 23.58
CA ARG A 101 -36.56 -28.12 24.37
C ARG A 101 -35.08 -28.09 24.74
N LEU A 102 -34.24 -27.76 23.75
CA LEU A 102 -32.80 -27.69 23.97
C LEU A 102 -32.50 -26.62 25.01
N ALA A 103 -33.12 -25.44 24.84
CA ALA A 103 -32.83 -24.29 25.68
C ALA A 103 -33.21 -24.58 27.12
N ALA A 104 -34.18 -25.47 27.31
CA ALA A 104 -34.74 -25.77 28.62
C ALA A 104 -33.82 -26.71 29.40
N ILE A 105 -32.81 -27.28 28.72
CA ILE A 105 -31.93 -28.26 29.34
C ILE A 105 -31.11 -27.57 30.44
N HIS A 106 -30.60 -26.38 30.12
CA HIS A 106 -29.72 -25.63 31.00
C HIS A 106 -29.60 -24.21 30.44
N PRO A 107 -29.60 -23.17 31.30
CA PRO A 107 -29.54 -21.78 30.83
C PRO A 107 -28.40 -21.50 29.84
N ASN A 108 -27.33 -22.31 29.90
CA ASN A 108 -26.13 -22.02 29.13
C ASN A 108 -26.29 -22.50 27.69
N ILE A 109 -27.38 -23.23 27.40
CA ILE A 109 -27.54 -23.82 26.07
C ILE A 109 -27.81 -22.71 25.06
N VAL A 110 -27.03 -22.73 23.98
CA VAL A 110 -27.27 -21.92 22.80
C VAL A 110 -27.79 -22.83 21.70
N VAL A 111 -28.84 -22.39 21.00
CA VAL A 111 -29.48 -23.20 19.97
C VAL A 111 -28.79 -22.93 18.63
N LYS A 112 -28.23 -23.99 18.04
CA LYS A 112 -27.69 -23.94 16.69
C LYS A 112 -28.80 -24.23 15.68
N LEU A 113 -28.94 -23.33 14.69
CA LEU A 113 -29.79 -23.57 13.54
C LEU A 113 -28.95 -23.50 12.27
N PRO A 114 -29.31 -24.27 11.21
CA PRO A 114 -28.67 -24.13 9.93
C PRO A 114 -29.11 -22.84 9.23
N THR A 115 -28.19 -22.20 8.51
CA THR A 115 -28.51 -20.92 7.89
C THR A 115 -29.24 -21.19 6.58
N THR A 116 -30.54 -21.49 6.71
CA THR A 116 -31.42 -21.75 5.59
C THR A 116 -32.65 -20.86 5.74
N GLU A 117 -33.56 -20.94 4.75
CA GLU A 117 -34.80 -20.17 4.81
C GLU A 117 -35.54 -20.48 6.12
N GLU A 118 -35.66 -21.78 6.42
CA GLU A 118 -36.42 -22.21 7.59
C GLU A 118 -35.67 -21.81 8.85
N GLY A 119 -34.34 -21.86 8.79
CA GLY A 119 -33.49 -21.49 9.90
C GLY A 119 -33.68 -20.03 10.30
N LEU A 120 -33.80 -19.15 9.29
CA LEU A 120 -34.01 -17.74 9.53
C LEU A 120 -35.33 -17.54 10.29
N LYS A 121 -36.38 -18.23 9.81
CA LYS A 121 -37.70 -18.13 10.41
C LYS A 121 -37.62 -18.54 11.88
N ALA A 122 -36.93 -19.65 12.16
CA ALA A 122 -36.84 -20.17 13.51
C ALA A 122 -35.97 -19.25 14.37
N CYS A 123 -34.91 -18.72 13.76
CA CYS A 123 -34.03 -17.78 14.43
C CYS A 123 -34.82 -16.57 14.92
N LYS A 124 -35.68 -16.04 14.04
CA LYS A 124 -36.43 -14.83 14.36
C LYS A 124 -37.26 -15.07 15.62
N ARG A 125 -37.94 -16.23 15.66
CA ARG A 125 -38.89 -16.52 16.72
C ARG A 125 -38.15 -16.83 18.01
N LEU A 126 -37.14 -17.70 17.93
CA LEU A 126 -36.41 -18.11 19.11
C LEU A 126 -35.74 -16.90 19.75
N SER A 127 -35.12 -16.05 18.92
CA SER A 127 -34.40 -14.89 19.41
C SER A 127 -35.36 -13.89 20.04
N ALA A 128 -36.58 -13.77 19.48
CA ALA A 128 -37.57 -12.85 20.01
C ALA A 128 -38.00 -13.28 21.41
N GLU A 129 -37.87 -14.58 21.69
CA GLU A 129 -38.30 -15.16 22.95
C GLU A 129 -37.17 -15.09 23.98
N GLY A 130 -35.98 -14.67 23.53
CA GLY A 130 -34.86 -14.44 24.43
C GLY A 130 -33.91 -15.63 24.48
N ILE A 131 -34.09 -16.57 23.54
CA ILE A 131 -33.16 -17.69 23.40
C ILE A 131 -32.02 -17.26 22.48
N LYS A 132 -30.79 -17.61 22.89
CA LYS A 132 -29.60 -17.29 22.12
C LYS A 132 -29.47 -18.26 20.94
N VAL A 133 -29.31 -17.72 19.74
CA VAL A 133 -29.27 -18.53 18.54
C VAL A 133 -27.89 -18.41 17.91
N ASN A 134 -27.31 -19.58 17.58
CA ASN A 134 -26.06 -19.67 16.84
C ASN A 134 -26.36 -20.16 15.43
N MET A 135 -26.26 -19.25 14.45
CA MET A 135 -26.55 -19.61 13.07
C MET A 135 -25.29 -20.18 12.42
N THR A 136 -25.40 -21.41 11.93
CA THR A 136 -24.23 -22.21 11.58
C THR A 136 -24.33 -22.65 10.13
N LEU A 137 -23.35 -23.45 9.69
CA LEU A 137 -23.21 -23.81 8.29
C LEU A 137 -23.22 -22.56 7.41
N ILE A 138 -22.41 -21.57 7.80
CA ILE A 138 -22.30 -20.32 7.07
C ILE A 138 -21.03 -20.34 6.23
N PHE A 139 -21.16 -20.02 4.94
CA PHE A 139 -20.05 -20.09 4.01
C PHE A 139 -19.94 -18.82 3.18
N SER A 140 -20.82 -17.83 3.43
CA SER A 140 -20.68 -16.53 2.82
C SER A 140 -21.02 -15.42 3.83
N ALA A 141 -20.48 -14.22 3.57
CA ALA A 141 -20.80 -13.04 4.34
C ALA A 141 -22.29 -12.73 4.24
N ASN A 142 -22.88 -12.96 3.06
CA ASN A 142 -24.29 -12.67 2.85
C ASN A 142 -25.15 -13.55 3.76
N GLN A 143 -24.73 -14.81 3.96
CA GLN A 143 -25.42 -15.70 4.86
C GLN A 143 -25.34 -15.14 6.28
N ALA A 144 -24.15 -14.67 6.66
CA ALA A 144 -23.95 -14.11 7.99
C ALA A 144 -24.83 -12.88 8.19
N LEU A 145 -25.00 -12.07 7.13
CA LEU A 145 -25.75 -10.84 7.20
C LEU A 145 -27.22 -11.14 7.46
N LEU A 146 -27.78 -12.11 6.72
CA LEU A 146 -29.17 -12.50 6.87
C LEU A 146 -29.38 -13.03 8.29
N ALA A 147 -28.43 -13.83 8.77
CA ALA A 147 -28.50 -14.39 10.11
C ALA A 147 -28.59 -13.26 11.13
N ALA A 148 -27.74 -12.25 10.95
CA ALA A 148 -27.71 -11.11 11.87
C ALA A 148 -29.06 -10.41 11.87
N ARG A 149 -29.63 -10.21 10.67
CA ARG A 149 -30.88 -9.48 10.53
C ARG A 149 -32.01 -10.28 11.19
N ALA A 150 -31.86 -11.61 11.25
CA ALA A 150 -32.91 -12.48 11.77
C ALA A 150 -32.79 -12.63 13.28
N GLY A 151 -31.73 -12.08 13.87
CA GLY A 151 -31.65 -11.92 15.31
C GLY A 151 -30.62 -12.85 15.94
N ALA A 152 -29.73 -13.42 15.12
CA ALA A 152 -28.71 -14.33 15.60
C ALA A 152 -27.86 -13.65 16.69
N SER A 153 -27.49 -14.42 17.70
CA SER A 153 -26.52 -13.98 18.69
C SER A 153 -25.11 -14.30 18.23
N TYR A 154 -24.98 -15.40 17.46
CA TYR A 154 -23.69 -15.83 16.93
C TYR A 154 -23.85 -16.23 15.47
N VAL A 155 -22.78 -16.04 14.69
CA VAL A 155 -22.66 -16.67 13.39
C VAL A 155 -21.38 -17.49 13.34
N SER A 156 -21.44 -18.64 12.66
CA SER A 156 -20.36 -19.62 12.70
C SER A 156 -19.92 -19.98 11.29
N PRO A 157 -19.06 -19.15 10.64
CA PRO A 157 -18.39 -19.53 9.40
C PRO A 157 -17.45 -20.72 9.58
N PHE A 158 -17.38 -21.57 8.55
CA PHE A 158 -16.57 -22.78 8.58
C PHE A 158 -15.32 -22.57 7.74
N LEU A 159 -14.19 -22.33 8.39
CA LEU A 159 -12.95 -22.00 7.70
C LEU A 159 -12.43 -23.21 6.93
N GLY A 160 -12.35 -24.35 7.62
CA GLY A 160 -11.64 -25.52 7.10
C GLY A 160 -12.33 -26.10 5.86
N ARG A 161 -13.66 -26.10 5.88
CA ARG A 161 -14.44 -26.70 4.81
C ARG A 161 -14.30 -25.86 3.55
N VAL A 162 -13.96 -24.58 3.71
CA VAL A 162 -13.72 -23.71 2.58
C VAL A 162 -12.33 -23.98 2.04
N ASP A 163 -11.34 -24.11 2.94
CA ASP A 163 -10.01 -24.54 2.55
C ASP A 163 -10.11 -25.83 1.74
N ASP A 164 -11.06 -26.69 2.13
CA ASP A 164 -11.17 -28.02 1.54
C ASP A 164 -11.48 -27.91 0.04
N ILE A 165 -12.14 -26.82 -0.37
CA ILE A 165 -12.51 -26.66 -1.77
C ILE A 165 -11.62 -25.62 -2.42
N SER A 166 -10.43 -25.41 -1.83
CA SER A 166 -9.34 -24.67 -2.44
C SER A 166 -9.68 -23.18 -2.53
N TRP A 167 -10.56 -22.72 -1.64
CA TRP A 167 -10.76 -21.30 -1.40
C TRP A 167 -10.19 -20.94 -0.02
N ASP A 168 -9.94 -19.65 0.20
CA ASP A 168 -9.31 -19.21 1.44
C ASP A 168 -10.38 -18.98 2.51
N GLY A 169 -10.47 -19.92 3.45
CA GLY A 169 -11.44 -19.85 4.53
C GLY A 169 -11.21 -18.59 5.38
N GLY A 170 -9.95 -18.17 5.47
CA GLY A 170 -9.59 -16.98 6.22
C GLY A 170 -10.24 -15.72 5.63
N GLU A 171 -10.42 -15.74 4.30
CA GLU A 171 -10.99 -14.61 3.59
C GLU A 171 -12.48 -14.53 3.87
N LEU A 172 -13.12 -15.69 4.05
CA LEU A 172 -14.51 -15.74 4.50
C LEU A 172 -14.62 -15.07 5.86
N LEU A 173 -13.72 -15.43 6.78
CA LEU A 173 -13.78 -14.93 8.15
C LEU A 173 -13.56 -13.42 8.12
N ARG A 174 -12.61 -12.97 7.29
CA ARG A 174 -12.27 -11.56 7.21
C ARG A 174 -13.49 -10.76 6.77
N GLU A 175 -14.18 -11.23 5.72
CA GLU A 175 -15.30 -10.50 5.18
C GLU A 175 -16.39 -10.38 6.25
N ILE A 176 -16.65 -11.46 6.98
CA ILE A 176 -17.72 -11.48 7.95
C ILE A 176 -17.36 -10.55 9.10
N VAL A 177 -16.11 -10.60 9.55
CA VAL A 177 -15.68 -9.81 10.69
C VAL A 177 -15.70 -8.34 10.29
N GLU A 178 -15.18 -8.02 9.11
CA GLU A 178 -15.09 -6.64 8.65
C GLU A 178 -16.50 -6.08 8.46
N MET A 179 -17.40 -6.92 7.97
CA MET A 179 -18.78 -6.50 7.73
C MET A 179 -19.43 -6.14 9.07
N ILE A 180 -19.19 -6.98 10.09
CA ILE A 180 -19.85 -6.83 11.37
C ILE A 180 -19.23 -5.66 12.13
N GLN A 181 -17.93 -5.42 11.90
CA GLN A 181 -17.25 -4.27 12.46
C GLN A 181 -17.82 -2.99 11.83
N VAL A 182 -17.82 -2.93 10.50
CA VAL A 182 -18.18 -1.72 9.78
C VAL A 182 -19.62 -1.35 10.11
N GLN A 183 -20.49 -2.35 10.25
CA GLN A 183 -21.92 -2.13 10.39
C GLN A 183 -22.30 -2.08 11.87
N ASP A 184 -21.35 -2.40 12.74
CA ASP A 184 -21.56 -2.37 14.18
C ASP A 184 -22.74 -3.25 14.54
N LEU A 185 -22.80 -4.45 13.94
CA LEU A 185 -23.83 -5.42 14.24
C LEU A 185 -23.48 -6.14 15.54
N PRO A 186 -24.44 -6.32 16.47
CA PRO A 186 -24.15 -6.84 17.80
C PRO A 186 -23.81 -8.34 17.82
N VAL A 187 -24.00 -9.00 16.68
CA VAL A 187 -23.78 -10.43 16.55
C VAL A 187 -22.30 -10.75 16.79
N LYS A 188 -22.04 -11.90 17.41
CA LYS A 188 -20.67 -12.35 17.65
C LYS A 188 -20.28 -13.38 16.60
N VAL A 189 -19.00 -13.36 16.22
CA VAL A 189 -18.48 -14.21 15.17
C VAL A 189 -17.67 -15.34 15.80
N ILE A 190 -18.13 -16.57 15.57
CA ILE A 190 -17.38 -17.77 15.92
C ILE A 190 -16.63 -18.27 14.69
N ALA A 191 -15.30 -18.27 14.78
CA ALA A 191 -14.47 -18.98 13.81
C ALA A 191 -14.57 -20.48 14.07
N ALA A 192 -15.19 -21.20 13.12
CA ALA A 192 -15.42 -22.62 13.27
C ALA A 192 -14.73 -23.38 12.14
N SER A 193 -14.89 -24.72 12.16
CA SER A 193 -14.19 -25.59 11.24
C SER A 193 -12.70 -25.26 11.25
N ILE A 194 -12.12 -25.27 12.46
CA ILE A 194 -10.72 -24.91 12.65
C ILE A 194 -9.87 -26.17 12.57
N ARG A 195 -8.75 -26.08 11.85
CA ARG A 195 -8.01 -27.26 11.43
C ARG A 195 -6.57 -27.20 11.93
N HIS A 196 -6.07 -26.00 12.22
CA HIS A 196 -4.67 -25.82 12.57
C HIS A 196 -4.48 -24.56 13.41
N PRO A 197 -3.34 -24.44 14.13
CA PRO A 197 -3.09 -23.31 15.02
C PRO A 197 -3.22 -21.93 14.38
N ARG A 198 -2.92 -21.83 13.07
CA ARG A 198 -2.82 -20.52 12.45
C ARG A 198 -4.22 -20.00 12.11
N HIS A 199 -5.20 -20.91 12.04
CA HIS A 199 -6.60 -20.51 11.98
C HIS A 199 -6.95 -19.68 13.22
N VAL A 200 -6.45 -20.14 14.37
CA VAL A 200 -6.75 -19.50 15.64
C VAL A 200 -6.12 -18.11 15.66
N THR A 201 -4.85 -18.03 15.26
CA THR A 201 -4.14 -16.76 15.27
C THR A 201 -4.83 -15.79 14.33
N GLU A 202 -5.18 -16.27 13.13
CA GLU A 202 -5.81 -15.45 12.12
C GLU A 202 -7.09 -14.85 12.68
N ALA A 203 -7.92 -15.70 13.30
CA ALA A 203 -9.17 -15.28 13.89
C ALA A 203 -8.92 -14.20 14.94
N ALA A 204 -7.90 -14.41 15.76
CA ALA A 204 -7.57 -13.49 16.84
C ALA A 204 -7.17 -12.13 16.25
N LEU A 205 -6.36 -12.17 15.19
CA LEU A 205 -5.79 -10.95 14.63
C LEU A 205 -6.89 -10.15 13.92
N LEU A 206 -7.89 -10.86 13.38
CA LEU A 206 -8.93 -10.23 12.58
C LEU A 206 -9.95 -9.57 13.51
N GLY A 207 -10.10 -10.11 14.72
CA GLY A 207 -11.03 -9.57 15.70
C GLY A 207 -12.31 -10.40 15.78
N ALA A 208 -12.22 -11.69 15.44
CA ALA A 208 -13.28 -12.64 15.76
C ALA A 208 -13.49 -12.70 17.27
N ASP A 209 -14.70 -13.10 17.68
CA ASP A 209 -15.11 -13.04 19.07
C ASP A 209 -14.78 -14.36 19.75
N ILE A 210 -14.93 -15.46 19.01
CA ILE A 210 -14.72 -16.80 19.54
C ILE A 210 -14.01 -17.63 18.47
N ALA A 211 -13.07 -18.49 18.90
CA ALA A 211 -12.58 -19.57 18.07
C ALA A 211 -12.90 -20.90 18.74
N THR A 212 -13.63 -21.76 18.02
CA THR A 212 -13.98 -23.08 18.50
C THR A 212 -13.25 -24.12 17.66
N MET A 213 -12.57 -25.05 18.34
CA MET A 213 -11.59 -25.89 17.68
C MET A 213 -11.61 -27.29 18.28
N PRO A 214 -11.20 -28.31 17.50
CA PRO A 214 -11.03 -29.67 18.03
C PRO A 214 -9.99 -29.73 19.14
N HIS A 215 -10.13 -30.72 20.01
CA HIS A 215 -9.22 -30.93 21.12
C HIS A 215 -7.78 -30.98 20.60
N ALA A 216 -7.58 -31.65 19.46
CA ALA A 216 -6.25 -31.90 18.95
C ALA A 216 -5.55 -30.58 18.64
N VAL A 217 -6.30 -29.60 18.12
CA VAL A 217 -5.73 -28.31 17.77
C VAL A 217 -5.50 -27.51 19.05
N PHE A 218 -6.44 -27.60 19.99
CA PHE A 218 -6.30 -26.92 21.27
C PHE A 218 -4.99 -27.35 21.92
N LYS A 219 -4.68 -28.64 21.83
CA LYS A 219 -3.51 -29.21 22.50
C LYS A 219 -2.23 -28.74 21.82
N GLN A 220 -2.33 -28.29 20.55
CA GLN A 220 -1.16 -27.91 19.78
C GLN A 220 -0.71 -26.50 20.17
N LEU A 221 -1.68 -25.69 20.63
CA LEU A 221 -1.50 -24.25 20.66
C LEU A 221 -0.28 -23.89 21.50
N LEU A 222 -0.02 -24.67 22.55
CA LEU A 222 1.00 -24.31 23.53
C LEU A 222 2.38 -24.69 23.02
N LYS A 223 2.43 -25.61 22.05
CA LYS A 223 3.65 -26.32 21.74
C LYS A 223 4.51 -25.43 20.85
N HIS A 224 5.58 -24.89 21.43
CA HIS A 224 6.68 -24.30 20.68
C HIS A 224 7.98 -24.80 21.28
N PRO A 225 8.92 -25.30 20.45
CA PRO A 225 10.10 -26.00 20.97
C PRO A 225 10.99 -25.11 21.85
N LEU A 226 10.96 -23.80 21.61
CA LEU A 226 11.86 -22.89 22.31
C LEU A 226 11.42 -22.75 23.77
N THR A 227 10.15 -23.05 24.05
CA THR A 227 9.66 -22.98 25.42
C THR A 227 10.34 -24.05 26.26
N ASP A 228 10.32 -25.30 25.80
CA ASP A 228 10.85 -26.40 26.58
C ASP A 228 12.38 -26.34 26.61
N ILE A 229 12.98 -25.88 25.51
CA ILE A 229 14.42 -25.72 25.44
C ILE A 229 14.84 -24.68 26.48
N GLY A 230 14.13 -23.56 26.51
CA GLY A 230 14.44 -22.46 27.43
C GLY A 230 14.26 -22.89 28.88
N LEU A 231 13.20 -23.65 29.14
CA LEU A 231 12.86 -24.08 30.48
C LEU A 231 13.97 -25.00 30.99
N LYS A 232 14.40 -25.94 30.14
CA LYS A 232 15.39 -26.94 30.51
C LYS A 232 16.70 -26.23 30.90
N ARG A 233 17.08 -25.22 30.12
CA ARG A 233 18.32 -24.50 30.35
C ARG A 233 18.21 -23.70 31.66
N PHE A 234 17.04 -23.09 31.88
CA PHE A 234 16.80 -22.32 33.09
C PHE A 234 17.13 -23.20 34.31
N LEU A 235 16.64 -24.44 34.28
CA LEU A 235 16.66 -25.28 35.46
C LEU A 235 18.05 -25.90 35.61
N GLU A 236 18.75 -26.11 34.50
CA GLU A 236 20.14 -26.53 34.53
C GLU A 236 20.98 -25.46 35.23
N ASP A 237 20.79 -24.20 34.83
CA ASP A 237 21.59 -23.10 35.36
C ASP A 237 21.29 -22.91 36.84
N TRP A 238 20.00 -23.06 37.19
CA TRP A 238 19.54 -22.92 38.56
C TRP A 238 20.27 -23.92 39.46
N GLU A 239 20.29 -25.19 39.03
CA GLU A 239 20.77 -26.28 39.87
C GLU A 239 22.25 -26.06 40.18
N LYS A 240 22.98 -25.44 39.26
CA LYS A 240 24.43 -25.42 39.31
C LYS A 240 24.90 -24.60 40.50
N VAL A 241 24.09 -23.64 40.96
CA VAL A 241 24.53 -22.65 41.93
C VAL A 241 23.94 -22.98 43.30
N LYS A 242 23.03 -23.96 43.33
CA LYS A 242 22.51 -24.47 44.58
C LYS A 242 23.59 -25.29 45.28
N PRO A 243 23.61 -25.34 46.63
CA PRO A 243 24.58 -26.16 47.34
C PRO A 243 24.21 -27.63 47.35
N SER B 19 -23.80 1.42 10.91
CA SER B 19 -25.06 1.83 10.25
C SER B 19 -26.09 0.70 10.32
N HIS B 20 -25.70 -0.42 10.91
CA HIS B 20 -26.54 -1.62 10.95
C HIS B 20 -27.31 -1.76 9.64
N MET B 21 -26.65 -2.31 8.61
CA MET B 21 -27.24 -2.32 7.29
C MET B 21 -28.53 -3.14 7.28
N GLU B 22 -29.55 -2.59 6.63
CA GLU B 22 -30.86 -3.21 6.55
C GLU B 22 -31.07 -3.72 5.12
N LEU B 23 -31.93 -4.73 4.98
CA LEU B 23 -32.25 -5.30 3.69
C LEU B 23 -33.66 -4.89 3.27
N TYR B 24 -33.77 -4.40 2.03
CA TYR B 24 -35.04 -3.95 1.48
C TYR B 24 -35.34 -4.78 0.23
N LEU B 25 -36.62 -4.84 -0.14
CA LEU B 25 -37.03 -5.38 -1.43
C LEU B 25 -37.32 -4.23 -2.40
N ASP B 26 -36.76 -4.34 -3.61
CA ASP B 26 -36.99 -3.39 -4.68
C ASP B 26 -38.02 -3.98 -5.64
N THR B 27 -39.29 -3.90 -5.23
CA THR B 27 -40.38 -4.52 -5.97
C THR B 27 -41.70 -3.87 -5.56
N ALA B 28 -42.73 -4.11 -6.37
CA ALA B 28 -44.09 -3.71 -6.02
C ALA B 28 -44.98 -4.94 -5.84
N SER B 29 -44.36 -6.13 -5.90
CA SER B 29 -45.10 -7.39 -5.81
C SER B 29 -45.36 -7.74 -4.35
N LEU B 30 -46.64 -7.83 -3.97
CA LEU B 30 -47.02 -8.12 -2.60
C LEU B 30 -46.62 -9.55 -2.26
N GLU B 31 -46.68 -10.44 -3.25
CA GLU B 31 -46.41 -11.85 -3.02
C GLU B 31 -44.91 -12.03 -2.73
N GLU B 32 -44.07 -11.33 -3.50
CA GLU B 32 -42.63 -11.34 -3.26
C GLU B 32 -42.36 -10.80 -1.86
N ILE B 33 -43.00 -9.68 -1.52
CA ILE B 33 -42.76 -9.00 -0.26
C ILE B 33 -43.17 -9.90 0.89
N ARG B 34 -44.29 -10.60 0.74
CA ARG B 34 -44.83 -11.44 1.80
C ARG B 34 -43.83 -12.56 2.12
N GLU B 35 -43.22 -13.12 1.08
CA GLU B 35 -42.37 -14.29 1.26
C GLU B 35 -41.19 -13.92 2.15
N ILE B 36 -40.57 -12.76 1.87
CA ILE B 36 -39.31 -12.40 2.51
C ILE B 36 -39.60 -11.85 3.90
N ALA B 37 -40.72 -11.13 4.04
CA ALA B 37 -41.14 -10.62 5.33
C ALA B 37 -41.09 -11.74 6.36
N ALA B 38 -41.47 -12.95 5.93
CA ALA B 38 -41.68 -14.06 6.84
C ALA B 38 -40.34 -14.63 7.31
N TRP B 39 -39.25 -14.26 6.61
CA TRP B 39 -37.90 -14.66 7.00
C TRP B 39 -37.46 -13.90 8.25
N GLY B 40 -38.06 -12.72 8.47
CA GLY B 40 -37.71 -11.88 9.59
C GLY B 40 -36.51 -10.97 9.29
N VAL B 41 -36.21 -10.77 8.00
CA VAL B 41 -35.00 -10.05 7.62
C VAL B 41 -35.35 -8.84 6.75
N LEU B 42 -36.65 -8.54 6.59
CA LEU B 42 -37.07 -7.50 5.67
C LEU B 42 -37.39 -6.22 6.44
N SER B 43 -36.70 -5.13 6.10
CA SER B 43 -36.76 -3.89 6.86
C SER B 43 -37.62 -2.84 6.14
N GLY B 44 -37.83 -3.02 4.82
CA GLY B 44 -38.51 -2.00 4.04
C GLY B 44 -38.61 -2.38 2.56
N VAL B 45 -39.27 -1.51 1.78
CA VAL B 45 -39.50 -1.73 0.37
C VAL B 45 -39.26 -0.41 -0.38
N THR B 46 -38.63 -0.49 -1.56
CA THR B 46 -38.63 0.62 -2.49
C THR B 46 -39.43 0.23 -3.74
N THR B 47 -40.30 1.14 -4.17
CA THR B 47 -40.92 1.05 -5.49
C THR B 47 -40.38 2.18 -6.37
N ASN B 48 -40.60 2.03 -7.69
CA ASN B 48 -40.44 3.12 -8.62
C ASN B 48 -41.54 2.99 -9.68
N PRO B 49 -41.77 4.03 -10.51
CA PRO B 49 -42.89 4.03 -11.44
C PRO B 49 -42.95 2.80 -12.34
N THR B 50 -41.78 2.33 -12.78
CA THR B 50 -41.70 1.13 -13.62
C THR B 50 -42.22 -0.07 -12.84
N LEU B 51 -41.72 -0.26 -11.61
CA LEU B 51 -42.02 -1.44 -10.83
C LEU B 51 -43.52 -1.48 -10.53
N VAL B 52 -44.11 -0.31 -10.26
CA VAL B 52 -45.52 -0.22 -9.92
C VAL B 52 -46.34 -0.49 -11.18
N ALA B 53 -45.92 0.12 -12.29
CA ALA B 53 -46.52 -0.15 -13.59
C ALA B 53 -46.60 -1.65 -13.83
N LYS B 54 -45.46 -2.33 -13.64
CA LYS B 54 -45.32 -3.73 -14.00
C LYS B 54 -46.29 -4.56 -13.17
N ALA B 55 -46.36 -4.27 -11.86
CA ALA B 55 -47.20 -5.01 -10.95
C ALA B 55 -48.66 -4.88 -11.38
N PHE B 56 -49.04 -3.68 -11.84
CA PHE B 56 -50.44 -3.38 -12.13
C PHE B 56 -50.84 -4.07 -13.43
N ALA B 57 -49.91 -4.11 -14.40
CA ALA B 57 -50.17 -4.72 -15.69
C ALA B 57 -50.20 -6.24 -15.55
N ALA B 58 -49.42 -6.76 -14.58
CA ALA B 58 -49.40 -8.19 -14.32
C ALA B 58 -50.74 -8.64 -13.72
N LYS B 59 -51.29 -7.82 -12.82
CA LYS B 59 -52.55 -8.12 -12.16
C LYS B 59 -53.71 -7.79 -13.09
N GLY B 60 -53.41 -7.06 -14.17
CA GLY B 60 -54.44 -6.55 -15.08
C GLY B 60 -55.37 -5.58 -14.37
N GLU B 61 -54.81 -4.72 -13.51
CA GLU B 61 -55.60 -3.83 -12.67
C GLU B 61 -55.35 -2.39 -13.11
N ALA B 62 -56.37 -1.53 -12.93
CA ALA B 62 -56.32 -0.16 -13.39
C ALA B 62 -55.55 0.71 -12.40
N LEU B 63 -54.43 1.28 -12.86
CA LEU B 63 -53.63 2.18 -12.05
C LEU B 63 -54.39 3.49 -11.85
N THR B 64 -55.26 3.52 -10.84
CA THR B 64 -55.94 4.74 -10.44
C THR B 64 -55.26 5.30 -9.17
N GLU B 65 -55.74 6.45 -8.71
CA GLU B 65 -55.17 7.08 -7.53
C GLU B 65 -55.54 6.29 -6.28
N GLU B 66 -56.81 5.84 -6.21
CA GLU B 66 -57.27 5.09 -5.05
C GLU B 66 -56.60 3.71 -5.04
N ALA B 67 -56.34 3.17 -6.23
CA ALA B 67 -55.77 1.84 -6.35
C ALA B 67 -54.30 1.86 -5.96
N PHE B 68 -53.59 2.92 -6.37
CA PHE B 68 -52.19 3.09 -6.03
C PHE B 68 -52.05 3.22 -4.52
N ALA B 69 -52.93 4.03 -3.92
CA ALA B 69 -52.89 4.29 -2.48
C ALA B 69 -53.12 2.99 -1.72
N ALA B 70 -54.09 2.21 -2.20
CA ALA B 70 -54.47 0.96 -1.55
C ALA B 70 -53.30 -0.02 -1.61
N HIS B 71 -52.63 -0.08 -2.76
CA HIS B 71 -51.52 -1.00 -2.96
C HIS B 71 -50.38 -0.63 -2.03
N LEU B 72 -50.06 0.67 -1.97
CA LEU B 72 -48.97 1.16 -1.14
C LEU B 72 -49.27 0.86 0.32
N ARG B 73 -50.51 1.15 0.75
CA ARG B 73 -50.90 0.94 2.14
C ARG B 73 -50.73 -0.54 2.48
N ALA B 74 -51.13 -1.41 1.55
CA ALA B 74 -50.97 -2.84 1.72
C ALA B 74 -49.50 -3.17 1.97
N ILE B 75 -48.61 -2.61 1.14
CA ILE B 75 -47.19 -2.88 1.27
C ILE B 75 -46.73 -2.42 2.66
N CYS B 76 -47.20 -1.24 3.09
CA CYS B 76 -46.80 -0.67 4.36
C CYS B 76 -47.16 -1.65 5.49
N GLU B 77 -48.36 -2.23 5.40
CA GLU B 77 -48.88 -3.07 6.46
C GLU B 77 -48.12 -4.40 6.47
N THR B 78 -47.71 -4.86 5.29
CA THR B 78 -47.05 -6.15 5.16
C THR B 78 -45.65 -6.06 5.75
N VAL B 79 -44.91 -5.01 5.39
CA VAL B 79 -43.48 -4.95 5.67
C VAL B 79 -43.28 -4.39 7.08
N GLY B 80 -44.11 -3.43 7.47
CA GLY B 80 -44.01 -2.80 8.78
C GLY B 80 -42.71 -2.03 8.92
N GLY B 81 -42.21 -1.50 7.80
CA GLY B 81 -41.16 -0.50 7.82
C GLY B 81 -41.31 0.49 6.67
N PRO B 82 -40.28 1.33 6.41
CA PRO B 82 -40.36 2.34 5.35
C PRO B 82 -40.67 1.77 3.97
N VAL B 83 -41.52 2.48 3.24
CA VAL B 83 -41.85 2.14 1.87
C VAL B 83 -41.71 3.39 0.99
N SER B 84 -40.85 3.30 -0.02
CA SER B 84 -40.60 4.42 -0.91
C SER B 84 -41.62 4.43 -2.06
N ALA B 85 -42.23 5.59 -2.29
CA ALA B 85 -43.13 5.81 -3.42
C ALA B 85 -42.71 7.07 -4.18
N GLU B 86 -42.58 6.95 -5.51
CA GLU B 86 -41.99 8.00 -6.32
C GLU B 86 -43.08 8.88 -6.92
N VAL B 87 -42.85 10.21 -6.89
CA VAL B 87 -43.67 11.17 -7.60
C VAL B 87 -43.43 11.03 -9.10
N THR B 88 -44.39 11.52 -9.90
CA THR B 88 -44.24 11.51 -11.35
C THR B 88 -44.30 12.93 -11.90
N ALA B 89 -44.70 13.90 -11.05
CA ALA B 89 -44.76 15.30 -11.47
C ALA B 89 -43.35 15.81 -11.78
N LEU B 90 -43.28 16.82 -12.66
CA LEU B 90 -42.00 17.19 -13.26
C LEU B 90 -41.48 18.48 -12.66
N GLU B 91 -42.36 19.28 -12.05
CA GLU B 91 -41.95 20.57 -11.49
C GLU B 91 -42.29 20.62 -10.01
N ALA B 92 -41.58 21.50 -9.28
CA ALA B 92 -41.40 21.37 -7.84
C ALA B 92 -42.73 21.46 -7.12
N GLU B 93 -43.58 22.43 -7.52
CA GLU B 93 -44.81 22.71 -6.80
C GLU B 93 -45.69 21.46 -6.80
N ALA B 94 -45.82 20.83 -7.98
CA ALA B 94 -46.64 19.65 -8.14
C ALA B 94 -45.99 18.45 -7.44
N MET B 95 -44.65 18.43 -7.41
CA MET B 95 -43.91 17.38 -6.75
C MET B 95 -44.22 17.39 -5.25
N VAL B 96 -44.34 18.61 -4.71
CA VAL B 96 -44.59 18.78 -3.29
C VAL B 96 -46.02 18.35 -2.99
N ALA B 97 -46.95 18.76 -3.85
CA ALA B 97 -48.35 18.40 -3.72
C ALA B 97 -48.50 16.88 -3.73
N GLU B 98 -47.80 16.23 -4.67
CA GLU B 98 -47.90 14.79 -4.84
C GLU B 98 -47.24 14.09 -3.65
N GLY B 99 -46.11 14.64 -3.20
CA GLY B 99 -45.39 14.11 -2.06
C GLY B 99 -46.27 14.06 -0.82
N ARG B 100 -47.02 15.14 -0.57
CA ARG B 100 -47.88 15.22 0.61
C ARG B 100 -48.98 14.16 0.52
N ARG B 101 -49.50 13.97 -0.69
CA ARG B 101 -50.57 12.98 -0.89
C ARG B 101 -50.01 11.59 -0.60
N LEU B 102 -48.81 11.30 -1.12
CA LEU B 102 -48.16 10.01 -0.89
C LEU B 102 -47.96 9.83 0.62
N ALA B 103 -47.40 10.87 1.26
CA ALA B 103 -47.01 10.78 2.66
C ALA B 103 -48.22 10.46 3.52
N ALA B 104 -49.41 10.91 3.07
CA ALA B 104 -50.60 10.86 3.89
C ALA B 104 -51.26 9.48 3.78
N ILE B 105 -50.73 8.62 2.90
CA ILE B 105 -51.27 7.28 2.73
C ILE B 105 -51.05 6.48 4.01
N HIS B 106 -49.83 6.57 4.54
CA HIS B 106 -49.40 5.78 5.69
C HIS B 106 -48.12 6.40 6.23
N PRO B 107 -47.95 6.48 7.57
CA PRO B 107 -46.76 7.09 8.16
C PRO B 107 -45.43 6.53 7.64
N ASN B 108 -45.45 5.29 7.15
CA ASN B 108 -44.21 4.61 6.77
C ASN B 108 -43.76 5.06 5.38
N ILE B 109 -44.60 5.83 4.69
CA ILE B 109 -44.31 6.19 3.30
C ILE B 109 -43.15 7.18 3.27
N VAL B 110 -42.14 6.85 2.46
CA VAL B 110 -41.07 7.76 2.13
C VAL B 110 -41.26 8.23 0.69
N VAL B 111 -41.10 9.55 0.46
CA VAL B 111 -41.34 10.12 -0.85
C VAL B 111 -40.04 10.09 -1.65
N LYS B 112 -40.09 9.41 -2.80
CA LYS B 112 -38.98 9.41 -3.75
C LYS B 112 -39.12 10.58 -4.72
N LEU B 113 -38.06 11.39 -4.83
CA LEU B 113 -37.98 12.43 -5.84
C LEU B 113 -36.77 12.16 -6.73
N PRO B 114 -36.83 12.54 -8.03
CA PRO B 114 -35.66 12.47 -8.90
C PRO B 114 -34.67 13.58 -8.58
N THR B 115 -33.37 13.26 -8.64
CA THR B 115 -32.36 14.22 -8.27
C THR B 115 -32.13 15.16 -9.46
N THR B 116 -33.04 16.15 -9.56
CA THR B 116 -32.99 17.20 -10.57
C THR B 116 -33.15 18.54 -9.85
N GLU B 117 -33.06 19.64 -10.60
CA GLU B 117 -33.21 20.97 -10.02
C GLU B 117 -34.55 21.03 -9.28
N GLU B 118 -35.61 20.57 -9.93
CA GLU B 118 -36.95 20.67 -9.38
C GLU B 118 -37.06 19.73 -8.18
N GLY B 119 -36.39 18.57 -8.27
CA GLY B 119 -36.37 17.60 -7.19
C GLY B 119 -35.73 18.17 -5.91
N LEU B 120 -34.66 18.94 -6.08
CA LEU B 120 -33.98 19.57 -4.95
C LEU B 120 -34.95 20.53 -4.26
N LYS B 121 -35.66 21.31 -5.07
CA LYS B 121 -36.58 22.32 -4.55
C LYS B 121 -37.67 21.64 -3.73
N ALA B 122 -38.23 20.55 -4.27
CA ALA B 122 -39.30 19.84 -3.61
C ALA B 122 -38.76 19.15 -2.35
N CYS B 123 -37.53 18.62 -2.45
CA CYS B 123 -36.89 17.95 -1.32
C CYS B 123 -36.79 18.92 -0.14
N LYS B 124 -36.34 20.14 -0.42
CA LYS B 124 -36.14 21.14 0.62
C LYS B 124 -37.45 21.38 1.37
N ARG B 125 -38.55 21.54 0.62
CA ARG B 125 -39.83 21.91 1.20
C ARG B 125 -40.42 20.72 1.96
N LEU B 126 -40.45 19.55 1.32
CA LEU B 126 -41.04 18.37 1.93
C LEU B 126 -40.30 18.02 3.21
N SER B 127 -38.96 18.09 3.16
CA SER B 127 -38.13 17.68 4.29
C SER B 127 -38.30 18.69 5.42
N ALA B 128 -38.46 19.97 5.08
CA ALA B 128 -38.67 21.02 6.07
C ALA B 128 -39.96 20.77 6.84
N GLU B 129 -40.91 20.07 6.19
CA GLU B 129 -42.23 19.83 6.75
C GLU B 129 -42.25 18.55 7.57
N GLY B 130 -41.14 17.78 7.52
CA GLY B 130 -41.00 16.60 8.35
C GLY B 130 -41.29 15.31 7.59
N ILE B 131 -41.47 15.43 6.27
CA ILE B 131 -41.64 14.27 5.40
C ILE B 131 -40.26 13.74 5.00
N LYS B 132 -40.10 12.42 5.04
CA LYS B 132 -38.82 11.79 4.71
C LYS B 132 -38.73 11.63 3.20
N VAL B 133 -37.61 12.10 2.65
CA VAL B 133 -37.42 12.15 1.20
C VAL B 133 -36.26 11.24 0.83
N ASN B 134 -36.50 10.42 -0.20
CA ASN B 134 -35.49 9.54 -0.77
C ASN B 134 -35.14 10.07 -2.16
N MET B 135 -33.94 10.64 -2.30
CA MET B 135 -33.53 11.22 -3.56
C MET B 135 -32.90 10.14 -4.42
N THR B 136 -33.45 9.96 -5.64
CA THR B 136 -33.16 8.78 -6.43
C THR B 136 -32.69 9.21 -7.83
N LEU B 137 -32.46 8.22 -8.69
CA LEU B 137 -31.77 8.40 -9.96
C LEU B 137 -30.47 9.18 -9.74
N ILE B 138 -29.65 8.67 -8.81
CA ILE B 138 -28.37 9.27 -8.49
C ILE B 138 -27.27 8.42 -9.11
N PHE B 139 -26.33 9.08 -9.81
CA PHE B 139 -25.29 8.39 -10.56
C PHE B 139 -23.94 9.05 -10.33
N SER B 140 -23.89 10.06 -9.45
CA SER B 140 -22.61 10.64 -9.04
C SER B 140 -22.67 11.04 -7.57
N ALA B 141 -21.49 11.10 -6.95
CA ALA B 141 -21.35 11.57 -5.58
C ALA B 141 -21.85 13.00 -5.44
N ASN B 142 -21.61 13.82 -6.47
CA ASN B 142 -21.99 15.23 -6.42
C ASN B 142 -23.51 15.36 -6.32
N GLN B 143 -24.23 14.49 -7.04
CA GLN B 143 -25.68 14.48 -6.98
C GLN B 143 -26.13 14.15 -5.56
N ALA B 144 -25.48 13.16 -4.94
CA ALA B 144 -25.81 12.74 -3.59
C ALA B 144 -25.54 13.88 -2.61
N LEU B 145 -24.47 14.63 -2.87
CA LEU B 145 -24.08 15.73 -2.00
C LEU B 145 -25.15 16.82 -2.04
N LEU B 146 -25.61 17.17 -3.25
CA LEU B 146 -26.65 18.17 -3.41
C LEU B 146 -27.92 17.72 -2.68
N ALA B 147 -28.28 16.45 -2.88
CA ALA B 147 -29.45 15.88 -2.24
C ALA B 147 -29.35 16.05 -0.72
N ALA B 148 -28.16 15.75 -0.19
CA ALA B 148 -27.92 15.84 1.25
C ALA B 148 -28.14 17.28 1.72
N ARG B 149 -27.62 18.24 0.96
CA ARG B 149 -27.70 19.64 1.35
C ARG B 149 -29.15 20.11 1.30
N ALA B 150 -29.98 19.44 0.50
CA ALA B 150 -31.36 19.84 0.29
C ALA B 150 -32.29 19.17 1.31
N GLY B 151 -31.73 18.30 2.15
CA GLY B 151 -32.43 17.78 3.31
C GLY B 151 -32.93 16.35 3.10
N ALA B 152 -32.37 15.65 2.10
CA ALA B 152 -32.70 14.25 1.86
C ALA B 152 -32.48 13.41 3.11
N SER B 153 -33.38 12.45 3.35
CA SER B 153 -33.18 11.45 4.39
C SER B 153 -32.42 10.26 3.84
N TYR B 154 -32.63 9.98 2.54
CA TYR B 154 -31.95 8.89 1.85
C TYR B 154 -31.45 9.36 0.50
N VAL B 155 -30.33 8.79 0.05
CA VAL B 155 -29.91 8.88 -1.34
C VAL B 155 -29.78 7.46 -1.91
N SER B 156 -30.21 7.30 -3.16
CA SER B 156 -30.25 5.99 -3.79
C SER B 156 -29.41 5.98 -5.07
N PRO B 157 -28.08 5.72 -4.97
CA PRO B 157 -27.28 5.42 -6.15
C PRO B 157 -27.69 4.11 -6.84
N PHE B 158 -27.56 4.08 -8.17
CA PHE B 158 -27.95 2.93 -8.97
C PHE B 158 -26.71 2.20 -9.47
N LEU B 159 -26.34 1.11 -8.80
CA LEU B 159 -25.11 0.39 -9.10
C LEU B 159 -25.22 -0.24 -10.48
N GLY B 160 -26.33 -0.95 -10.73
CA GLY B 160 -26.46 -1.80 -11.89
C GLY B 160 -26.41 -1.00 -13.19
N ARG B 161 -27.10 0.14 -13.20
CA ARG B 161 -27.24 0.94 -14.40
C ARG B 161 -25.90 1.55 -14.79
N VAL B 162 -25.01 1.70 -13.79
CA VAL B 162 -23.65 2.16 -14.04
C VAL B 162 -22.81 1.03 -14.62
N ASP B 163 -22.93 -0.17 -14.04
CA ASP B 163 -22.31 -1.37 -14.61
C ASP B 163 -22.69 -1.47 -16.08
N ASP B 164 -23.95 -1.14 -16.37
CA ASP B 164 -24.54 -1.33 -17.70
C ASP B 164 -23.77 -0.50 -18.74
N ILE B 165 -23.17 0.60 -18.31
CA ILE B 165 -22.45 1.47 -19.25
C ILE B 165 -20.94 1.30 -19.03
N SER B 166 -20.55 0.17 -18.43
CA SER B 166 -19.17 -0.30 -18.42
C SER B 166 -18.34 0.56 -17.47
N TRP B 167 -19.02 1.20 -16.52
CA TRP B 167 -18.38 1.82 -15.38
C TRP B 167 -18.63 1.00 -14.12
N ASP B 168 -17.81 1.21 -13.09
CA ASP B 168 -17.87 0.40 -11.88
C ASP B 168 -18.89 1.00 -10.92
N GLY B 169 -20.06 0.36 -10.84
CA GLY B 169 -21.13 0.80 -9.96
C GLY B 169 -20.67 0.84 -8.50
N GLY B 170 -19.82 -0.11 -8.12
CA GLY B 170 -19.31 -0.18 -6.76
C GLY B 170 -18.54 1.07 -6.38
N GLU B 171 -17.87 1.67 -7.36
CA GLU B 171 -17.04 2.84 -7.15
C GLU B 171 -17.93 4.07 -6.88
N LEU B 172 -19.07 4.14 -7.57
CA LEU B 172 -20.08 5.14 -7.28
C LEU B 172 -20.48 5.02 -5.81
N LEU B 173 -20.79 3.79 -5.37
CA LEU B 173 -21.29 3.59 -4.02
C LEU B 173 -20.19 3.94 -3.02
N ARG B 174 -18.95 3.55 -3.34
CA ARG B 174 -17.82 3.81 -2.48
C ARG B 174 -17.66 5.31 -2.25
N GLU B 175 -17.69 6.09 -3.33
CA GLU B 175 -17.47 7.53 -3.23
C GLU B 175 -18.56 8.15 -2.37
N ILE B 176 -19.80 7.67 -2.53
CA ILE B 176 -20.93 8.27 -1.85
C ILE B 176 -20.85 7.93 -0.36
N VAL B 177 -20.53 6.67 -0.04
CA VAL B 177 -20.45 6.22 1.34
C VAL B 177 -19.29 6.95 2.02
N GLU B 178 -18.13 7.01 1.34
CA GLU B 178 -16.94 7.61 1.90
C GLU B 178 -17.18 9.09 2.19
N MET B 179 -17.85 9.77 1.24
CA MET B 179 -18.14 11.18 1.38
C MET B 179 -19.03 11.41 2.60
N ILE B 180 -20.08 10.58 2.72
CA ILE B 180 -21.03 10.71 3.81
C ILE B 180 -20.33 10.43 5.14
N GLN B 181 -19.40 9.46 5.13
CA GLN B 181 -18.66 9.09 6.32
C GLN B 181 -17.75 10.25 6.74
N VAL B 182 -16.94 10.72 5.79
CA VAL B 182 -15.91 11.71 6.07
C VAL B 182 -16.58 13.01 6.54
N GLN B 183 -17.73 13.34 5.94
CA GLN B 183 -18.40 14.61 6.19
C GLN B 183 -19.41 14.45 7.32
N ASP B 184 -19.61 13.20 7.77
CA ASP B 184 -20.54 12.88 8.83
C ASP B 184 -21.91 13.50 8.55
N LEU B 185 -22.42 13.28 7.33
CA LEU B 185 -23.74 13.77 6.94
C LEU B 185 -24.81 12.79 7.41
N PRO B 186 -25.94 13.29 7.95
CA PRO B 186 -26.96 12.42 8.55
C PRO B 186 -27.73 11.56 7.55
N VAL B 187 -27.57 11.83 6.25
CA VAL B 187 -28.30 11.13 5.20
C VAL B 187 -27.90 9.66 5.18
N LYS B 188 -28.87 8.78 4.90
CA LYS B 188 -28.62 7.36 4.78
C LYS B 188 -28.47 6.97 3.31
N VAL B 189 -27.57 6.01 3.04
CA VAL B 189 -27.27 5.59 1.68
C VAL B 189 -27.99 4.27 1.41
N ILE B 190 -28.80 4.26 0.36
CA ILE B 190 -29.44 3.05 -0.15
C ILE B 190 -28.69 2.60 -1.41
N ALA B 191 -28.09 1.41 -1.35
CA ALA B 191 -27.58 0.76 -2.53
C ALA B 191 -28.74 0.20 -3.35
N ALA B 192 -28.96 0.80 -4.53
CA ALA B 192 -30.09 0.43 -5.36
C ALA B 192 -29.57 -0.06 -6.73
N SER B 193 -30.51 -0.44 -7.60
CA SER B 193 -30.17 -1.08 -8.86
C SER B 193 -29.20 -2.24 -8.61
N ILE B 194 -29.58 -3.14 -7.69
CA ILE B 194 -28.74 -4.28 -7.36
C ILE B 194 -29.09 -5.45 -8.28
N ARG B 195 -28.05 -6.16 -8.73
CA ARG B 195 -28.18 -7.11 -9.83
C ARG B 195 -27.74 -8.50 -9.39
N HIS B 196 -26.84 -8.57 -8.40
CA HIS B 196 -26.22 -9.83 -8.02
C HIS B 196 -25.81 -9.79 -6.55
N PRO B 197 -25.61 -10.97 -5.91
CA PRO B 197 -25.31 -11.05 -4.49
C PRO B 197 -24.12 -10.21 -4.03
N ARG B 198 -23.12 -10.02 -4.91
CA ARG B 198 -21.88 -9.40 -4.49
C ARG B 198 -22.04 -7.89 -4.41
N HIS B 199 -23.09 -7.35 -5.04
CA HIS B 199 -23.46 -5.95 -4.83
C HIS B 199 -23.85 -5.75 -3.37
N VAL B 200 -24.60 -6.72 -2.83
CA VAL B 200 -25.06 -6.66 -1.45
C VAL B 200 -23.86 -6.71 -0.52
N THR B 201 -22.92 -7.62 -0.79
CA THR B 201 -21.76 -7.78 0.07
C THR B 201 -20.92 -6.51 0.03
N GLU B 202 -20.68 -6.00 -1.19
CA GLU B 202 -19.90 -4.79 -1.36
C GLU B 202 -20.53 -3.65 -0.56
N ALA B 203 -21.86 -3.51 -0.66
CA ALA B 203 -22.57 -2.47 0.07
C ALA B 203 -22.37 -2.66 1.57
N ALA B 204 -22.42 -3.91 2.03
CA ALA B 204 -22.30 -4.20 3.45
C ALA B 204 -20.91 -3.84 3.95
N LEU B 205 -19.90 -4.17 3.15
CA LEU B 205 -18.51 -4.00 3.56
C LEU B 205 -18.15 -2.51 3.56
N LEU B 206 -18.73 -1.76 2.62
CA LEU B 206 -18.43 -0.34 2.48
C LEU B 206 -19.02 0.43 3.65
N GLY B 207 -20.20 -0.01 4.12
CA GLY B 207 -20.91 0.66 5.19
C GLY B 207 -22.12 1.44 4.68
N ALA B 208 -22.71 0.96 3.58
CA ALA B 208 -24.03 1.43 3.16
C ALA B 208 -25.05 1.14 4.26
N ASP B 209 -26.12 1.94 4.30
CA ASP B 209 -27.11 1.86 5.36
C ASP B 209 -28.17 0.82 5.00
N ILE B 210 -28.48 0.73 3.70
CA ILE B 210 -29.54 -0.12 3.20
C ILE B 210 -29.10 -0.70 1.86
N ALA B 211 -29.46 -1.97 1.63
CA ALA B 211 -29.45 -2.53 0.28
C ALA B 211 -30.88 -2.90 -0.11
N THR B 212 -31.33 -2.36 -1.25
CA THR B 212 -32.64 -2.70 -1.79
C THR B 212 -32.45 -3.44 -3.10
N MET B 213 -33.10 -4.61 -3.21
CA MET B 213 -32.76 -5.57 -4.25
C MET B 213 -34.02 -6.26 -4.76
N PRO B 214 -34.01 -6.74 -6.01
CA PRO B 214 -35.09 -7.57 -6.54
C PRO B 214 -35.23 -8.89 -5.77
N HIS B 215 -36.44 -9.45 -5.82
CA HIS B 215 -36.77 -10.68 -5.11
C HIS B 215 -35.77 -11.77 -5.50
N ALA B 216 -35.45 -11.87 -6.79
CA ALA B 216 -34.61 -12.95 -7.30
C ALA B 216 -33.25 -12.93 -6.62
N VAL B 217 -32.70 -11.73 -6.41
CA VAL B 217 -31.39 -11.58 -5.80
C VAL B 217 -31.49 -11.96 -4.32
N PHE B 218 -32.56 -11.50 -3.67
CA PHE B 218 -32.79 -11.78 -2.27
C PHE B 218 -32.79 -13.30 -2.06
N LYS B 219 -33.40 -14.02 -3.00
CA LYS B 219 -33.58 -15.45 -2.90
C LYS B 219 -32.23 -16.15 -3.09
N GLN B 220 -31.28 -15.48 -3.76
CA GLN B 220 -29.98 -16.07 -4.04
C GLN B 220 -29.09 -16.01 -2.79
N LEU B 221 -29.33 -15.00 -1.94
CA LEU B 221 -28.37 -14.63 -0.91
C LEU B 221 -28.03 -15.84 -0.05
N LEU B 222 -29.01 -16.70 0.21
CA LEU B 222 -28.85 -17.78 1.17
C LEU B 222 -28.13 -18.96 0.53
N LYS B 223 -28.14 -19.02 -0.80
CA LYS B 223 -27.71 -20.22 -1.49
C LYS B 223 -26.18 -20.29 -1.43
N HIS B 224 -25.69 -21.33 -0.77
CA HIS B 224 -24.32 -21.78 -0.92
C HIS B 224 -24.30 -23.30 -0.80
N PRO B 225 -23.67 -24.02 -1.74
CA PRO B 225 -23.81 -25.47 -1.82
C PRO B 225 -23.31 -26.18 -0.57
N LEU B 226 -22.35 -25.58 0.14
CA LEU B 226 -21.71 -26.25 1.27
C LEU B 226 -22.68 -26.31 2.45
N THR B 227 -23.66 -25.39 2.48
CA THR B 227 -24.65 -25.40 3.54
C THR B 227 -25.49 -26.68 3.45
N ASP B 228 -25.98 -26.99 2.25
CA ASP B 228 -26.90 -28.10 2.06
C ASP B 228 -26.13 -29.42 2.17
N ILE B 229 -24.90 -29.43 1.68
CA ILE B 229 -24.03 -30.60 1.76
C ILE B 229 -23.79 -30.92 3.23
N GLY B 230 -23.52 -29.88 4.03
CA GLY B 230 -23.20 -30.05 5.44
C GLY B 230 -24.41 -30.53 6.24
N LEU B 231 -25.58 -30.00 5.89
CA LEU B 231 -26.82 -30.31 6.58
C LEU B 231 -27.17 -31.78 6.32
N LYS B 232 -27.05 -32.19 5.07
CA LYS B 232 -27.35 -33.56 4.65
C LYS B 232 -26.46 -34.54 5.43
N ARG B 233 -25.17 -34.22 5.54
CA ARG B 233 -24.23 -35.10 6.24
C ARG B 233 -24.59 -35.15 7.72
N PHE B 234 -24.90 -33.98 8.31
CA PHE B 234 -25.26 -33.91 9.72
C PHE B 234 -26.36 -34.94 9.99
N LEU B 235 -27.39 -34.93 9.13
CA LEU B 235 -28.62 -35.67 9.41
C LEU B 235 -28.37 -37.15 9.19
N GLU B 236 -27.53 -37.49 8.21
CA GLU B 236 -27.12 -38.87 7.99
C GLU B 236 -26.46 -39.40 9.25
N ASP B 237 -25.44 -38.68 9.74
CA ASP B 237 -24.63 -39.15 10.85
C ASP B 237 -25.54 -39.34 12.07
N TRP B 238 -26.51 -38.42 12.22
CA TRP B 238 -27.45 -38.43 13.32
C TRP B 238 -28.31 -39.69 13.25
N GLU B 239 -28.82 -40.00 12.06
CA GLU B 239 -29.76 -41.09 11.86
C GLU B 239 -29.07 -42.41 12.20
N LYS B 240 -27.78 -42.52 11.86
CA LYS B 240 -27.04 -43.74 12.08
C LYS B 240 -27.22 -44.20 13.53
N VAL B 241 -27.22 -43.24 14.45
CA VAL B 241 -27.00 -43.54 15.87
C VAL B 241 -28.32 -43.56 16.61
N LYS B 242 -29.38 -42.95 16.03
CA LYS B 242 -30.65 -42.86 16.70
C LYS B 242 -31.25 -44.25 16.86
N PRO B 243 -32.17 -44.46 17.83
CA PRO B 243 -32.36 -45.77 18.42
C PRO B 243 -32.77 -46.84 17.41
N SER C 19 -17.19 17.43 8.88
CA SER C 19 -17.15 18.83 8.36
C SER C 19 -18.55 19.27 7.96
N HIS C 20 -19.42 18.30 7.65
CA HIS C 20 -20.67 18.59 6.96
C HIS C 20 -20.43 19.64 5.87
N MET C 21 -19.83 19.21 4.75
CA MET C 21 -19.35 20.18 3.77
C MET C 21 -20.53 20.97 3.21
N GLU C 22 -20.34 22.29 3.14
CA GLU C 22 -21.33 23.20 2.59
C GLU C 22 -20.91 23.66 1.20
N LEU C 23 -21.90 24.05 0.40
CA LEU C 23 -21.66 24.53 -0.95
C LEU C 23 -21.88 26.04 -1.01
N TYR C 24 -20.89 26.74 -1.58
CA TYR C 24 -20.92 28.18 -1.74
C TYR C 24 -20.86 28.55 -3.22
N LEU C 25 -21.34 29.75 -3.56
CA LEU C 25 -21.12 30.33 -4.87
C LEU C 25 -19.95 31.30 -4.80
N ASP C 26 -19.09 31.22 -5.83
CA ASP C 26 -17.95 32.12 -5.99
C ASP C 26 -18.28 33.10 -7.11
N THR C 27 -19.04 34.15 -6.75
CA THR C 27 -19.58 35.08 -7.72
C THR C 27 -20.08 36.32 -6.97
N ALA C 28 -20.26 37.43 -7.70
CA ALA C 28 -20.97 38.58 -7.18
C ALA C 28 -22.23 38.85 -7.98
N SER C 29 -22.62 37.89 -8.83
CA SER C 29 -23.85 38.01 -9.61
C SER C 29 -25.06 37.66 -8.75
N LEU C 30 -25.92 38.66 -8.51
CA LEU C 30 -27.12 38.46 -7.71
C LEU C 30 -28.05 37.47 -8.41
N GLU C 31 -28.09 37.53 -9.75
CA GLU C 31 -28.95 36.65 -10.52
C GLU C 31 -28.53 35.20 -10.28
N GLU C 32 -27.22 34.94 -10.36
CA GLU C 32 -26.69 33.60 -10.17
C GLU C 32 -27.03 33.11 -8.77
N ILE C 33 -26.88 34.00 -7.78
CA ILE C 33 -27.04 33.63 -6.38
C ILE C 33 -28.51 33.29 -6.11
N ARG C 34 -29.42 34.09 -6.70
CA ARG C 34 -30.84 33.88 -6.50
C ARG C 34 -31.22 32.50 -7.04
N GLU C 35 -30.66 32.12 -8.19
CA GLU C 35 -31.03 30.88 -8.84
C GLU C 35 -30.69 29.70 -7.91
N ILE C 36 -29.45 29.64 -7.42
CA ILE C 36 -28.99 28.48 -6.70
C ILE C 36 -29.57 28.49 -5.30
N ALA C 37 -29.80 29.68 -4.74
CA ALA C 37 -30.43 29.81 -3.43
C ALA C 37 -31.75 29.05 -3.42
N ALA C 38 -32.47 29.10 -4.55
CA ALA C 38 -33.82 28.59 -4.61
C ALA C 38 -33.82 27.06 -4.62
N TRP C 39 -32.66 26.46 -4.90
CA TRP C 39 -32.51 25.02 -4.87
C TRP C 39 -32.51 24.49 -3.44
N GLY C 40 -32.12 25.35 -2.49
CA GLY C 40 -32.12 25.00 -1.08
C GLY C 40 -30.77 24.42 -0.64
N VAL C 41 -29.71 24.63 -1.44
CA VAL C 41 -28.44 23.97 -1.19
C VAL C 41 -27.31 25.00 -1.07
N LEU C 42 -27.65 26.29 -1.05
CA LEU C 42 -26.65 27.34 -1.02
C LEU C 42 -26.42 27.81 0.42
N SER C 43 -25.17 27.69 0.88
CA SER C 43 -24.84 27.95 2.29
C SER C 43 -24.21 29.33 2.44
N GLY C 44 -23.59 29.84 1.36
CA GLY C 44 -22.81 31.07 1.45
C GLY C 44 -22.29 31.52 0.09
N VAL C 45 -21.63 32.69 0.09
CA VAL C 45 -21.05 33.27 -1.11
C VAL C 45 -19.65 33.75 -0.79
N THR C 46 -18.70 33.54 -1.72
CA THR C 46 -17.44 34.26 -1.71
C THR C 46 -17.40 35.23 -2.88
N THR C 47 -16.96 36.47 -2.60
CA THR C 47 -16.59 37.40 -3.65
C THR C 47 -15.10 37.68 -3.57
N ASN C 48 -14.55 38.26 -4.64
CA ASN C 48 -13.22 38.84 -4.62
C ASN C 48 -13.25 40.09 -5.49
N PRO C 49 -12.20 40.93 -5.47
CA PRO C 49 -12.23 42.19 -6.21
C PRO C 49 -12.54 42.04 -7.70
N THR C 50 -12.01 40.97 -8.31
CA THR C 50 -12.24 40.71 -9.73
C THR C 50 -13.73 40.45 -9.96
N LEU C 51 -14.33 39.61 -9.11
CA LEU C 51 -15.70 39.18 -9.29
C LEU C 51 -16.64 40.37 -9.11
N VAL C 52 -16.33 41.24 -8.15
CA VAL C 52 -17.17 42.39 -7.86
C VAL C 52 -17.08 43.38 -9.03
N ALA C 53 -15.86 43.62 -9.49
CA ALA C 53 -15.64 44.50 -10.64
C ALA C 53 -16.47 44.02 -11.82
N LYS C 54 -16.42 42.71 -12.07
CA LYS C 54 -17.09 42.10 -13.22
C LYS C 54 -18.58 42.37 -13.15
N ALA C 55 -19.17 42.20 -11.96
CA ALA C 55 -20.61 42.35 -11.78
C ALA C 55 -21.00 43.81 -12.03
N PHE C 56 -20.14 44.73 -11.58
CA PHE C 56 -20.46 46.15 -11.65
C PHE C 56 -20.35 46.63 -13.10
N ALA C 57 -19.32 46.13 -13.81
CA ALA C 57 -19.13 46.49 -15.21
C ALA C 57 -20.30 45.97 -16.04
N ALA C 58 -20.77 44.76 -15.73
CA ALA C 58 -21.83 44.14 -16.51
C ALA C 58 -23.11 44.96 -16.40
N LYS C 59 -23.35 45.57 -15.24
CA LYS C 59 -24.59 46.27 -14.96
C LYS C 59 -24.44 47.76 -15.28
N GLY C 60 -23.22 48.16 -15.67
CA GLY C 60 -22.96 49.54 -16.05
C GLY C 60 -23.00 50.48 -14.86
N GLU C 61 -22.66 49.96 -13.67
CA GLU C 61 -22.78 50.72 -12.43
C GLU C 61 -21.39 51.15 -11.96
N ALA C 62 -21.33 52.36 -11.39
CA ALA C 62 -20.11 52.87 -10.79
C ALA C 62 -19.84 52.15 -9.47
N LEU C 63 -18.59 51.77 -9.26
CA LEU C 63 -18.17 51.03 -8.08
C LEU C 63 -17.77 52.01 -6.98
N THR C 64 -18.78 52.50 -6.24
CA THR C 64 -18.57 53.42 -5.13
C THR C 64 -18.65 52.64 -3.83
N GLU C 65 -18.26 53.29 -2.72
CA GLU C 65 -18.34 52.67 -1.41
C GLU C 65 -19.78 52.32 -1.09
N GLU C 66 -20.71 53.26 -1.35
CA GLU C 66 -22.09 53.08 -0.95
C GLU C 66 -22.73 51.96 -1.76
N ALA C 67 -22.41 51.90 -3.05
CA ALA C 67 -23.02 50.93 -3.94
C ALA C 67 -22.48 49.53 -3.66
N PHE C 68 -21.17 49.45 -3.40
CA PHE C 68 -20.54 48.19 -3.01
C PHE C 68 -21.24 47.66 -1.76
N ALA C 69 -21.49 48.54 -0.78
CA ALA C 69 -22.09 48.12 0.47
C ALA C 69 -23.51 47.61 0.22
N ALA C 70 -24.29 48.35 -0.57
CA ALA C 70 -25.64 47.97 -0.89
C ALA C 70 -25.66 46.62 -1.60
N HIS C 71 -24.68 46.40 -2.49
CA HIS C 71 -24.60 45.16 -3.23
C HIS C 71 -24.31 44.00 -2.29
N LEU C 72 -23.36 44.21 -1.36
CA LEU C 72 -22.97 43.16 -0.43
C LEU C 72 -24.14 42.84 0.49
N ARG C 73 -24.84 43.88 0.94
CA ARG C 73 -25.98 43.71 1.82
C ARG C 73 -27.05 42.87 1.11
N ALA C 74 -27.23 43.11 -0.18
CA ALA C 74 -28.22 42.39 -0.97
C ALA C 74 -27.85 40.92 -1.07
N ILE C 75 -26.56 40.64 -1.30
CA ILE C 75 -26.08 39.28 -1.34
C ILE C 75 -26.37 38.60 0.00
N CYS C 76 -26.07 39.31 1.10
CA CYS C 76 -26.25 38.76 2.43
C CYS C 76 -27.71 38.35 2.62
N GLU C 77 -28.62 39.22 2.18
CA GLU C 77 -30.05 39.01 2.40
C GLU C 77 -30.54 37.84 1.55
N THR C 78 -29.93 37.66 0.38
CA THR C 78 -30.40 36.66 -0.57
C THR C 78 -29.99 35.26 -0.10
N VAL C 79 -28.74 35.11 0.35
CA VAL C 79 -28.18 33.80 0.58
C VAL C 79 -28.46 33.38 2.03
N GLY C 80 -28.60 34.37 2.92
CA GLY C 80 -28.90 34.10 4.32
C GLY C 80 -27.81 33.25 4.98
N GLY C 81 -26.57 33.43 4.51
CA GLY C 81 -25.42 32.78 5.10
C GLY C 81 -24.17 33.66 4.96
N PRO C 82 -22.98 33.16 5.35
CA PRO C 82 -21.75 33.95 5.26
C PRO C 82 -21.43 34.43 3.86
N VAL C 83 -20.92 35.66 3.77
CA VAL C 83 -20.54 36.28 2.52
C VAL C 83 -19.17 36.91 2.71
N SER C 84 -18.19 36.45 1.91
CA SER C 84 -16.83 36.96 1.98
C SER C 84 -16.70 38.21 1.13
N ALA C 85 -16.13 39.26 1.72
CA ALA C 85 -15.79 40.49 1.02
C ALA C 85 -14.33 40.83 1.28
N GLU C 86 -13.57 41.07 0.20
CA GLU C 86 -12.12 41.18 0.30
C GLU C 86 -11.72 42.66 0.38
N VAL C 87 -10.76 42.95 1.26
CA VAL C 87 -10.18 44.28 1.33
C VAL C 87 -9.30 44.50 0.11
N THR C 88 -9.06 45.78 -0.23
CA THR C 88 -8.14 46.11 -1.30
C THR C 88 -6.83 46.63 -0.71
N ALA C 89 -6.86 47.04 0.56
CA ALA C 89 -5.68 47.57 1.23
C ALA C 89 -4.58 46.52 1.29
N LEU C 90 -3.32 46.98 1.26
CA LEU C 90 -2.15 46.11 1.24
C LEU C 90 -1.40 46.19 2.57
N GLU C 91 -1.69 47.24 3.35
CA GLU C 91 -0.99 47.49 4.60
C GLU C 91 -1.93 47.24 5.78
N ALA C 92 -1.39 46.69 6.88
CA ALA C 92 -2.21 46.11 7.93
C ALA C 92 -3.15 47.16 8.52
N GLU C 93 -2.62 48.37 8.76
CA GLU C 93 -3.38 49.39 9.46
C GLU C 93 -4.60 49.76 8.62
N ALA C 94 -4.39 49.89 7.31
CA ALA C 94 -5.48 50.21 6.40
C ALA C 94 -6.42 49.01 6.26
N MET C 95 -5.86 47.79 6.27
CA MET C 95 -6.66 46.58 6.16
C MET C 95 -7.66 46.50 7.31
N VAL C 96 -7.19 46.84 8.51
CA VAL C 96 -8.01 46.70 9.71
C VAL C 96 -9.17 47.69 9.63
N ALA C 97 -8.86 48.93 9.23
CA ALA C 97 -9.88 49.96 9.09
C ALA C 97 -10.92 49.52 8.06
N GLU C 98 -10.43 49.00 6.93
CA GLU C 98 -11.28 48.58 5.83
C GLU C 98 -12.12 47.38 6.27
N GLY C 99 -11.46 46.44 6.96
CA GLY C 99 -12.12 45.22 7.43
C GLY C 99 -13.30 45.55 8.34
N ARG C 100 -13.11 46.53 9.23
CA ARG C 100 -14.16 46.93 10.16
C ARG C 100 -15.34 47.50 9.38
N ARG C 101 -15.06 48.29 8.34
CA ARG C 101 -16.10 48.91 7.55
C ARG C 101 -16.92 47.82 6.85
N LEU C 102 -16.22 46.80 6.34
CA LEU C 102 -16.88 45.71 5.64
C LEU C 102 -17.79 44.96 6.62
N ALA C 103 -17.25 44.64 7.79
CA ALA C 103 -17.94 43.83 8.77
C ALA C 103 -19.23 44.51 9.20
N ALA C 104 -19.24 45.84 9.14
CA ALA C 104 -20.36 46.63 9.65
C ALA C 104 -21.51 46.66 8.66
N ILE C 105 -21.29 46.15 7.44
CA ILE C 105 -22.30 46.20 6.39
C ILE C 105 -23.46 45.28 6.78
N HIS C 106 -23.11 44.10 7.30
CA HIS C 106 -24.09 43.08 7.63
C HIS C 106 -23.38 42.02 8.47
N PRO C 107 -24.05 41.48 9.52
CA PRO C 107 -23.40 40.53 10.41
C PRO C 107 -22.86 39.28 9.71
N ASN C 108 -23.36 38.99 8.51
CA ASN C 108 -22.99 37.79 7.79
C ASN C 108 -21.67 37.99 7.04
N ILE C 109 -21.16 39.23 7.00
CA ILE C 109 -19.96 39.52 6.23
C ILE C 109 -18.76 38.86 6.91
N VAL C 110 -18.01 38.09 6.12
CA VAL C 110 -16.70 37.61 6.48
C VAL C 110 -15.65 38.42 5.72
N VAL C 111 -14.60 38.87 6.43
CA VAL C 111 -13.60 39.73 5.83
C VAL C 111 -12.49 38.86 5.24
N LYS C 112 -12.26 39.01 3.93
CA LYS C 112 -11.16 38.34 3.24
C LYS C 112 -9.93 39.25 3.27
N LEU C 113 -8.80 38.67 3.72
CA LEU C 113 -7.50 39.32 3.65
C LEU C 113 -6.55 38.45 2.83
N PRO C 114 -5.61 39.05 2.08
CA PRO C 114 -4.57 38.27 1.43
C PRO C 114 -3.59 37.72 2.44
N THR C 115 -3.08 36.50 2.19
CA THR C 115 -2.16 35.87 3.12
C THR C 115 -0.75 36.38 2.84
N THR C 116 -0.49 37.60 3.33
CA THR C 116 0.81 38.24 3.30
C THR C 116 1.23 38.59 4.72
N GLU C 117 2.43 39.16 4.88
CA GLU C 117 2.90 39.58 6.18
C GLU C 117 1.90 40.54 6.81
N GLU C 118 1.47 41.54 6.04
CA GLU C 118 0.55 42.55 6.54
C GLU C 118 -0.82 41.91 6.81
N GLY C 119 -1.20 40.96 5.96
CA GLY C 119 -2.46 40.23 6.13
C GLY C 119 -2.53 39.51 7.48
N LEU C 120 -1.39 38.92 7.90
CA LEU C 120 -1.34 38.21 9.17
C LEU C 120 -1.63 39.19 10.30
N LYS C 121 -0.99 40.37 10.24
CA LYS C 121 -1.13 41.37 11.30
C LYS C 121 -2.59 41.81 11.41
N ALA C 122 -3.22 42.04 10.25
CA ALA C 122 -4.60 42.49 10.22
C ALA C 122 -5.53 41.37 10.69
N CYS C 123 -5.21 40.14 10.31
CA CYS C 123 -5.97 38.98 10.73
C CYS C 123 -6.01 38.90 12.25
N LYS C 124 -4.83 39.07 12.86
CA LYS C 124 -4.70 38.93 14.30
C LYS C 124 -5.63 39.92 15.00
N ARG C 125 -5.62 41.18 14.53
CA ARG C 125 -6.34 42.25 15.19
C ARG C 125 -7.84 42.08 14.97
N LEU C 126 -8.23 41.83 13.70
CA LEU C 126 -9.64 41.74 13.36
C LEU C 126 -10.27 40.54 14.07
N SER C 127 -9.55 39.41 14.07
CA SER C 127 -10.07 38.20 14.68
C SER C 127 -10.19 38.39 16.19
N ALA C 128 -9.27 39.14 16.77
CA ALA C 128 -9.29 39.42 18.20
C ALA C 128 -10.53 40.22 18.57
N GLU C 129 -11.09 40.95 17.60
CA GLU C 129 -12.22 41.83 17.83
C GLU C 129 -13.53 41.09 17.57
N GLY C 130 -13.42 39.83 17.11
CA GLY C 130 -14.58 38.97 16.95
C GLY C 130 -15.09 38.95 15.51
N ILE C 131 -14.33 39.58 14.61
CA ILE C 131 -14.66 39.56 13.19
C ILE C 131 -14.10 38.27 12.58
N LYS C 132 -14.91 37.60 11.75
CA LYS C 132 -14.48 36.38 11.10
C LYS C 132 -13.63 36.72 9.88
N VAL C 133 -12.44 36.12 9.83
CA VAL C 133 -11.47 36.43 8.78
C VAL C 133 -11.29 35.19 7.91
N ASN C 134 -11.37 35.42 6.59
CA ASN C 134 -11.05 34.41 5.58
C ASN C 134 -9.73 34.80 4.93
N MET C 135 -8.68 34.03 5.22
CA MET C 135 -7.37 34.28 4.64
C MET C 135 -7.30 33.61 3.28
N THR C 136 -7.03 34.42 2.25
CA THR C 136 -7.21 33.99 0.87
C THR C 136 -5.89 34.13 0.12
N LEU C 137 -5.92 33.80 -1.17
CA LEU C 137 -4.73 33.71 -2.01
C LEU C 137 -3.70 32.80 -1.36
N ILE C 138 -4.16 31.62 -0.96
CA ILE C 138 -3.31 30.62 -0.32
C ILE C 138 -2.95 29.55 -1.34
N PHE C 139 -1.64 29.22 -1.40
CA PHE C 139 -1.12 28.32 -2.42
C PHE C 139 -0.15 27.32 -1.80
N SER C 140 0.04 27.39 -0.48
CA SER C 140 0.81 26.38 0.23
C SER C 140 0.19 26.10 1.59
N ALA C 141 0.47 24.90 2.11
CA ALA C 141 0.01 24.52 3.43
C ALA C 141 0.61 25.46 4.48
N ASN C 142 1.86 25.90 4.25
CA ASN C 142 2.54 26.76 5.22
C ASN C 142 1.81 28.08 5.34
N GLN C 143 1.30 28.61 4.22
CA GLN C 143 0.53 29.83 4.24
C GLN C 143 -0.73 29.64 5.09
N ALA C 144 -1.38 28.48 4.92
CA ALA C 144 -2.59 28.17 5.65
C ALA C 144 -2.28 28.05 7.14
N LEU C 145 -1.11 27.48 7.44
CA LEU C 145 -0.69 27.26 8.83
C LEU C 145 -0.52 28.62 9.52
N LEU C 146 0.15 29.55 8.85
CA LEU C 146 0.37 30.88 9.42
C LEU C 146 -0.96 31.58 9.62
N ALA C 147 -1.85 31.49 8.63
CA ALA C 147 -3.17 32.08 8.72
C ALA C 147 -3.88 31.56 9.96
N ALA C 148 -3.81 30.25 10.20
CA ALA C 148 -4.45 29.64 11.35
C ALA C 148 -3.90 30.24 12.64
N ARG C 149 -2.56 30.37 12.70
CA ARG C 149 -1.89 30.87 13.90
C ARG C 149 -2.31 32.31 14.17
N ALA C 150 -2.71 33.03 13.11
CA ALA C 150 -3.00 34.45 13.21
C ALA C 150 -4.48 34.70 13.51
N GLY C 151 -5.28 33.63 13.57
CA GLY C 151 -6.63 33.71 14.10
C GLY C 151 -7.70 33.56 13.01
N ALA C 152 -7.30 33.12 11.81
CA ALA C 152 -8.23 32.96 10.70
C ALA C 152 -9.38 32.04 11.10
N SER C 153 -10.58 32.37 10.63
CA SER C 153 -11.74 31.49 10.74
C SER C 153 -11.81 30.55 9.54
N TYR C 154 -11.31 31.02 8.38
CA TYR C 154 -11.31 30.25 7.15
C TYR C 154 -9.97 30.43 6.45
N VAL C 155 -9.53 29.39 5.74
CA VAL C 155 -8.46 29.52 4.76
C VAL C 155 -8.97 29.07 3.40
N SER C 156 -8.54 29.78 2.34
CA SER C 156 -9.05 29.54 1.00
C SER C 156 -7.91 29.22 0.05
N PRO C 157 -7.46 27.95 -0.04
CA PRO C 157 -6.54 27.54 -1.10
C PRO C 157 -7.18 27.59 -2.49
N PHE C 158 -6.36 27.91 -3.49
CA PHE C 158 -6.83 28.08 -4.86
C PHE C 158 -6.38 26.89 -5.70
N LEU C 159 -7.31 25.95 -5.95
CA LEU C 159 -6.98 24.71 -6.62
C LEU C 159 -6.66 25.00 -8.09
N GLY C 160 -7.53 25.76 -8.75
CA GLY C 160 -7.48 25.93 -10.20
C GLY C 160 -6.18 26.61 -10.63
N ARG C 161 -5.74 27.62 -9.88
CA ARG C 161 -4.58 28.41 -10.27
C ARG C 161 -3.31 27.59 -10.10
N VAL C 162 -3.37 26.58 -9.23
CA VAL C 162 -2.26 25.64 -9.07
C VAL C 162 -2.25 24.69 -10.27
N ASP C 163 -3.42 24.16 -10.64
CA ASP C 163 -3.54 23.38 -11.85
C ASP C 163 -2.93 24.16 -13.02
N ASP C 164 -3.16 25.49 -13.02
CA ASP C 164 -2.79 26.34 -14.14
C ASP C 164 -1.28 26.31 -14.37
N ILE C 165 -0.50 26.08 -13.30
CA ILE C 165 0.95 26.11 -13.42
C ILE C 165 1.49 24.69 -13.37
N SER C 166 0.62 23.72 -13.68
CA SER C 166 1.01 22.35 -13.96
C SER C 166 1.41 21.62 -12.67
N TRP C 167 0.92 22.14 -11.53
CA TRP C 167 0.97 21.42 -10.27
C TRP C 167 -0.43 20.95 -9.89
N ASP C 168 -0.51 19.97 -8.98
CA ASP C 168 -1.76 19.35 -8.62
C ASP C 168 -2.42 20.15 -7.50
N GLY C 169 -3.45 20.94 -7.85
CA GLY C 169 -4.19 21.72 -6.89
C GLY C 169 -4.84 20.86 -5.81
N GLY C 170 -5.21 19.63 -6.18
CA GLY C 170 -5.80 18.68 -5.25
C GLY C 170 -4.82 18.34 -4.12
N GLU C 171 -3.53 18.35 -4.43
CA GLU C 171 -2.50 18.01 -3.46
C GLU C 171 -2.34 19.14 -2.44
N LEU C 172 -2.46 20.39 -2.92
CA LEU C 172 -2.49 21.53 -2.03
C LEU C 172 -3.63 21.36 -1.03
N LEU C 173 -4.83 21.05 -1.54
CA LEU C 173 -6.00 20.90 -0.70
C LEU C 173 -5.77 19.77 0.30
N ARG C 174 -5.21 18.66 -0.18
CA ARG C 174 -4.99 17.49 0.66
C ARG C 174 -4.10 17.86 1.85
N GLU C 175 -2.97 18.52 1.57
CA GLU C 175 -2.01 18.84 2.62
C GLU C 175 -2.67 19.73 3.66
N ILE C 176 -3.48 20.70 3.21
CA ILE C 176 -4.06 21.68 4.12
C ILE C 176 -5.10 20.98 5.01
N VAL C 177 -5.93 20.13 4.39
CA VAL C 177 -6.99 19.46 5.12
C VAL C 177 -6.37 18.50 6.13
N GLU C 178 -5.35 17.74 5.70
CA GLU C 178 -4.72 16.75 6.55
C GLU C 178 -4.02 17.46 7.71
N MET C 179 -3.40 18.61 7.42
CA MET C 179 -2.67 19.35 8.43
C MET C 179 -3.66 19.80 9.52
N ILE C 180 -4.82 20.30 9.09
CA ILE C 180 -5.79 20.87 10.00
C ILE C 180 -6.47 19.75 10.79
N GLN C 181 -6.68 18.60 10.14
CA GLN C 181 -7.23 17.43 10.81
C GLN C 181 -6.27 16.96 11.90
N VAL C 182 -4.99 16.81 11.52
CA VAL C 182 -4.01 16.17 12.40
C VAL C 182 -3.78 17.06 13.61
N GLN C 183 -3.76 18.38 13.38
CA GLN C 183 -3.41 19.34 14.42
C GLN C 183 -4.68 19.79 15.13
N ASP C 184 -5.83 19.33 14.64
CA ASP C 184 -7.13 19.71 15.18
C ASP C 184 -7.22 21.22 15.34
N LEU C 185 -6.88 21.96 14.28
CA LEU C 185 -7.02 23.41 14.26
C LEU C 185 -8.47 23.76 13.92
N PRO C 186 -9.09 24.74 14.62
CA PRO C 186 -10.51 25.04 14.44
C PRO C 186 -10.87 25.69 13.11
N VAL C 187 -9.84 26.15 12.37
CA VAL C 187 -10.05 26.87 11.12
C VAL C 187 -10.77 25.96 10.12
N LYS C 188 -11.65 26.58 9.32
CA LYS C 188 -12.37 25.86 8.27
C LYS C 188 -11.67 26.06 6.94
N VAL C 189 -11.66 24.99 6.11
CA VAL C 189 -11.02 25.01 4.82
C VAL C 189 -12.07 25.23 3.73
N ILE C 190 -11.90 26.30 2.96
CA ILE C 190 -12.68 26.56 1.77
C ILE C 190 -11.85 26.14 0.55
N ALA C 191 -12.33 25.13 -0.19
CA ALA C 191 -11.78 24.82 -1.49
C ALA C 191 -12.24 25.88 -2.48
N ALA C 192 -11.30 26.68 -2.98
CA ALA C 192 -11.60 27.78 -3.89
C ALA C 192 -10.86 27.59 -5.21
N SER C 193 -11.04 28.53 -6.13
CA SER C 193 -10.53 28.41 -7.48
C SER C 193 -10.97 27.07 -8.07
N ILE C 194 -12.28 26.82 -8.01
CA ILE C 194 -12.85 25.56 -8.48
C ILE C 194 -13.23 25.71 -9.95
N ARG C 195 -12.90 24.68 -10.75
CA ARG C 195 -12.90 24.79 -12.19
C ARG C 195 -13.85 23.75 -12.81
N HIS C 196 -14.07 22.65 -12.08
CA HIS C 196 -14.84 21.53 -12.62
C HIS C 196 -15.47 20.72 -11.49
N PRO C 197 -16.47 19.88 -11.79
CA PRO C 197 -17.19 19.11 -10.79
C PRO C 197 -16.30 18.23 -9.90
N ARG C 198 -15.15 17.79 -10.42
CA ARG C 198 -14.36 16.79 -9.71
C ARG C 198 -13.54 17.48 -8.62
N HIS C 199 -13.30 18.77 -8.77
CA HIS C 199 -12.74 19.57 -7.69
C HIS C 199 -13.67 19.49 -6.47
N VAL C 200 -14.97 19.54 -6.73
CA VAL C 200 -15.96 19.54 -5.67
C VAL C 200 -15.95 18.17 -4.98
N THR C 201 -15.92 17.10 -5.78
CA THR C 201 -15.93 15.76 -5.21
C THR C 201 -14.67 15.53 -4.40
N GLU C 202 -13.52 15.95 -4.95
CA GLU C 202 -12.24 15.78 -4.28
C GLU C 202 -12.31 16.46 -2.91
N ALA C 203 -12.83 17.68 -2.89
CA ALA C 203 -12.93 18.46 -1.66
C ALA C 203 -13.80 17.71 -0.65
N ALA C 204 -14.90 17.11 -1.14
CA ALA C 204 -15.84 16.43 -0.27
C ALA C 204 -15.19 15.19 0.33
N LEU C 205 -14.45 14.43 -0.49
CA LEU C 205 -13.87 13.18 -0.07
C LEU C 205 -12.73 13.44 0.91
N LEU C 206 -12.03 14.57 0.72
CA LEU C 206 -10.86 14.89 1.52
C LEU C 206 -11.30 15.35 2.91
N GLY C 207 -12.47 16.00 2.97
CA GLY C 207 -13.01 16.50 4.22
C GLY C 207 -12.83 18.02 4.36
N ALA C 208 -12.78 18.73 3.23
CA ALA C 208 -12.91 20.18 3.24
C ALA C 208 -14.25 20.58 3.85
N ASP C 209 -14.30 21.81 4.39
CA ASP C 209 -15.48 22.28 5.10
C ASP C 209 -16.46 22.93 4.13
N ILE C 210 -15.91 23.59 3.11
CA ILE C 210 -16.69 24.36 2.16
C ILE C 210 -16.07 24.18 0.78
N ALA C 211 -16.91 24.03 -0.25
CA ALA C 211 -16.47 24.23 -1.62
C ALA C 211 -17.20 25.44 -2.22
N THR C 212 -16.43 26.43 -2.68
CA THR C 212 -17.01 27.59 -3.34
C THR C 212 -16.62 27.58 -4.82
N MET C 213 -17.62 27.77 -5.69
CA MET C 213 -17.46 27.47 -7.10
C MET C 213 -18.25 28.46 -7.94
N PRO C 214 -17.82 28.70 -9.20
CA PRO C 214 -18.60 29.49 -10.14
C PRO C 214 -19.96 28.87 -10.43
N HIS C 215 -20.91 29.73 -10.82
CA HIS C 215 -22.27 29.32 -11.13
C HIS C 215 -22.24 28.19 -12.16
N ALA C 216 -21.36 28.30 -13.16
CA ALA C 216 -21.34 27.36 -14.27
C ALA C 216 -21.05 25.95 -13.74
N VAL C 217 -20.14 25.85 -12.78
CA VAL C 217 -19.77 24.56 -12.22
C VAL C 217 -20.92 24.06 -11.35
N PHE C 218 -21.50 24.97 -10.56
CA PHE C 218 -22.62 24.61 -9.69
C PHE C 218 -23.70 23.95 -10.55
N LYS C 219 -23.92 24.52 -11.74
CA LYS C 219 -25.01 24.06 -12.61
C LYS C 219 -24.67 22.71 -13.22
N GLN C 220 -23.38 22.36 -13.28
CA GLN C 220 -22.97 21.09 -13.88
C GLN C 220 -23.24 19.95 -12.91
N LEU C 221 -23.20 20.23 -11.60
CA LEU C 221 -23.08 19.19 -10.59
C LEU C 221 -24.22 18.18 -10.77
N LEU C 222 -25.41 18.68 -11.09
CA LEU C 222 -26.63 17.88 -11.06
C LEU C 222 -26.72 17.01 -12.31
N LYS C 223 -25.95 17.36 -13.34
CA LYS C 223 -26.14 16.79 -14.66
C LYS C 223 -25.46 15.43 -14.71
N HIS C 224 -26.26 14.39 -15.01
CA HIS C 224 -25.75 13.10 -15.41
C HIS C 224 -26.72 12.49 -16.41
N PRO C 225 -26.23 11.98 -17.56
CA PRO C 225 -27.12 11.49 -18.61
C PRO C 225 -28.08 10.40 -18.13
N LEU C 226 -27.66 9.61 -17.14
CA LEU C 226 -28.44 8.45 -16.72
C LEU C 226 -29.65 8.92 -15.92
N THR C 227 -29.57 10.10 -15.32
CA THR C 227 -30.71 10.67 -14.61
C THR C 227 -31.80 11.01 -15.62
N ASP C 228 -31.41 11.73 -16.69
CA ASP C 228 -32.34 12.14 -17.73
C ASP C 228 -33.00 10.91 -18.34
N ILE C 229 -32.18 9.90 -18.63
CA ILE C 229 -32.63 8.71 -19.33
C ILE C 229 -33.61 7.94 -18.44
N GLY C 230 -33.29 7.87 -17.14
CA GLY C 230 -34.08 7.08 -16.20
C GLY C 230 -35.43 7.74 -15.92
N LEU C 231 -35.44 9.07 -15.84
CA LEU C 231 -36.66 9.82 -15.60
C LEU C 231 -37.63 9.59 -16.76
N LYS C 232 -37.09 9.64 -17.98
CA LYS C 232 -37.91 9.56 -19.17
C LYS C 232 -38.57 8.19 -19.26
N ARG C 233 -37.80 7.14 -18.91
CA ARG C 233 -38.30 5.78 -18.96
C ARG C 233 -39.39 5.59 -17.91
N PHE C 234 -39.13 6.05 -16.69
CA PHE C 234 -40.10 5.92 -15.60
C PHE C 234 -41.44 6.47 -16.07
N LEU C 235 -41.43 7.66 -16.66
CA LEU C 235 -42.65 8.39 -16.97
C LEU C 235 -43.35 7.71 -18.15
N GLU C 236 -42.58 7.10 -19.04
CA GLU C 236 -43.13 6.37 -20.18
C GLU C 236 -43.84 5.12 -19.67
N ASP C 237 -43.16 4.36 -18.81
CA ASP C 237 -43.71 3.13 -18.26
C ASP C 237 -44.98 3.46 -17.49
N TRP C 238 -44.97 4.63 -16.84
CA TRP C 238 -46.07 5.07 -16.01
C TRP C 238 -47.32 5.32 -16.87
N GLU C 239 -47.12 6.06 -17.97
CA GLU C 239 -48.22 6.53 -18.78
C GLU C 239 -48.84 5.36 -19.53
N LYS C 240 -48.03 4.32 -19.77
CA LYS C 240 -48.50 3.14 -20.48
C LYS C 240 -49.70 2.53 -19.76
N VAL C 241 -49.70 2.61 -18.43
CA VAL C 241 -50.60 1.80 -17.62
C VAL C 241 -51.62 2.69 -16.92
N LYS C 242 -51.45 4.01 -17.02
CA LYS C 242 -52.49 4.94 -16.59
C LYS C 242 -53.77 4.66 -17.39
N PRO C 243 -54.97 4.83 -16.79
CA PRO C 243 -56.19 4.27 -17.36
C PRO C 243 -56.68 5.03 -18.58
N SER D 19 -2.58 18.45 18.28
CA SER D 19 -1.32 19.02 18.83
C SER D 19 -1.36 20.55 18.75
N HIS D 20 -2.32 21.08 17.99
CA HIS D 20 -2.36 22.50 17.64
C HIS D 20 -0.94 23.06 17.52
N MET D 21 -0.30 22.85 16.36
CA MET D 21 1.13 23.09 16.27
C MET D 21 1.44 24.58 16.36
N GLU D 22 2.47 24.91 17.13
CA GLU D 22 2.88 26.28 17.36
C GLU D 22 4.19 26.54 16.62
N LEU D 23 4.40 27.82 16.25
CA LEU D 23 5.61 28.24 15.57
C LEU D 23 6.51 29.00 16.54
N TYR D 24 7.77 28.57 16.61
CA TYR D 24 8.79 29.21 17.43
C TYR D 24 9.90 29.76 16.53
N LEU D 25 10.64 30.75 17.04
CA LEU D 25 11.90 31.17 16.45
C LEU D 25 13.07 30.50 17.16
N ASP D 26 14.05 30.06 16.35
CA ASP D 26 15.27 29.45 16.85
C ASP D 26 16.40 30.46 16.68
N THR D 27 16.50 31.41 17.63
CA THR D 27 17.44 32.52 17.53
C THR D 27 17.56 33.20 18.89
N ALA D 28 18.61 34.01 19.04
CA ALA D 28 18.74 34.90 20.18
C ALA D 28 18.75 36.37 19.73
N SER D 29 18.46 36.61 18.44
CA SER D 29 18.35 37.96 17.93
C SER D 29 17.02 38.57 18.33
N LEU D 30 17.08 39.65 19.13
CA LEU D 30 15.88 40.32 19.59
C LEU D 30 15.17 41.00 18.41
N GLU D 31 15.95 41.50 17.45
CA GLU D 31 15.39 42.18 16.29
C GLU D 31 14.55 41.19 15.48
N GLU D 32 15.07 39.98 15.29
CA GLU D 32 14.36 38.94 14.54
C GLU D 32 13.07 38.58 15.28
N ILE D 33 13.17 38.44 16.60
CA ILE D 33 12.06 37.99 17.42
C ILE D 33 10.96 39.06 17.38
N ARG D 34 11.37 40.33 17.43
CA ARG D 34 10.42 41.44 17.41
C ARG D 34 9.61 41.42 16.12
N GLU D 35 10.29 41.17 15.00
CA GLU D 35 9.64 41.26 13.70
C GLU D 35 8.49 40.25 13.64
N ILE D 36 8.78 39.01 14.03
CA ILE D 36 7.83 37.93 13.82
C ILE D 36 6.74 37.99 14.90
N ALA D 37 7.11 38.50 16.09
CA ALA D 37 6.14 38.64 17.17
C ALA D 37 4.98 39.53 16.69
N ALA D 38 5.30 40.55 15.90
CA ALA D 38 4.31 41.52 15.45
C ALA D 38 3.35 40.90 14.45
N TRP D 39 3.71 39.74 13.89
CA TRP D 39 2.86 39.05 12.94
C TRP D 39 1.67 38.41 13.64
N GLY D 40 1.84 38.11 14.93
CA GLY D 40 0.78 37.51 15.72
C GLY D 40 0.84 35.98 15.71
N VAL D 41 1.96 35.41 15.24
CA VAL D 41 2.04 33.99 14.99
C VAL D 41 3.20 33.36 15.75
N LEU D 42 3.84 34.13 16.64
CA LEU D 42 5.02 33.65 17.34
C LEU D 42 4.65 33.19 18.75
N SER D 43 4.89 31.90 19.02
CA SER D 43 4.41 31.26 20.23
C SER D 43 5.52 31.15 21.27
N GLY D 44 6.78 31.18 20.81
CA GLY D 44 7.91 30.91 21.69
C GLY D 44 9.25 31.06 20.97
N VAL D 45 10.33 30.87 21.74
CA VAL D 45 11.69 30.99 21.24
C VAL D 45 12.52 29.86 21.83
N THR D 46 13.41 29.28 21.00
CA THR D 46 14.48 28.43 21.51
C THR D 46 15.81 29.13 21.26
N THR D 47 16.65 29.17 22.31
CA THR D 47 18.05 29.55 22.14
C THR D 47 18.92 28.32 22.41
N ASN D 48 20.20 28.42 22.04
CA ASN D 48 21.21 27.47 22.46
C ASN D 48 22.53 28.23 22.61
N PRO D 49 23.58 27.62 23.21
CA PRO D 49 24.82 28.34 23.49
C PRO D 49 25.42 29.02 22.26
N THR D 50 25.32 28.37 21.09
CA THR D 50 25.88 28.91 19.86
C THR D 50 25.10 30.17 19.46
N LEU D 51 23.77 30.10 19.54
CA LEU D 51 22.91 31.17 19.07
C LEU D 51 23.09 32.40 19.96
N VAL D 52 23.26 32.15 21.27
CA VAL D 52 23.45 33.23 22.22
C VAL D 52 24.81 33.87 21.98
N ALA D 53 25.84 33.03 21.81
CA ALA D 53 27.18 33.52 21.52
C ALA D 53 27.13 34.46 20.31
N LYS D 54 26.39 34.05 19.29
CA LYS D 54 26.37 34.76 18.02
C LYS D 54 25.75 36.14 18.22
N ALA D 55 24.68 36.21 19.02
CA ALA D 55 23.96 37.45 19.24
C ALA D 55 24.84 38.44 19.98
N PHE D 56 25.63 37.93 20.94
CA PHE D 56 26.47 38.77 21.76
C PHE D 56 27.66 39.24 20.93
N ALA D 57 28.20 38.35 20.10
CA ALA D 57 29.36 38.69 19.28
C ALA D 57 28.97 39.74 18.24
N ALA D 58 27.73 39.66 17.75
CA ALA D 58 27.25 40.58 16.73
C ALA D 58 27.09 41.98 17.33
N LYS D 59 26.80 42.04 18.63
CA LYS D 59 26.59 43.30 19.31
C LYS D 59 27.91 43.80 19.91
N GLY D 60 28.93 42.95 19.85
CA GLY D 60 30.23 43.26 20.44
C GLY D 60 30.12 43.43 21.95
N GLU D 61 29.30 42.58 22.58
CA GLU D 61 29.10 42.62 24.02
C GLU D 61 29.67 41.36 24.64
N ALA D 62 30.25 41.51 25.85
CA ALA D 62 30.78 40.38 26.58
C ALA D 62 29.63 39.59 27.22
N LEU D 63 29.73 38.27 27.15
CA LEU D 63 28.72 37.38 27.72
C LEU D 63 29.04 37.16 29.20
N THR D 64 28.30 37.86 30.07
CA THR D 64 28.36 37.62 31.50
C THR D 64 27.04 36.99 31.95
N GLU D 65 27.04 36.44 33.17
CA GLU D 65 25.83 35.90 33.77
C GLU D 65 24.72 36.95 33.74
N GLU D 66 25.06 38.19 34.11
CA GLU D 66 24.06 39.23 34.29
C GLU D 66 23.51 39.67 32.93
N ALA D 67 24.41 39.82 31.95
CA ALA D 67 24.02 40.24 30.62
C ALA D 67 23.15 39.17 29.96
N PHE D 68 23.49 37.91 30.20
CA PHE D 68 22.73 36.79 29.67
C PHE D 68 21.31 36.85 30.23
N ALA D 69 21.20 37.04 31.55
CA ALA D 69 19.91 37.07 32.22
C ALA D 69 19.08 38.24 31.67
N ALA D 70 19.74 39.38 31.49
CA ALA D 70 19.08 40.58 30.99
C ALA D 70 18.52 40.31 29.59
N HIS D 71 19.31 39.63 28.77
CA HIS D 71 18.93 39.35 27.39
C HIS D 71 17.75 38.40 27.37
N LEU D 72 17.79 37.38 28.25
CA LEU D 72 16.70 36.41 28.34
C LEU D 72 15.42 37.12 28.75
N ARG D 73 15.52 38.05 29.71
CA ARG D 73 14.36 38.80 30.15
C ARG D 73 13.78 39.59 28.98
N ALA D 74 14.66 40.18 28.16
CA ALA D 74 14.22 40.99 27.03
C ALA D 74 13.45 40.11 26.04
N ILE D 75 13.97 38.91 25.78
CA ILE D 75 13.32 37.98 24.87
C ILE D 75 11.96 37.58 25.45
N CYS D 76 11.94 37.18 26.72
CA CYS D 76 10.72 36.70 27.36
C CYS D 76 9.61 37.75 27.24
N GLU D 77 9.97 39.03 27.45
CA GLU D 77 8.97 40.08 27.50
C GLU D 77 8.49 40.42 26.09
N THR D 78 9.28 40.03 25.08
CA THR D 78 8.95 40.32 23.69
C THR D 78 8.00 39.25 23.14
N VAL D 79 8.33 37.97 23.37
CA VAL D 79 7.61 36.89 22.72
C VAL D 79 6.39 36.52 23.55
N GLY D 80 6.51 36.63 24.89
CA GLY D 80 5.37 36.43 25.76
C GLY D 80 4.90 34.98 25.73
N GLY D 81 5.83 34.09 25.40
CA GLY D 81 5.62 32.66 25.47
C GLY D 81 6.88 31.95 25.98
N PRO D 82 6.92 30.61 25.98
CA PRO D 82 8.10 29.88 26.44
C PRO D 82 9.39 30.27 25.72
N VAL D 83 10.47 30.39 26.50
CA VAL D 83 11.80 30.65 25.97
C VAL D 83 12.78 29.62 26.54
N SER D 84 13.42 28.86 25.65
CA SER D 84 14.37 27.83 26.05
C SER D 84 15.76 28.44 26.23
N ALA D 85 16.35 28.18 27.40
CA ALA D 85 17.73 28.54 27.69
C ALA D 85 18.50 27.30 28.16
N GLU D 86 19.69 27.08 27.58
CA GLU D 86 20.41 25.83 27.74
C GLU D 86 21.49 25.99 28.81
N VAL D 87 21.64 24.96 29.66
CA VAL D 87 22.74 24.88 30.60
C VAL D 87 24.03 24.61 29.83
N THR D 88 25.18 24.88 30.47
CA THR D 88 26.46 24.56 29.88
C THR D 88 27.21 23.52 30.73
N ALA D 89 26.73 23.28 31.96
CA ALA D 89 27.34 22.30 32.83
C ALA D 89 27.15 20.89 32.27
N LEU D 90 28.09 19.98 32.58
CA LEU D 90 28.13 18.66 31.99
C LEU D 90 27.67 17.61 33.00
N GLU D 91 27.75 17.95 34.29
CA GLU D 91 27.44 17.02 35.36
C GLU D 91 26.08 17.37 35.97
N ALA D 92 25.35 16.34 36.42
CA ALA D 92 23.94 16.50 36.75
C ALA D 92 23.76 17.56 37.84
N GLU D 93 24.61 17.51 38.88
CA GLU D 93 24.42 18.36 40.04
C GLU D 93 24.54 19.82 39.62
N ALA D 94 25.52 20.10 38.74
CA ALA D 94 25.76 21.44 38.25
C ALA D 94 24.63 21.88 37.31
N MET D 95 24.11 20.91 36.54
CA MET D 95 23.01 21.17 35.63
C MET D 95 21.77 21.63 36.41
N VAL D 96 21.52 20.99 37.55
CA VAL D 96 20.36 21.30 38.37
C VAL D 96 20.51 22.71 38.94
N ALA D 97 21.70 23.02 39.47
CA ALA D 97 21.93 24.35 40.04
C ALA D 97 21.75 25.41 38.96
N GLU D 98 22.32 25.15 37.78
CA GLU D 98 22.27 26.08 36.66
C GLU D 98 20.82 26.22 36.19
N GLY D 99 20.11 25.09 36.12
CA GLY D 99 18.72 25.07 35.67
C GLY D 99 17.83 25.93 36.57
N ARG D 100 18.08 25.87 37.87
CA ARG D 100 17.30 26.63 38.84
C ARG D 100 17.53 28.13 38.63
N ARG D 101 18.79 28.51 38.41
CA ARG D 101 19.13 29.91 38.17
C ARG D 101 18.41 30.41 36.93
N LEU D 102 18.40 29.59 35.87
CA LEU D 102 17.77 29.97 34.62
C LEU D 102 16.27 30.14 34.84
N ALA D 103 15.66 29.15 35.48
CA ALA D 103 14.22 29.12 35.67
C ALA D 103 13.76 30.38 36.41
N ALA D 104 14.62 30.90 37.29
CA ALA D 104 14.25 31.97 38.19
C ALA D 104 14.32 33.33 37.48
N ILE D 105 14.86 33.35 36.26
CA ILE D 105 15.05 34.61 35.55
C ILE D 105 13.68 35.17 35.16
N HIS D 106 12.79 34.27 34.70
CA HIS D 106 11.46 34.64 34.23
C HIS D 106 10.62 33.38 34.19
N PRO D 107 9.33 33.43 34.59
CA PRO D 107 8.53 32.20 34.67
C PRO D 107 8.42 31.46 33.34
N ASN D 108 8.69 32.14 32.23
CA ASN D 108 8.46 31.55 30.92
C ASN D 108 9.72 30.82 30.45
N ILE D 109 10.77 30.83 31.26
CA ILE D 109 12.00 30.14 30.90
C ILE D 109 11.79 28.64 31.00
N VAL D 110 12.13 27.95 29.91
CA VAL D 110 12.25 26.49 29.89
C VAL D 110 13.72 26.12 29.86
N VAL D 111 14.11 25.13 30.67
CA VAL D 111 15.50 24.76 30.81
C VAL D 111 15.83 23.68 29.78
N LYS D 112 16.81 23.98 28.93
CA LYS D 112 17.35 23.02 27.97
C LYS D 112 18.49 22.24 28.62
N LEU D 113 18.38 20.91 28.58
CA LEU D 113 19.47 20.03 28.96
C LEU D 113 19.86 19.17 27.77
N PRO D 114 21.15 18.80 27.63
CA PRO D 114 21.55 17.81 26.64
C PRO D 114 21.11 16.41 27.02
N THR D 115 20.73 15.60 26.02
CA THR D 115 20.21 14.27 26.31
C THR D 115 21.38 13.31 26.48
N THR D 116 21.96 13.37 27.68
CA THR D 116 23.05 12.51 28.11
C THR D 116 22.63 11.84 29.42
N GLU D 117 23.46 10.92 29.91
CA GLU D 117 23.21 10.28 31.19
C GLU D 117 22.97 11.34 32.26
N GLU D 118 23.84 12.36 32.30
CA GLU D 118 23.77 13.37 33.33
C GLU D 118 22.53 14.23 33.10
N GLY D 119 22.21 14.47 31.83
CA GLY D 119 21.03 15.23 31.44
C GLY D 119 19.74 14.60 31.97
N LEU D 120 19.67 13.26 31.90
CA LEU D 120 18.50 12.53 32.36
C LEU D 120 18.34 12.75 33.87
N LYS D 121 19.46 12.64 34.59
CA LYS D 121 19.44 12.77 36.03
C LYS D 121 18.93 14.16 36.41
N ALA D 122 19.45 15.18 35.74
CA ALA D 122 19.07 16.55 36.01
C ALA D 122 17.63 16.79 35.60
N CYS D 123 17.21 16.17 34.49
CA CYS D 123 15.85 16.32 33.99
C CYS D 123 14.86 15.82 35.06
N LYS D 124 15.17 14.67 35.64
CA LYS D 124 14.30 14.06 36.63
C LYS D 124 14.13 15.00 37.83
N ARG D 125 15.24 15.61 38.27
CA ARG D 125 15.23 16.39 39.49
C ARG D 125 14.53 17.72 39.25
N LEU D 126 14.85 18.37 38.11
CA LEU D 126 14.27 19.67 37.80
C LEU D 126 12.77 19.52 37.57
N SER D 127 12.37 18.49 36.83
CA SER D 127 10.96 18.30 36.51
C SER D 127 10.18 18.01 37.78
N ALA D 128 10.78 17.26 38.71
CA ALA D 128 10.14 16.93 39.97
C ALA D 128 9.86 18.20 40.78
N GLU D 129 10.63 19.26 40.50
CA GLU D 129 10.52 20.51 41.24
C GLU D 129 9.55 21.46 40.54
N GLY D 130 9.06 21.06 39.36
CA GLY D 130 8.05 21.84 38.66
C GLY D 130 8.65 22.75 37.60
N ILE D 131 9.95 22.58 37.32
CA ILE D 131 10.61 23.30 36.25
C ILE D 131 10.43 22.51 34.94
N LYS D 132 10.06 23.23 33.88
CA LYS D 132 9.83 22.63 32.57
C LYS D 132 11.18 22.42 31.89
N VAL D 133 11.40 21.19 31.41
CA VAL D 133 12.69 20.82 30.83
C VAL D 133 12.48 20.48 29.35
N ASN D 134 13.36 21.06 28.53
CA ASN D 134 13.44 20.74 27.11
C ASN D 134 14.72 19.94 26.88
N MET D 135 14.56 18.64 26.60
CA MET D 135 15.70 17.77 26.38
C MET D 135 16.12 17.85 24.91
N THR D 136 17.37 18.23 24.68
CA THR D 136 17.81 18.65 23.36
C THR D 136 18.99 17.80 22.91
N LEU D 137 19.55 18.15 21.74
CA LEU D 137 20.57 17.36 21.08
C LEU D 137 20.12 15.90 20.95
N ILE D 138 18.89 15.72 20.44
CA ILE D 138 18.30 14.41 20.25
C ILE D 138 18.39 14.04 18.76
N PHE D 139 18.87 12.82 18.50
CA PHE D 139 19.13 12.37 17.13
C PHE D 139 18.60 10.96 16.92
N SER D 140 17.95 10.40 17.95
CA SER D 140 17.29 9.11 17.82
C SER D 140 15.99 9.09 18.63
N ALA D 141 15.08 8.20 18.23
CA ALA D 141 13.84 8.01 18.96
C ALA D 141 14.13 7.52 20.37
N ASN D 142 15.15 6.67 20.52
CA ASN D 142 15.46 6.09 21.82
C ASN D 142 15.85 7.20 22.79
N GLN D 143 16.58 8.20 22.30
CA GLN D 143 16.96 9.34 23.12
C GLN D 143 15.71 10.08 23.58
N ALA D 144 14.75 10.25 22.68
CA ALA D 144 13.51 10.95 23.00
C ALA D 144 12.72 10.17 24.05
N LEU D 145 12.74 8.84 23.93
CA LEU D 145 11.99 7.97 24.83
C LEU D 145 12.55 8.08 26.24
N LEU D 146 13.89 8.02 26.36
CA LEU D 146 14.55 8.15 27.65
C LEU D 146 14.22 9.52 28.25
N ALA D 147 14.28 10.57 27.42
CA ALA D 147 13.96 11.91 27.86
C ALA D 147 12.56 11.96 28.46
N ALA D 148 11.60 11.32 27.77
CA ALA D 148 10.22 11.32 28.21
C ALA D 148 10.11 10.64 29.57
N ARG D 149 10.80 9.51 29.73
CA ARG D 149 10.71 8.72 30.95
C ARG D 149 11.29 9.52 32.12
N ALA D 150 12.18 10.45 31.81
CA ALA D 150 12.90 11.21 32.83
C ALA D 150 12.14 12.47 33.21
N GLY D 151 11.01 12.73 32.54
CA GLY D 151 10.09 13.77 32.95
C GLY D 151 10.19 15.03 32.07
N ALA D 152 10.78 14.87 30.87
CA ALA D 152 10.89 15.98 29.94
C ALA D 152 9.51 16.55 29.62
N SER D 153 9.43 17.88 29.54
CA SER D 153 8.25 18.57 29.03
C SER D 153 8.28 18.66 27.51
N TYR D 154 9.50 18.73 26.95
CA TYR D 154 9.70 18.85 25.51
C TYR D 154 10.89 17.98 25.11
N VAL D 155 10.83 17.43 23.89
CA VAL D 155 12.00 16.83 23.26
C VAL D 155 12.25 17.51 21.92
N SER D 156 13.53 17.71 21.59
CA SER D 156 13.93 18.52 20.45
C SER D 156 14.86 17.73 19.53
N PRO D 157 14.32 16.86 18.65
CA PRO D 157 15.10 16.26 17.57
C PRO D 157 15.63 17.30 16.58
N PHE D 158 16.85 17.07 16.08
CA PHE D 158 17.50 17.96 15.14
C PHE D 158 17.41 17.37 13.73
N LEU D 159 16.50 17.90 12.92
CA LEU D 159 16.28 17.40 11.56
C LEU D 159 17.50 17.71 10.69
N GLY D 160 17.92 18.98 10.70
CA GLY D 160 18.91 19.49 9.76
C GLY D 160 20.24 18.78 9.91
N ARG D 161 20.68 18.55 11.16
CA ARG D 161 21.99 17.98 11.41
C ARG D 161 22.00 16.53 10.98
N VAL D 162 20.82 15.90 10.91
CA VAL D 162 20.71 14.53 10.44
C VAL D 162 20.80 14.52 8.92
N ASP D 163 20.11 15.48 8.27
CA ASP D 163 20.25 15.69 6.84
C ASP D 163 21.73 15.86 6.50
N ASP D 164 22.46 16.56 7.36
CA ASP D 164 23.84 16.95 7.11
C ASP D 164 24.72 15.72 6.94
N ILE D 165 24.32 14.60 7.55
CA ILE D 165 25.14 13.39 7.51
C ILE D 165 24.45 12.36 6.62
N SER D 166 23.58 12.85 5.74
CA SER D 166 23.05 12.10 4.61
C SER D 166 22.04 11.06 5.08
N TRP D 167 21.43 11.33 6.23
CA TRP D 167 20.28 10.58 6.69
C TRP D 167 19.04 11.47 6.68
N ASP D 168 17.87 10.85 6.70
CA ASP D 168 16.61 11.57 6.53
C ASP D 168 16.14 12.11 7.88
N GLY D 169 16.37 13.40 8.11
CA GLY D 169 15.95 14.07 9.33
C GLY D 169 14.44 13.90 9.57
N GLY D 170 13.67 13.86 8.47
CA GLY D 170 12.22 13.77 8.55
C GLY D 170 11.80 12.45 9.19
N GLU D 171 12.58 11.40 8.95
CA GLU D 171 12.28 10.06 9.44
C GLU D 171 12.57 9.99 10.94
N LEU D 172 13.58 10.74 11.40
CA LEU D 172 13.80 10.91 12.82
C LEU D 172 12.54 11.48 13.47
N LEU D 173 12.03 12.57 12.89
CA LEU D 173 10.88 13.27 13.44
C LEU D 173 9.68 12.34 13.42
N ARG D 174 9.54 11.58 12.32
CA ARG D 174 8.39 10.70 12.16
C ARG D 174 8.39 9.64 13.26
N GLU D 175 9.55 9.03 13.51
CA GLU D 175 9.65 7.97 14.50
C GLU D 175 9.28 8.52 15.87
N ILE D 176 9.78 9.72 16.20
CA ILE D 176 9.56 10.29 17.51
C ILE D 176 8.09 10.64 17.66
N VAL D 177 7.51 11.26 16.63
CA VAL D 177 6.12 11.69 16.72
C VAL D 177 5.21 10.46 16.80
N GLU D 178 5.49 9.46 15.97
CA GLU D 178 4.69 8.24 15.95
C GLU D 178 4.78 7.54 17.31
N MET D 179 5.99 7.48 17.87
CA MET D 179 6.23 6.79 19.12
C MET D 179 5.39 7.43 20.22
N ILE D 180 5.37 8.77 20.22
CA ILE D 180 4.74 9.52 21.30
C ILE D 180 3.22 9.45 21.13
N GLN D 181 2.75 9.36 19.88
CA GLN D 181 1.33 9.22 19.61
C GLN D 181 0.85 7.84 20.06
N VAL D 182 1.61 6.81 19.68
CA VAL D 182 1.23 5.42 19.92
C VAL D 182 1.21 5.18 21.44
N GLN D 183 2.17 5.78 22.15
CA GLN D 183 2.36 5.52 23.56
C GLN D 183 1.59 6.54 24.39
N ASP D 184 0.97 7.51 23.71
CA ASP D 184 0.24 8.60 24.35
C ASP D 184 1.07 9.21 25.48
N LEU D 185 2.33 9.52 25.18
CA LEU D 185 3.21 10.17 26.14
C LEU D 185 2.93 11.67 26.17
N PRO D 186 2.90 12.31 27.36
CA PRO D 186 2.49 13.71 27.47
C PRO D 186 3.54 14.71 26.95
N VAL D 187 4.75 14.23 26.69
CA VAL D 187 5.84 15.10 26.26
C VAL D 187 5.47 15.73 24.91
N LYS D 188 5.92 16.99 24.71
CA LYS D 188 5.70 17.69 23.47
C LYS D 188 6.94 17.59 22.59
N VAL D 189 6.71 17.44 21.28
CA VAL D 189 7.78 17.29 20.31
C VAL D 189 8.01 18.63 19.62
N ILE D 190 9.24 19.15 19.76
CA ILE D 190 9.72 20.31 19.03
C ILE D 190 10.55 19.82 17.86
N ALA D 191 10.11 20.13 16.63
CA ALA D 191 10.95 19.96 15.46
C ALA D 191 11.98 21.07 15.41
N ALA D 192 13.26 20.70 15.58
CA ALA D 192 14.34 21.67 15.63
C ALA D 192 15.36 21.39 14.52
N SER D 193 16.40 22.23 14.46
CA SER D 193 17.36 22.19 13.38
C SER D 193 16.65 22.24 12.03
N ILE D 194 15.78 23.23 11.88
CA ILE D 194 14.97 23.38 10.69
C ILE D 194 15.74 24.23 9.66
N ARG D 195 15.71 23.80 8.40
CA ARG D 195 16.60 24.34 7.38
C ARG D 195 15.82 24.95 6.22
N HIS D 196 14.56 24.53 6.05
CA HIS D 196 13.77 24.94 4.89
C HIS D 196 12.29 24.80 5.18
N PRO D 197 11.41 25.49 4.40
CA PRO D 197 9.97 25.44 4.64
C PRO D 197 9.36 24.05 4.73
N ARG D 198 9.93 23.05 4.03
CA ARG D 198 9.28 21.76 3.94
C ARG D 198 9.49 20.97 5.23
N HIS D 199 10.54 21.30 5.99
CA HIS D 199 10.69 20.80 7.34
C HIS D 199 9.46 21.17 8.17
N VAL D 200 9.00 22.41 8.00
CA VAL D 200 7.87 22.92 8.78
C VAL D 200 6.62 22.17 8.37
N THR D 201 6.41 21.99 7.06
CA THR D 201 5.21 21.33 6.58
C THR D 201 5.21 19.88 7.06
N GLU D 202 6.36 19.21 6.94
CA GLU D 202 6.49 17.82 7.35
C GLU D 202 6.10 17.69 8.81
N ALA D 203 6.61 18.61 9.64
CA ALA D 203 6.32 18.62 11.07
C ALA D 203 4.82 18.77 11.29
N ALA D 204 4.20 19.69 10.54
CA ALA D 204 2.78 20.00 10.71
C ALA D 204 1.94 18.78 10.35
N LEU D 205 2.33 18.08 9.28
CA LEU D 205 1.54 16.97 8.76
C LEU D 205 1.68 15.76 9.68
N LEU D 206 2.86 15.61 10.28
CA LEU D 206 3.17 14.46 11.13
C LEU D 206 2.43 14.60 12.45
N GLY D 207 2.29 15.83 12.94
CA GLY D 207 1.59 16.10 14.18
C GLY D 207 2.55 16.46 15.32
N ALA D 208 3.72 17.01 14.96
CA ALA D 208 4.59 17.65 15.92
C ALA D 208 3.86 18.79 16.61
N ASP D 209 4.32 19.13 17.83
CA ASP D 209 3.65 20.09 18.69
C ASP D 209 4.14 21.50 18.37
N ILE D 210 5.45 21.60 18.07
CA ILE D 210 6.11 22.87 17.86
C ILE D 210 7.09 22.71 16.69
N ALA D 211 7.19 23.75 15.85
CA ALA D 211 8.30 23.88 14.92
C ALA D 211 9.10 25.14 15.27
N THR D 212 10.39 24.96 15.59
CA THR D 212 11.27 26.09 15.88
C THR D 212 12.29 26.21 14.77
N MET D 213 12.41 27.43 14.21
CA MET D 213 13.09 27.61 12.94
C MET D 213 13.85 28.93 12.96
N PRO D 214 14.96 29.04 12.19
CA PRO D 214 15.62 30.32 12.00
C PRO D 214 14.72 31.37 11.35
N HIS D 215 15.02 32.64 11.63
CA HIS D 215 14.29 33.78 11.09
C HIS D 215 14.19 33.66 9.56
N ALA D 216 15.30 33.26 8.92
CA ALA D 216 15.34 33.25 7.46
C ALA D 216 14.29 32.28 6.91
N VAL D 217 14.11 31.14 7.60
CA VAL D 217 13.12 30.16 7.17
C VAL D 217 11.73 30.70 7.45
N PHE D 218 11.56 31.32 8.62
CA PHE D 218 10.28 31.90 9.02
C PHE D 218 9.84 32.90 7.95
N LYS D 219 10.80 33.67 7.42
CA LYS D 219 10.50 34.73 6.48
C LYS D 219 10.14 34.15 5.10
N GLN D 220 10.53 32.90 4.84
CA GLN D 220 10.26 32.26 3.56
C GLN D 220 8.81 31.81 3.48
N LEU D 221 8.20 31.53 4.63
CA LEU D 221 7.04 30.65 4.68
C LEU D 221 5.90 31.24 3.84
N LEU D 222 5.83 32.58 3.78
CA LEU D 222 4.68 33.27 3.19
C LEU D 222 4.88 33.42 1.69
N LYS D 223 6.09 33.12 1.19
CA LYS D 223 6.52 33.65 -0.10
C LYS D 223 6.21 32.64 -1.21
N HIS D 224 4.93 32.63 -1.63
CA HIS D 224 4.53 31.94 -2.84
C HIS D 224 4.19 32.97 -3.92
N PRO D 225 4.74 32.84 -5.14
CA PRO D 225 4.59 33.87 -6.16
C PRO D 225 3.15 34.12 -6.59
N LEU D 226 2.27 33.11 -6.46
CA LEU D 226 0.92 33.21 -6.97
C LEU D 226 0.11 34.16 -6.10
N THR D 227 0.55 34.37 -4.86
CA THR D 227 -0.15 35.29 -3.97
C THR D 227 -0.03 36.71 -4.50
N ASP D 228 1.20 37.14 -4.81
CA ASP D 228 1.43 38.51 -5.24
C ASP D 228 0.88 38.71 -6.65
N ILE D 229 0.94 37.65 -7.47
CA ILE D 229 0.41 37.72 -8.82
C ILE D 229 -1.10 37.92 -8.77
N GLY D 230 -1.76 37.17 -7.88
CA GLY D 230 -3.20 37.25 -7.72
C GLY D 230 -3.63 38.61 -7.18
N LEU D 231 -2.84 39.12 -6.23
CA LEU D 231 -3.11 40.40 -5.59
C LEU D 231 -3.04 41.52 -6.63
N LYS D 232 -2.00 41.47 -7.46
CA LYS D 232 -1.80 42.48 -8.50
C LYS D 232 -3.02 42.51 -9.42
N ARG D 233 -3.47 41.33 -9.85
CA ARG D 233 -4.56 41.23 -10.81
C ARG D 233 -5.85 41.73 -10.19
N PHE D 234 -6.11 41.35 -8.94
CA PHE D 234 -7.30 41.79 -8.22
C PHE D 234 -7.39 43.32 -8.29
N LEU D 235 -6.28 43.99 -7.99
CA LEU D 235 -6.30 45.43 -7.81
C LEU D 235 -6.42 46.11 -9.18
N GLU D 236 -5.82 45.48 -10.21
CA GLU D 236 -5.93 45.98 -11.57
C GLU D 236 -7.40 45.96 -12.01
N ASP D 237 -8.08 44.84 -11.72
CA ASP D 237 -9.46 44.64 -12.15
C ASP D 237 -10.37 45.60 -11.39
N TRP D 238 -10.05 45.81 -10.11
CA TRP D 238 -10.79 46.72 -9.24
C TRP D 238 -10.73 48.14 -9.79
N GLU D 239 -9.53 48.55 -10.21
CA GLU D 239 -9.26 49.94 -10.53
C GLU D 239 -9.91 50.31 -11.87
N LYS D 240 -10.13 49.30 -12.72
CA LYS D 240 -10.67 49.53 -14.06
C LYS D 240 -12.10 50.07 -13.94
N VAL D 241 -12.81 49.67 -12.88
CA VAL D 241 -14.26 49.80 -12.84
C VAL D 241 -14.65 50.89 -11.84
N LYS D 242 -13.66 51.43 -11.12
CA LYS D 242 -13.91 52.50 -10.17
C LYS D 242 -14.10 53.82 -10.92
N PRO D 243 -14.97 54.72 -10.42
CA PRO D 243 -15.32 55.93 -11.16
C PRO D 243 -14.12 56.87 -11.35
N SER E 19 -0.47 3.61 26.17
CA SER E 19 0.39 2.45 26.51
C SER E 19 1.51 2.88 27.44
N HIS E 20 2.04 4.09 27.21
CA HIS E 20 3.01 4.72 28.09
C HIS E 20 4.16 3.75 28.36
N MET E 21 4.95 3.44 27.34
CA MET E 21 5.90 2.34 27.45
C MET E 21 6.91 2.64 28.54
N GLU E 22 7.19 1.61 29.35
CA GLU E 22 8.14 1.72 30.44
C GLU E 22 9.38 0.91 30.11
N LEU E 23 10.52 1.32 30.70
CA LEU E 23 11.80 0.66 30.47
C LEU E 23 12.17 -0.15 31.71
N TYR E 24 12.52 -1.42 31.49
CA TYR E 24 12.91 -2.33 32.56
C TYR E 24 14.33 -2.83 32.29
N LEU E 25 15.02 -3.28 33.34
CA LEU E 25 16.26 -4.01 33.21
C LEU E 25 15.99 -5.50 33.33
N ASP E 26 16.66 -6.26 32.46
CA ASP E 26 16.60 -7.72 32.44
C ASP E 26 17.90 -8.26 33.02
N THR E 27 17.98 -8.32 34.36
CA THR E 27 19.21 -8.65 35.06
C THR E 27 18.88 -8.94 36.51
N ALA E 28 19.85 -9.56 37.21
CA ALA E 28 19.76 -9.68 38.66
C ALA E 28 20.96 -8.99 39.32
N SER E 29 21.74 -8.25 38.53
CA SER E 29 22.89 -7.52 39.05
C SER E 29 22.41 -6.25 39.76
N LEU E 30 22.66 -6.17 41.07
CA LEU E 30 22.25 -5.02 41.86
C LEU E 30 22.98 -3.76 41.37
N GLU E 31 24.25 -3.93 40.96
CA GLU E 31 25.06 -2.80 40.56
C GLU E 31 24.47 -2.18 39.28
N GLU E 32 24.09 -3.04 38.34
CA GLU E 32 23.50 -2.59 37.09
C GLU E 32 22.22 -1.81 37.38
N ILE E 33 21.41 -2.35 38.30
CA ILE E 33 20.09 -1.82 38.59
C ILE E 33 20.24 -0.46 39.27
N ARG E 34 21.19 -0.36 40.20
CA ARG E 34 21.42 0.87 40.94
C ARG E 34 21.81 1.99 39.97
N GLU E 35 22.63 1.64 38.97
CA GLU E 35 23.14 2.64 38.03
C GLU E 35 21.99 3.26 37.25
N ILE E 36 21.15 2.41 36.64
CA ILE E 36 20.12 2.89 35.73
C ILE E 36 19.01 3.54 36.53
N ALA E 37 18.74 3.02 37.73
CA ALA E 37 17.72 3.61 38.60
C ALA E 37 18.03 5.08 38.85
N ALA E 38 19.32 5.40 38.95
CA ALA E 38 19.76 6.74 39.28
C ALA E 38 19.46 7.71 38.12
N TRP E 39 19.23 7.17 36.92
CA TRP E 39 18.93 7.99 35.75
C TRP E 39 17.52 8.56 35.85
N GLY E 40 16.64 7.86 36.57
CA GLY E 40 15.27 8.30 36.73
C GLY E 40 14.33 7.70 35.68
N VAL E 41 14.81 6.66 34.96
CA VAL E 41 14.06 6.15 33.82
C VAL E 41 13.76 4.66 34.00
N LEU E 42 14.06 4.10 35.17
CA LEU E 42 13.92 2.66 35.37
C LEU E 42 12.60 2.37 36.08
N SER E 43 11.73 1.58 35.43
CA SER E 43 10.38 1.35 35.90
C SER E 43 10.27 0.01 36.61
N GLY E 44 11.21 -0.90 36.34
CA GLY E 44 11.10 -2.25 36.87
C GLY E 44 12.27 -3.15 36.43
N VAL E 45 12.21 -4.40 36.88
CA VAL E 45 13.24 -5.40 36.60
C VAL E 45 12.56 -6.73 36.30
N THR E 46 13.11 -7.47 35.33
CA THR E 46 12.80 -8.89 35.19
C THR E 46 14.07 -9.69 35.49
N THR E 47 13.90 -10.75 36.30
CA THR E 47 14.92 -11.77 36.46
C THR E 47 14.39 -13.08 35.88
N ASN E 48 15.31 -14.02 35.68
CA ASN E 48 14.96 -15.40 35.37
C ASN E 48 15.98 -16.30 36.05
N PRO E 49 15.77 -17.63 36.09
CA PRO E 49 16.69 -18.53 36.80
C PRO E 49 18.15 -18.39 36.37
N THR E 50 18.38 -18.17 35.07
CA THR E 50 19.72 -18.05 34.55
C THR E 50 20.36 -16.78 35.10
N LEU E 51 19.61 -15.67 35.06
CA LEU E 51 20.16 -14.37 35.43
C LEU E 51 20.49 -14.36 36.92
N VAL E 52 19.64 -15.00 37.72
CA VAL E 52 19.84 -15.05 39.15
C VAL E 52 21.06 -15.92 39.44
N ALA E 53 21.12 -17.09 38.80
CA ALA E 53 22.26 -17.99 38.95
C ALA E 53 23.56 -17.23 38.67
N LYS E 54 23.55 -16.41 37.62
CA LYS E 54 24.75 -15.72 37.19
C LYS E 54 25.16 -14.70 38.25
N ALA E 55 24.16 -14.06 38.86
CA ALA E 55 24.41 -13.04 39.87
C ALA E 55 25.04 -13.67 41.11
N PHE E 56 24.60 -14.88 41.45
CA PHE E 56 25.03 -15.53 42.68
C PHE E 56 26.43 -16.11 42.47
N ALA E 57 26.68 -16.67 41.29
CA ALA E 57 28.00 -17.17 40.94
C ALA E 57 29.03 -16.04 40.99
N ALA E 58 28.63 -14.85 40.53
CA ALA E 58 29.55 -13.74 40.36
C ALA E 58 29.97 -13.17 41.71
N LYS E 59 29.08 -13.25 42.71
CA LYS E 59 29.35 -12.70 44.02
C LYS E 59 29.69 -13.83 45.00
N GLY E 60 29.68 -15.06 44.49
CA GLY E 60 30.31 -16.18 45.19
C GLY E 60 29.40 -16.78 46.27
N GLU E 61 28.15 -16.33 46.34
CA GLU E 61 27.22 -16.80 47.35
C GLU E 61 26.51 -18.06 46.87
N ALA E 62 26.08 -18.88 47.83
CA ALA E 62 25.28 -20.05 47.54
C ALA E 62 23.81 -19.65 47.42
N LEU E 63 23.09 -20.30 46.50
CA LEU E 63 21.70 -19.98 46.23
C LEU E 63 20.80 -20.77 47.17
N THR E 64 20.35 -20.09 48.24
CA THR E 64 19.39 -20.66 49.18
C THR E 64 18.08 -19.88 49.06
N GLU E 65 17.04 -20.43 49.69
CA GLU E 65 15.73 -19.80 49.69
C GLU E 65 15.83 -18.42 50.34
N GLU E 66 16.55 -18.33 51.45
CA GLU E 66 16.63 -17.10 52.23
C GLU E 66 17.44 -16.05 51.46
N ALA E 67 18.55 -16.49 50.85
CA ALA E 67 19.43 -15.57 50.16
C ALA E 67 18.76 -15.04 48.90
N PHE E 68 17.98 -15.89 48.23
CA PHE E 68 17.21 -15.50 47.06
C PHE E 68 16.23 -14.40 47.47
N ALA E 69 15.52 -14.63 48.58
CA ALA E 69 14.52 -13.69 49.05
C ALA E 69 15.17 -12.34 49.33
N ALA E 70 16.35 -12.38 49.95
CA ALA E 70 17.05 -11.16 50.34
C ALA E 70 17.49 -10.39 49.11
N HIS E 71 17.92 -11.12 48.07
CA HIS E 71 18.38 -10.50 46.84
C HIS E 71 17.20 -9.82 46.14
N LEU E 72 16.06 -10.51 46.10
CA LEU E 72 14.87 -9.98 45.47
C LEU E 72 14.39 -8.73 46.22
N ARG E 73 14.44 -8.78 47.56
CA ARG E 73 14.07 -7.63 48.36
C ARG E 73 14.95 -6.44 47.97
N ALA E 74 16.25 -6.70 47.85
CA ALA E 74 17.21 -5.65 47.52
C ALA E 74 16.85 -5.02 46.18
N ILE E 75 16.49 -5.85 45.20
CA ILE E 75 16.13 -5.36 43.88
C ILE E 75 14.87 -4.50 44.01
N CYS E 76 13.86 -5.01 44.72
CA CYS E 76 12.60 -4.30 44.87
C CYS E 76 12.85 -2.92 45.47
N GLU E 77 13.74 -2.86 46.46
CA GLU E 77 13.98 -1.63 47.19
C GLU E 77 14.77 -0.65 46.32
N THR E 78 15.58 -1.17 45.40
CA THR E 78 16.45 -0.33 44.59
C THR E 78 15.62 0.32 43.47
N VAL E 79 14.73 -0.45 42.85
CA VAL E 79 14.04 0.00 41.65
C VAL E 79 12.76 0.73 42.04
N GLY E 80 12.09 0.25 43.09
CA GLY E 80 10.83 0.81 43.53
C GLY E 80 9.73 0.62 42.47
N GLY E 81 9.80 -0.50 41.76
CA GLY E 81 8.79 -0.88 40.80
C GLY E 81 8.66 -2.39 40.69
N PRO E 82 7.79 -2.91 39.79
CA PRO E 82 7.61 -4.35 39.63
C PRO E 82 8.91 -5.10 39.39
N VAL E 83 9.04 -6.27 40.03
CA VAL E 83 10.18 -7.15 39.86
C VAL E 83 9.68 -8.56 39.62
N SER E 84 10.04 -9.13 38.46
CA SER E 84 9.61 -10.47 38.09
C SER E 84 10.58 -11.51 38.65
N ALA E 85 10.04 -12.52 39.33
CA ALA E 85 10.80 -13.67 39.81
C ALA E 85 10.12 -14.96 39.37
N GLU E 86 10.93 -15.89 38.83
CA GLU E 86 10.40 -17.06 38.16
C GLU E 86 10.41 -18.27 39.10
N VAL E 87 9.30 -19.00 39.13
CA VAL E 87 9.23 -20.30 39.78
C VAL E 87 10.14 -21.27 39.04
N THR E 88 10.46 -22.41 39.68
CA THR E 88 11.24 -23.44 39.02
C THR E 88 10.51 -24.80 39.08
N ALA E 89 9.44 -24.88 39.87
CA ALA E 89 8.65 -26.11 39.94
C ALA E 89 7.99 -26.38 38.58
N LEU E 90 7.69 -27.64 38.30
CA LEU E 90 7.27 -28.05 36.96
C LEU E 90 5.80 -28.43 36.94
N GLU E 91 5.19 -28.60 38.13
CA GLU E 91 3.77 -28.95 38.19
C GLU E 91 3.00 -27.90 39.00
N ALA E 92 1.70 -27.79 38.72
CA ALA E 92 0.94 -26.58 38.98
C ALA E 92 0.87 -26.30 40.48
N GLU E 93 0.59 -27.35 41.27
CA GLU E 93 0.39 -27.18 42.69
C GLU E 93 1.63 -26.56 43.30
N ALA E 94 2.80 -27.07 42.91
CA ALA E 94 4.07 -26.61 43.44
C ALA E 94 4.38 -25.19 42.93
N MET E 95 4.02 -24.92 41.67
CA MET E 95 4.20 -23.60 41.09
C MET E 95 3.41 -22.57 41.90
N VAL E 96 2.20 -22.95 42.32
CA VAL E 96 1.33 -22.04 43.06
C VAL E 96 1.95 -21.79 44.43
N ALA E 97 2.40 -22.86 45.09
CA ALA E 97 3.02 -22.73 46.41
C ALA E 97 4.23 -21.81 46.31
N GLU E 98 5.04 -22.03 45.27
CA GLU E 98 6.27 -21.27 45.08
C GLU E 98 5.93 -19.82 44.74
N GLY E 99 4.90 -19.63 43.90
CA GLY E 99 4.46 -18.31 43.51
C GLY E 99 4.04 -17.48 44.73
N ARG E 100 3.31 -18.12 45.65
CA ARG E 100 2.85 -17.46 46.86
C ARG E 100 4.05 -17.03 47.71
N ARG E 101 5.02 -17.92 47.84
CA ARG E 101 6.23 -17.64 48.60
C ARG E 101 6.94 -16.43 48.00
N LEU E 102 7.07 -16.40 46.68
CA LEU E 102 7.75 -15.30 46.00
C LEU E 102 6.97 -14.01 46.22
N ALA E 103 5.64 -14.07 46.07
CA ALA E 103 4.81 -12.88 46.15
C ALA E 103 4.93 -12.26 47.54
N ALA E 104 5.22 -13.10 48.53
CA ALA E 104 5.21 -12.67 49.93
C ALA E 104 6.51 -11.93 50.26
N ILE E 105 7.49 -11.98 49.36
CA ILE E 105 8.79 -11.36 49.62
C ILE E 105 8.63 -9.85 49.70
N HIS E 106 7.90 -9.27 48.74
CA HIS E 106 7.70 -7.84 48.63
C HIS E 106 6.47 -7.60 47.75
N PRO E 107 5.60 -6.60 48.06
CA PRO E 107 4.42 -6.36 47.27
C PRO E 107 4.69 -6.15 45.78
N ASN E 108 5.92 -5.78 45.42
CA ASN E 108 6.23 -5.41 44.04
C ASN E 108 6.63 -6.63 43.24
N ILE E 109 6.69 -7.81 43.87
CA ILE E 109 7.09 -9.03 43.17
C ILE E 109 5.96 -9.45 42.23
N VAL E 110 6.33 -9.68 40.98
CA VAL E 110 5.49 -10.36 39.99
C VAL E 110 6.01 -11.78 39.79
N VAL E 111 5.10 -12.75 39.75
CA VAL E 111 5.48 -14.15 39.63
C VAL E 111 5.56 -14.51 38.14
N LYS E 112 6.74 -14.94 37.71
CA LYS E 112 6.93 -15.49 36.37
C LYS E 112 6.63 -16.98 36.39
N LEU E 113 5.77 -17.41 35.45
CA LEU E 113 5.53 -18.82 35.18
C LEU E 113 5.91 -19.11 33.73
N PRO E 114 6.38 -20.33 33.41
CA PRO E 114 6.58 -20.72 32.02
C PRO E 114 5.25 -21.00 31.34
N THR E 115 5.14 -20.66 30.05
CA THR E 115 3.86 -20.79 29.37
C THR E 115 3.72 -22.24 28.89
N THR E 116 3.29 -23.08 29.83
CA THR E 116 3.06 -24.50 29.60
C THR E 116 1.69 -24.86 30.15
N GLU E 117 1.26 -26.11 29.95
CA GLU E 117 -0.04 -26.54 30.46
C GLU E 117 -0.10 -26.26 31.96
N GLU E 118 0.94 -26.68 32.68
CA GLU E 118 0.98 -26.55 34.13
C GLU E 118 1.01 -25.06 34.50
N GLY E 119 1.73 -24.28 33.68
CA GLY E 119 1.85 -22.84 33.89
C GLY E 119 0.50 -22.14 33.82
N LEU E 120 -0.32 -22.53 32.84
CA LEU E 120 -1.66 -21.97 32.68
C LEU E 120 -2.45 -22.23 33.96
N LYS E 121 -2.41 -23.48 34.43
CA LYS E 121 -3.16 -23.89 35.61
C LYS E 121 -2.75 -23.01 36.79
N ALA E 122 -1.44 -22.81 36.96
CA ALA E 122 -0.92 -22.05 38.08
C ALA E 122 -1.27 -20.57 37.93
N CYS E 123 -1.20 -20.08 36.69
CA CYS E 123 -1.56 -18.71 36.37
C CYS E 123 -3.00 -18.44 36.82
N LYS E 124 -3.89 -19.38 36.51
CA LYS E 124 -5.31 -19.20 36.77
C LYS E 124 -5.52 -19.01 38.27
N ARG E 125 -4.83 -19.84 39.08
CA ARG E 125 -5.05 -19.85 40.52
C ARG E 125 -4.42 -18.61 41.14
N LEU E 126 -3.15 -18.34 40.80
CA LEU E 126 -2.43 -17.23 41.38
C LEU E 126 -3.16 -15.92 41.04
N SER E 127 -3.59 -15.76 39.79
CA SER E 127 -4.22 -14.52 39.37
C SER E 127 -5.56 -14.33 40.08
N ALA E 128 -6.28 -15.44 40.30
CA ALA E 128 -7.56 -15.39 41.00
C ALA E 128 -7.36 -14.90 42.43
N GLU E 129 -6.16 -15.13 42.97
CA GLU E 129 -5.82 -14.77 44.34
C GLU E 129 -5.37 -13.32 44.41
N GLY E 130 -5.16 -12.70 43.23
CA GLY E 130 -4.78 -11.29 43.15
C GLY E 130 -3.28 -11.10 43.04
N ILE E 131 -2.55 -12.20 42.78
CA ILE E 131 -1.13 -12.12 42.50
C ILE E 131 -0.93 -11.86 41.02
N LYS E 132 -0.03 -10.91 40.70
CA LYS E 132 0.25 -10.55 39.32
C LYS E 132 1.19 -11.59 38.72
N VAL E 133 0.81 -12.12 37.55
CA VAL E 133 1.54 -13.20 36.90
C VAL E 133 2.11 -12.70 35.58
N ASN E 134 3.40 -12.99 35.37
CA ASN E 134 4.10 -12.72 34.12
C ASN E 134 4.36 -14.06 33.43
N MET E 135 3.61 -14.32 32.36
CA MET E 135 3.75 -15.56 31.62
C MET E 135 4.87 -15.41 30.60
N THR E 136 5.87 -16.30 30.68
CA THR E 136 7.15 -16.08 30.03
C THR E 136 7.47 -17.29 29.15
N LEU E 137 8.66 -17.26 28.53
CA LEU E 137 9.07 -18.23 27.54
C LEU E 137 7.99 -18.34 26.46
N ILE E 138 7.56 -17.20 25.96
CA ILE E 138 6.52 -17.14 24.94
C ILE E 138 7.17 -16.88 23.58
N PHE E 139 6.77 -17.69 22.59
CA PHE E 139 7.40 -17.66 21.27
C PHE E 139 6.35 -17.67 20.16
N SER E 140 5.07 -17.66 20.54
CA SER E 140 4.00 -17.54 19.55
C SER E 140 2.87 -16.69 20.13
N ALA E 141 2.10 -16.07 19.22
CA ALA E 141 0.94 -15.29 19.61
C ALA E 141 -0.09 -16.19 20.29
N ASN E 142 -0.18 -17.45 19.86
CA ASN E 142 -1.15 -18.37 20.42
C ASN E 142 -0.83 -18.62 21.89
N GLN E 143 0.47 -18.70 22.22
CA GLN E 143 0.87 -18.90 23.60
C GLN E 143 0.44 -17.70 24.44
N ALA E 144 0.64 -16.49 23.90
CA ALA E 144 0.29 -15.27 24.60
C ALA E 144 -1.23 -15.20 24.80
N LEU E 145 -1.99 -15.67 23.81
CA LEU E 145 -3.44 -15.65 23.88
C LEU E 145 -3.92 -16.55 25.02
N LEU E 146 -3.37 -17.77 25.09
CA LEU E 146 -3.70 -18.70 26.15
C LEU E 146 -3.36 -18.09 27.50
N ALA E 147 -2.17 -17.47 27.58
CA ALA E 147 -1.72 -16.81 28.80
C ALA E 147 -2.76 -15.77 29.23
N ALA E 148 -3.24 -14.98 28.26
CA ALA E 148 -4.19 -13.92 28.54
C ALA E 148 -5.49 -14.53 29.08
N ARG E 149 -5.94 -15.63 28.47
CA ARG E 149 -7.20 -16.25 28.86
C ARG E 149 -7.08 -16.79 30.29
N ALA E 150 -5.85 -17.10 30.72
CA ALA E 150 -5.62 -17.76 32.00
C ALA E 150 -5.43 -16.74 33.12
N GLY E 151 -5.39 -15.44 32.77
CA GLY E 151 -5.43 -14.38 33.76
C GLY E 151 -4.08 -13.67 33.91
N ALA E 152 -3.18 -13.88 32.96
CA ALA E 152 -1.88 -13.22 32.97
C ALA E 152 -2.05 -11.71 33.10
N SER E 153 -1.19 -11.08 33.90
CA SER E 153 -1.06 -9.64 33.92
C SER E 153 -0.06 -9.17 32.87
N TYR E 154 0.93 -10.03 32.58
CA TYR E 154 1.97 -9.72 31.60
C TYR E 154 2.22 -10.96 30.74
N VAL E 155 2.60 -10.72 29.48
CA VAL E 155 3.19 -11.75 28.64
C VAL E 155 4.53 -11.23 28.10
N SER E 156 5.51 -12.14 28.04
CA SER E 156 6.89 -11.79 27.72
C SER E 156 7.37 -12.60 26.53
N PRO E 157 7.07 -12.17 25.27
CA PRO E 157 7.70 -12.76 24.10
C PRO E 157 9.20 -12.51 24.05
N PHE E 158 9.94 -13.51 23.54
CA PHE E 158 11.40 -13.44 23.47
C PHE E 158 11.82 -13.13 22.04
N LEU E 159 12.18 -11.86 21.79
CA LEU E 159 12.56 -11.42 20.46
C LEU E 159 13.86 -12.10 20.04
N GLY E 160 14.87 -12.02 20.91
CA GLY E 160 16.24 -12.32 20.52
C GLY E 160 16.41 -13.80 20.17
N ARG E 161 15.74 -14.67 20.93
CA ARG E 161 15.90 -16.10 20.76
C ARG E 161 15.23 -16.54 19.46
N VAL E 162 14.26 -15.73 19.00
CA VAL E 162 13.62 -16.00 17.72
C VAL E 162 14.56 -15.58 16.59
N ASP E 163 15.13 -14.37 16.69
CA ASP E 163 16.18 -13.94 15.79
C ASP E 163 17.24 -15.03 15.67
N ASP E 164 17.52 -15.70 16.79
CA ASP E 164 18.63 -16.64 16.87
C ASP E 164 18.38 -17.81 15.92
N ILE E 165 17.11 -18.15 15.68
CA ILE E 165 16.77 -19.26 14.81
C ILE E 165 16.31 -18.72 13.46
N SER E 166 16.72 -17.49 13.14
CA SER E 166 16.63 -16.97 11.78
C SER E 166 15.18 -16.64 11.43
N TRP E 167 14.34 -16.43 12.45
CA TRP E 167 13.02 -15.86 12.26
C TRP E 167 12.99 -14.44 12.82
N ASP E 168 12.02 -13.63 12.38
CA ASP E 168 11.96 -12.23 12.76
C ASP E 168 11.27 -12.10 14.12
N GLY E 169 12.07 -11.86 15.16
CA GLY E 169 11.54 -11.68 16.51
C GLY E 169 10.55 -10.52 16.57
N GLY E 170 10.80 -9.48 15.77
CA GLY E 170 9.95 -8.31 15.72
C GLY E 170 8.53 -8.67 15.30
N GLU E 171 8.42 -9.72 14.47
CA GLU E 171 7.14 -10.13 13.91
C GLU E 171 6.32 -10.84 14.99
N LEU E 172 7.00 -11.58 15.88
CA LEU E 172 6.34 -12.17 17.03
C LEU E 172 5.73 -11.05 17.87
N LEU E 173 6.52 -10.00 18.14
CA LEU E 173 6.07 -8.92 18.99
C LEU E 173 4.87 -8.25 18.34
N ARG E 174 4.95 -8.03 17.02
CA ARG E 174 3.91 -7.35 16.27
C ARG E 174 2.60 -8.11 16.40
N GLU E 175 2.63 -9.43 16.19
CA GLU E 175 1.41 -10.23 16.20
C GLU E 175 0.77 -10.14 17.59
N ILE E 176 1.60 -10.22 18.63
CA ILE E 176 1.10 -10.25 19.99
C ILE E 176 0.50 -8.89 20.32
N VAL E 177 1.20 -7.81 19.98
CA VAL E 177 0.74 -6.47 20.28
C VAL E 177 -0.56 -6.21 19.53
N GLU E 178 -0.58 -6.56 18.24
CA GLU E 178 -1.75 -6.31 17.40
C GLU E 178 -2.94 -7.12 17.92
N MET E 179 -2.68 -8.38 18.27
CA MET E 179 -3.73 -9.26 18.77
C MET E 179 -4.36 -8.64 20.00
N ILE E 180 -3.52 -8.11 20.89
CA ILE E 180 -3.99 -7.64 22.19
C ILE E 180 -4.69 -6.30 22.01
N GLN E 181 -4.27 -5.52 21.02
CA GLN E 181 -4.91 -4.25 20.69
C GLN E 181 -6.29 -4.51 20.10
N VAL E 182 -6.33 -5.41 19.10
CA VAL E 182 -7.54 -5.68 18.35
C VAL E 182 -8.60 -6.24 19.29
N GLN E 183 -8.16 -7.07 20.24
CA GLN E 183 -9.07 -7.82 21.10
C GLN E 183 -9.29 -7.05 22.40
N ASP E 184 -8.51 -5.99 22.58
CA ASP E 184 -8.61 -5.13 23.76
C ASP E 184 -8.47 -5.97 25.03
N LEU E 185 -7.48 -6.87 25.04
CA LEU E 185 -7.18 -7.67 26.23
C LEU E 185 -6.36 -6.83 27.21
N PRO E 186 -6.69 -6.86 28.52
CA PRO E 186 -6.02 -6.02 29.50
C PRO E 186 -4.55 -6.37 29.71
N VAL E 187 -4.14 -7.56 29.25
CA VAL E 187 -2.79 -8.05 29.51
C VAL E 187 -1.79 -7.05 28.93
N LYS E 188 -0.67 -6.87 29.64
CA LYS E 188 0.40 -6.00 29.19
C LYS E 188 1.50 -6.82 28.52
N VAL E 189 2.10 -6.23 27.48
CA VAL E 189 3.10 -6.93 26.69
C VAL E 189 4.48 -6.41 27.07
N ILE E 190 5.35 -7.34 27.51
CA ILE E 190 6.74 -7.06 27.75
C ILE E 190 7.56 -7.59 26.57
N ALA E 191 8.25 -6.68 25.87
CA ALA E 191 9.26 -7.09 24.91
C ALA E 191 10.51 -7.55 25.65
N ALA E 192 10.81 -8.86 25.55
CA ALA E 192 11.92 -9.46 26.28
C ALA E 192 12.90 -10.07 25.29
N SER E 193 13.98 -10.66 25.83
CA SER E 193 15.09 -11.14 25.03
C SER E 193 15.54 -10.05 24.05
N ILE E 194 15.82 -8.86 24.59
CA ILE E 194 16.22 -7.72 23.77
C ILE E 194 17.74 -7.74 23.60
N ARG E 195 18.20 -7.44 22.38
CA ARG E 195 19.58 -7.71 21.98
C ARG E 195 20.26 -6.43 21.52
N HIS E 196 19.48 -5.44 21.08
CA HIS E 196 20.04 -4.24 20.47
C HIS E 196 19.06 -3.08 20.60
N PRO E 197 19.53 -1.82 20.46
CA PRO E 197 18.67 -0.64 20.58
C PRO E 197 17.40 -0.66 19.73
N ARG E 198 17.45 -1.29 18.55
CA ARG E 198 16.36 -1.16 17.60
C ARG E 198 15.21 -2.07 18.01
N HIS E 199 15.50 -3.10 18.83
CA HIS E 199 14.45 -3.88 19.46
C HIS E 199 13.57 -2.97 20.30
N VAL E 200 14.22 -2.03 21.01
CA VAL E 200 13.52 -1.12 21.91
C VAL E 200 12.64 -0.18 21.08
N THR E 201 13.21 0.41 20.02
CA THR E 201 12.47 1.34 19.18
C THR E 201 11.27 0.63 18.57
N GLU E 202 11.48 -0.58 18.04
CA GLU E 202 10.41 -1.33 17.39
C GLU E 202 9.29 -1.56 18.39
N ALA E 203 9.66 -1.93 19.63
CA ALA E 203 8.67 -2.19 20.66
C ALA E 203 7.87 -0.93 20.95
N ALA E 204 8.57 0.21 21.00
CA ALA E 204 7.95 1.49 21.30
C ALA E 204 6.96 1.86 20.20
N LEU E 205 7.37 1.64 18.94
CA LEU E 205 6.59 2.05 17.79
C LEU E 205 5.35 1.18 17.64
N LEU E 206 5.48 -0.10 18.03
CA LEU E 206 4.40 -1.06 17.89
C LEU E 206 3.32 -0.81 18.95
N GLY E 207 3.75 -0.33 20.12
CA GLY E 207 2.85 -0.06 21.23
C GLY E 207 2.93 -1.12 22.32
N ALA E 208 4.09 -1.77 22.45
CA ALA E 208 4.35 -2.62 23.60
C ALA E 208 4.31 -1.80 24.88
N ASP E 209 4.03 -2.45 26.01
CA ASP E 209 3.82 -1.76 27.27
C ASP E 209 5.15 -1.57 28.00
N ILE E 210 6.02 -2.58 27.90
CA ILE E 210 7.29 -2.57 28.59
C ILE E 210 8.36 -3.12 27.63
N ALA E 211 9.56 -2.54 27.69
CA ALA E 211 10.74 -3.16 27.13
C ALA E 211 11.72 -3.47 28.26
N THR E 212 12.08 -4.75 28.40
CA THR E 212 13.06 -5.18 29.39
C THR E 212 14.31 -5.66 28.66
N MET E 213 15.46 -5.10 29.04
CA MET E 213 16.66 -5.25 28.23
C MET E 213 17.88 -5.42 29.14
N PRO E 214 18.94 -6.12 28.66
CA PRO E 214 20.20 -6.16 29.38
C PRO E 214 20.82 -4.78 29.60
N HIS E 215 21.64 -4.67 30.64
CA HIS E 215 22.28 -3.43 31.00
C HIS E 215 23.07 -2.88 29.82
N ALA E 216 23.74 -3.77 29.08
CA ALA E 216 24.60 -3.36 27.98
C ALA E 216 23.78 -2.62 26.92
N VAL E 217 22.54 -3.08 26.68
CA VAL E 217 21.69 -2.46 25.69
C VAL E 217 21.19 -1.13 26.23
N PHE E 218 20.82 -1.12 27.53
CA PHE E 218 20.32 0.09 28.16
C PHE E 218 21.38 1.19 28.03
N LYS E 219 22.65 0.81 28.20
CA LYS E 219 23.75 1.76 28.21
C LYS E 219 24.03 2.26 26.80
N GLN E 220 23.50 1.58 25.79
CA GLN E 220 23.72 1.96 24.39
C GLN E 220 22.76 3.06 23.98
N LEU E 221 21.58 3.08 24.62
CA LEU E 221 20.42 3.77 24.07
C LEU E 221 20.76 5.25 23.83
N LEU E 222 21.63 5.81 24.68
CA LEU E 222 21.86 7.25 24.68
C LEU E 222 22.92 7.64 23.66
N LYS E 223 23.65 6.64 23.14
CA LYS E 223 24.93 6.91 22.51
C LYS E 223 24.73 7.17 21.02
N HIS E 224 24.39 8.42 20.69
CA HIS E 224 24.45 8.91 19.32
C HIS E 224 25.56 9.95 19.19
N PRO E 225 26.50 9.77 18.25
CA PRO E 225 27.68 10.63 18.16
C PRO E 225 27.37 12.12 18.01
N LEU E 226 26.23 12.46 17.42
CA LEU E 226 25.94 13.86 17.10
C LEU E 226 25.66 14.62 18.38
N THR E 227 25.27 13.91 19.45
CA THR E 227 24.99 14.57 20.72
C THR E 227 26.27 15.18 21.27
N ASP E 228 27.34 14.38 21.40
CA ASP E 228 28.56 14.88 22.01
C ASP E 228 29.24 15.88 21.08
N ILE E 229 29.16 15.63 19.76
CA ILE E 229 29.73 16.54 18.79
C ILE E 229 29.08 17.91 18.94
N GLY E 230 27.74 17.92 19.08
CA GLY E 230 26.99 19.15 19.22
C GLY E 230 27.31 19.85 20.54
N LEU E 231 27.42 19.07 21.61
CA LEU E 231 27.67 19.61 22.93
C LEU E 231 29.03 20.31 22.94
N LYS E 232 30.01 19.67 22.29
CA LYS E 232 31.38 20.17 22.30
C LYS E 232 31.43 21.52 21.59
N ARG E 233 30.68 21.64 20.50
CA ARG E 233 30.69 22.85 19.69
C ARG E 233 29.97 23.98 20.44
N PHE E 234 28.85 23.64 21.07
CA PHE E 234 28.10 24.59 21.89
C PHE E 234 29.05 25.27 22.88
N LEU E 235 29.85 24.46 23.56
CA LEU E 235 30.65 24.93 24.68
C LEU E 235 31.82 25.75 24.14
N GLU E 236 32.38 25.33 23.00
CA GLU E 236 33.44 26.07 22.33
C GLU E 236 32.95 27.48 21.98
N ASP E 237 31.75 27.57 21.41
CA ASP E 237 31.21 28.84 20.97
C ASP E 237 30.93 29.73 22.18
N TRP E 238 30.41 29.10 23.25
CA TRP E 238 30.11 29.77 24.50
C TRP E 238 31.34 30.44 25.08
N GLU E 239 32.45 29.68 25.11
CA GLU E 239 33.69 30.12 25.74
C GLU E 239 34.23 31.36 25.00
N LYS E 240 34.13 31.34 23.66
CA LYS E 240 34.80 32.33 22.84
C LYS E 240 34.32 33.73 23.22
N VAL E 241 33.09 33.81 23.74
CA VAL E 241 32.44 35.10 23.92
C VAL E 241 32.48 35.51 25.39
N LYS E 242 32.97 34.63 26.26
CA LYS E 242 33.16 34.95 27.66
C LYS E 242 34.38 35.86 27.80
N PRO E 243 34.37 36.84 28.74
CA PRO E 243 35.45 37.80 28.85
C PRO E 243 36.76 37.17 29.33
N SER F 19 9.16 -21.03 -14.22
CA SER F 19 9.04 -21.80 -12.96
C SER F 19 8.22 -23.07 -13.20
N HIS F 20 7.18 -22.93 -14.03
CA HIS F 20 6.26 -24.02 -14.34
C HIS F 20 6.21 -25.00 -13.16
N MET F 21 5.24 -24.80 -12.28
CA MET F 21 5.23 -25.52 -11.01
C MET F 21 4.76 -26.95 -11.23
N GLU F 22 5.51 -27.89 -10.63
CA GLU F 22 5.23 -29.31 -10.79
C GLU F 22 4.63 -29.85 -9.50
N LEU F 23 3.77 -30.86 -9.64
CA LEU F 23 3.12 -31.49 -8.50
C LEU F 23 3.78 -32.84 -8.22
N TYR F 24 4.16 -33.05 -6.95
CA TYR F 24 4.78 -34.28 -6.52
C TYR F 24 3.87 -34.96 -5.51
N LEU F 25 4.08 -36.27 -5.34
CA LEU F 25 3.42 -37.04 -4.31
C LEU F 25 4.40 -37.33 -3.19
N ASP F 26 4.02 -37.00 -1.95
CA ASP F 26 4.89 -37.09 -0.80
C ASP F 26 4.56 -38.38 -0.05
N THR F 27 4.88 -39.52 -0.68
CA THR F 27 4.44 -40.82 -0.23
C THR F 27 5.39 -41.87 -0.79
N ALA F 28 5.57 -42.97 -0.03
CA ALA F 28 6.30 -44.12 -0.52
C ALA F 28 5.35 -45.14 -1.12
N SER F 29 4.09 -45.08 -0.67
CA SER F 29 3.04 -45.97 -1.16
C SER F 29 2.96 -45.90 -2.68
N LEU F 30 3.09 -47.07 -3.31
CA LEU F 30 3.12 -47.18 -4.76
C LEU F 30 1.69 -47.29 -5.28
N GLU F 31 0.78 -47.69 -4.38
CA GLU F 31 -0.65 -47.61 -4.61
C GLU F 31 -1.04 -46.17 -4.95
N GLU F 32 -0.75 -45.25 -4.02
CA GLU F 32 -1.13 -43.86 -4.15
C GLU F 32 -0.60 -43.30 -5.47
N ILE F 33 0.60 -43.73 -5.86
CA ILE F 33 1.35 -43.08 -6.91
C ILE F 33 0.75 -43.43 -8.27
N ARG F 34 0.30 -44.69 -8.43
CA ARG F 34 -0.17 -45.17 -9.71
C ARG F 34 -1.44 -44.39 -10.09
N GLU F 35 -2.27 -44.08 -9.09
CA GLU F 35 -3.57 -43.49 -9.32
C GLU F 35 -3.40 -42.08 -9.89
N ILE F 36 -2.49 -41.30 -9.28
CA ILE F 36 -2.32 -39.90 -9.63
C ILE F 36 -1.59 -39.81 -10.96
N ALA F 37 -0.67 -40.76 -11.20
CA ALA F 37 0.08 -40.81 -12.45
C ALA F 37 -0.88 -40.82 -13.63
N ALA F 38 -2.00 -41.54 -13.48
CA ALA F 38 -2.94 -41.76 -14.57
C ALA F 38 -3.60 -40.45 -14.96
N TRP F 39 -3.74 -39.53 -13.99
CA TRP F 39 -4.33 -38.23 -14.23
C TRP F 39 -3.49 -37.44 -15.23
N GLY F 40 -2.18 -37.73 -15.24
CA GLY F 40 -1.24 -37.07 -16.12
C GLY F 40 -0.67 -35.79 -15.52
N VAL F 41 -0.71 -35.69 -14.18
CA VAL F 41 -0.36 -34.45 -13.50
C VAL F 41 0.81 -34.68 -12.56
N LEU F 42 1.37 -35.89 -12.52
CA LEU F 42 2.36 -36.25 -11.52
C LEU F 42 3.76 -36.12 -12.12
N SER F 43 4.60 -35.30 -11.48
CA SER F 43 5.90 -34.96 -12.01
C SER F 43 7.01 -35.70 -11.26
N GLY F 44 6.74 -36.13 -10.03
CA GLY F 44 7.76 -36.69 -9.17
C GLY F 44 7.20 -37.22 -7.85
N VAL F 45 8.09 -37.83 -7.04
CA VAL F 45 7.74 -38.32 -5.72
C VAL F 45 8.86 -37.97 -4.75
N THR F 46 8.48 -37.59 -3.51
CA THR F 46 9.42 -37.48 -2.41
C THR F 46 9.10 -38.56 -1.36
N THR F 47 10.16 -39.19 -0.83
CA THR F 47 10.06 -40.03 0.35
C THR F 47 10.91 -39.45 1.46
N ASN F 48 10.63 -39.89 2.70
CA ASN F 48 11.50 -39.67 3.84
C ASN F 48 11.51 -40.92 4.71
N PRO F 49 12.48 -41.08 5.63
CA PRO F 49 12.59 -42.29 6.43
C PRO F 49 11.27 -42.71 7.08
N THR F 50 10.51 -41.72 7.56
CA THR F 50 9.25 -42.00 8.24
C THR F 50 8.27 -42.65 7.25
N LEU F 51 8.15 -42.06 6.05
CA LEU F 51 7.19 -42.52 5.06
C LEU F 51 7.66 -43.82 4.44
N VAL F 52 8.98 -43.91 4.19
CA VAL F 52 9.60 -45.18 3.82
C VAL F 52 9.14 -46.25 4.81
N ALA F 53 9.09 -45.86 6.09
CA ALA F 53 8.93 -46.80 7.19
C ALA F 53 7.53 -47.40 7.16
N LYS F 54 6.50 -46.54 7.08
CA LYS F 54 5.13 -46.97 7.28
C LYS F 54 4.59 -47.63 6.01
N ALA F 55 5.32 -47.46 4.91
CA ALA F 55 5.05 -48.21 3.69
C ALA F 55 5.38 -49.68 3.92
N PHE F 56 6.44 -49.92 4.71
CA PHE F 56 7.00 -51.25 4.87
C PHE F 56 6.32 -51.96 6.04
N ALA F 57 5.87 -51.17 7.02
CA ALA F 57 5.11 -51.70 8.14
C ALA F 57 3.72 -52.11 7.69
N ALA F 58 3.10 -51.28 6.85
CA ALA F 58 1.70 -51.44 6.48
C ALA F 58 1.56 -52.60 5.50
N LYS F 59 2.46 -52.68 4.52
CA LYS F 59 2.43 -53.73 3.52
C LYS F 59 2.93 -55.03 4.14
N GLY F 60 3.73 -54.91 5.21
CA GLY F 60 3.93 -55.99 6.16
C GLY F 60 5.21 -56.77 5.87
N GLU F 61 6.00 -56.28 4.90
CA GLU F 61 7.25 -56.91 4.52
C GLU F 61 8.40 -56.20 5.23
N ALA F 62 9.63 -56.69 5.01
CA ALA F 62 10.77 -56.26 5.80
C ALA F 62 11.83 -55.63 4.91
N LEU F 63 12.75 -54.90 5.55
CA LEU F 63 13.51 -53.84 4.90
C LEU F 63 14.89 -54.38 4.51
N THR F 64 14.92 -55.31 3.55
CA THR F 64 16.13 -55.62 2.81
C THR F 64 16.62 -54.37 2.10
N GLU F 65 17.94 -54.15 2.09
CA GLU F 65 18.51 -53.02 1.38
C GLU F 65 18.30 -53.23 -0.12
N GLU F 66 18.03 -54.48 -0.52
CA GLU F 66 17.81 -54.82 -1.91
C GLU F 66 16.32 -54.70 -2.24
N ALA F 67 15.48 -54.79 -1.20
CA ALA F 67 14.04 -54.66 -1.37
C ALA F 67 13.64 -53.19 -1.25
N PHE F 68 14.55 -52.37 -0.71
CA PHE F 68 14.36 -50.93 -0.62
C PHE F 68 14.81 -50.29 -1.92
N ALA F 69 15.71 -50.97 -2.64
CA ALA F 69 16.17 -50.53 -3.95
C ALA F 69 15.20 -51.00 -5.02
N ALA F 70 14.52 -52.12 -4.75
CA ALA F 70 13.50 -52.64 -5.64
C ALA F 70 12.30 -51.69 -5.66
N HIS F 71 11.92 -51.19 -4.48
CA HIS F 71 10.78 -50.29 -4.36
C HIS F 71 11.11 -48.97 -5.04
N LEU F 72 12.19 -48.32 -4.59
CA LEU F 72 12.62 -47.05 -5.13
C LEU F 72 12.63 -47.13 -6.65
N ARG F 73 13.13 -48.25 -7.18
CA ARG F 73 13.31 -48.41 -8.62
C ARG F 73 11.94 -48.54 -9.28
N ALA F 74 10.98 -49.09 -8.54
CA ALA F 74 9.62 -49.28 -9.03
C ALA F 74 8.88 -47.95 -9.02
N ILE F 75 9.13 -47.15 -7.98
CA ILE F 75 8.58 -45.80 -7.90
C ILE F 75 9.09 -44.98 -9.08
N CYS F 76 10.41 -44.98 -9.28
CA CYS F 76 11.01 -44.28 -10.40
C CYS F 76 10.31 -44.67 -11.70
N GLU F 77 10.14 -45.99 -11.88
CA GLU F 77 9.57 -46.53 -13.09
C GLU F 77 8.14 -46.01 -13.27
N THR F 78 7.39 -45.94 -12.16
CA THR F 78 5.96 -45.65 -12.22
C THR F 78 5.76 -44.20 -12.67
N VAL F 79 6.55 -43.28 -12.11
CA VAL F 79 6.24 -41.86 -12.17
C VAL F 79 6.96 -41.24 -13.36
N GLY F 80 8.11 -41.80 -13.72
CA GLY F 80 8.88 -41.33 -14.86
C GLY F 80 9.43 -39.92 -14.62
N GLY F 81 9.66 -39.59 -13.36
CA GLY F 81 10.23 -38.31 -12.98
C GLY F 81 11.06 -38.41 -11.72
N PRO F 82 11.69 -37.30 -11.26
CA PRO F 82 12.57 -37.34 -10.09
C PRO F 82 11.91 -37.99 -8.87
N VAL F 83 12.71 -38.79 -8.15
CA VAL F 83 12.25 -39.43 -6.93
C VAL F 83 13.29 -39.18 -5.83
N SER F 84 12.82 -38.60 -4.73
CA SER F 84 13.69 -38.22 -3.62
C SER F 84 13.80 -39.37 -2.62
N ALA F 85 15.04 -39.69 -2.24
CA ALA F 85 15.28 -40.68 -1.19
C ALA F 85 16.32 -40.14 -0.21
N GLU F 86 16.06 -40.34 1.09
CA GLU F 86 16.79 -39.66 2.14
C GLU F 86 17.84 -40.60 2.73
N VAL F 87 19.04 -40.07 2.95
CA VAL F 87 20.08 -40.78 3.70
C VAL F 87 19.61 -40.92 5.14
N THR F 88 20.15 -41.94 5.83
CA THR F 88 19.96 -42.10 7.26
C THR F 88 21.30 -41.93 7.97
N ALA F 89 22.38 -41.90 7.19
CA ALA F 89 23.73 -41.79 7.73
C ALA F 89 23.89 -40.48 8.50
N LEU F 90 24.84 -40.47 9.43
CA LEU F 90 24.92 -39.46 10.47
C LEU F 90 25.90 -38.37 10.05
N GLU F 91 27.04 -38.79 9.48
CA GLU F 91 28.17 -37.90 9.25
C GLU F 91 28.50 -37.89 7.76
N ALA F 92 29.24 -36.86 7.33
CA ALA F 92 29.34 -36.52 5.93
C ALA F 92 29.80 -37.72 5.12
N GLU F 93 30.89 -38.35 5.57
CA GLU F 93 31.53 -39.42 4.82
C GLU F 93 30.49 -40.50 4.50
N ALA F 94 29.75 -40.92 5.54
CA ALA F 94 28.79 -42.00 5.40
C ALA F 94 27.60 -41.54 4.56
N MET F 95 27.30 -40.23 4.64
CA MET F 95 26.22 -39.65 3.86
C MET F 95 26.56 -39.74 2.37
N VAL F 96 27.80 -39.37 2.03
CA VAL F 96 28.26 -39.38 0.64
C VAL F 96 28.19 -40.81 0.12
N ALA F 97 28.70 -41.76 0.91
CA ALA F 97 28.70 -43.16 0.52
C ALA F 97 27.27 -43.61 0.21
N GLU F 98 26.35 -43.28 1.12
CA GLU F 98 24.97 -43.73 1.03
C GLU F 98 24.29 -43.01 -0.14
N GLY F 99 24.69 -41.76 -0.36
CA GLY F 99 24.15 -40.96 -1.45
C GLY F 99 24.43 -41.60 -2.81
N ARG F 100 25.68 -42.06 -2.99
CA ARG F 100 26.12 -42.59 -4.27
C ARG F 100 25.34 -43.87 -4.58
N ARG F 101 25.06 -44.66 -3.54
CA ARG F 101 24.36 -45.92 -3.68
C ARG F 101 22.90 -45.66 -4.05
N LEU F 102 22.29 -44.67 -3.38
CA LEU F 102 20.92 -44.28 -3.68
C LEU F 102 20.84 -43.86 -5.14
N ALA F 103 21.78 -43.01 -5.56
CA ALA F 103 21.80 -42.45 -6.90
C ALA F 103 21.90 -43.57 -7.94
N ALA F 104 22.67 -44.62 -7.60
CA ALA F 104 22.98 -45.67 -8.54
C ALA F 104 21.74 -46.52 -8.82
N ILE F 105 20.73 -46.43 -7.94
CA ILE F 105 19.55 -47.27 -8.04
C ILE F 105 18.82 -46.96 -9.34
N HIS F 106 18.89 -45.69 -9.76
CA HIS F 106 18.14 -45.20 -10.90
C HIS F 106 18.55 -43.76 -11.19
N PRO F 107 18.72 -43.37 -12.47
CA PRO F 107 19.14 -42.01 -12.80
C PRO F 107 18.14 -40.92 -12.37
N ASN F 108 16.93 -41.33 -12.01
CA ASN F 108 15.89 -40.38 -11.60
C ASN F 108 16.10 -39.99 -10.15
N ILE F 109 16.82 -40.81 -9.39
CA ILE F 109 16.86 -40.69 -7.94
C ILE F 109 17.56 -39.38 -7.57
N VAL F 110 16.94 -38.65 -6.65
CA VAL F 110 17.53 -37.46 -6.05
C VAL F 110 17.80 -37.76 -4.57
N VAL F 111 18.97 -37.34 -4.07
CA VAL F 111 19.37 -37.63 -2.71
C VAL F 111 18.92 -36.49 -1.80
N LYS F 112 18.08 -36.83 -0.82
CA LYS F 112 17.72 -35.92 0.26
C LYS F 112 18.76 -36.01 1.37
N LEU F 113 19.34 -34.86 1.73
CA LEU F 113 20.18 -34.75 2.91
C LEU F 113 19.50 -33.81 3.91
N PRO F 114 19.71 -34.02 5.23
CA PRO F 114 19.30 -33.03 6.22
C PRO F 114 20.19 -31.78 6.18
N THR F 115 19.56 -30.62 6.38
CA THR F 115 20.29 -29.36 6.31
C THR F 115 21.00 -29.13 7.64
N THR F 116 22.09 -29.90 7.83
CA THR F 116 22.96 -29.76 8.98
C THR F 116 24.37 -29.44 8.51
N GLU F 117 25.28 -29.27 9.47
CA GLU F 117 26.70 -29.13 9.21
C GLU F 117 27.15 -30.23 8.26
N GLU F 118 26.79 -31.48 8.61
CA GLU F 118 27.28 -32.65 7.91
C GLU F 118 26.58 -32.77 6.56
N GLY F 119 25.28 -32.42 6.54
CA GLY F 119 24.50 -32.36 5.33
C GLY F 119 25.16 -31.48 4.28
N LEU F 120 25.66 -30.31 4.70
CA LEU F 120 26.25 -29.34 3.79
C LEU F 120 27.47 -29.96 3.11
N LYS F 121 28.34 -30.57 3.93
CA LYS F 121 29.60 -31.11 3.45
C LYS F 121 29.31 -32.18 2.41
N ALA F 122 28.35 -33.05 2.71
CA ALA F 122 27.95 -34.13 1.82
C ALA F 122 27.31 -33.54 0.56
N CYS F 123 26.40 -32.58 0.74
CA CYS F 123 25.76 -31.92 -0.38
C CYS F 123 26.81 -31.39 -1.35
N LYS F 124 27.85 -30.77 -0.78
CA LYS F 124 28.92 -30.20 -1.58
C LYS F 124 29.56 -31.28 -2.44
N ARG F 125 29.88 -32.43 -1.81
CA ARG F 125 30.65 -33.46 -2.49
C ARG F 125 29.77 -34.17 -3.52
N LEU F 126 28.53 -34.49 -3.13
CA LEU F 126 27.63 -35.23 -4.00
C LEU F 126 27.35 -34.42 -5.26
N SER F 127 27.12 -33.12 -5.08
CA SER F 127 26.70 -32.26 -6.19
C SER F 127 27.87 -32.05 -7.15
N ALA F 128 29.09 -32.05 -6.62
CA ALA F 128 30.27 -31.85 -7.45
C ALA F 128 30.51 -33.06 -8.34
N GLU F 129 29.96 -34.21 -7.94
CA GLU F 129 30.01 -35.43 -8.74
C GLU F 129 28.76 -35.52 -9.62
N GLY F 130 27.99 -34.43 -9.69
CA GLY F 130 26.85 -34.34 -10.58
C GLY F 130 25.67 -35.19 -10.10
N ILE F 131 25.62 -35.49 -8.79
CA ILE F 131 24.43 -36.08 -8.21
C ILE F 131 23.55 -34.96 -7.64
N LYS F 132 22.25 -35.06 -7.89
CA LYS F 132 21.31 -34.01 -7.53
C LYS F 132 20.89 -34.18 -6.07
N VAL F 133 20.98 -33.09 -5.31
CA VAL F 133 20.75 -33.15 -3.87
C VAL F 133 19.53 -32.29 -3.52
N ASN F 134 18.64 -32.88 -2.73
CA ASN F 134 17.50 -32.19 -2.16
C ASN F 134 17.74 -31.99 -0.66
N MET F 135 18.02 -30.74 -0.28
CA MET F 135 18.31 -30.41 1.11
C MET F 135 16.99 -30.16 1.85
N THR F 136 16.80 -30.89 2.96
CA THR F 136 15.48 -31.02 3.57
C THR F 136 15.56 -30.66 5.04
N LEU F 137 14.42 -30.75 5.74
CA LEU F 137 14.29 -30.31 7.11
C LEU F 137 14.71 -28.85 7.22
N ILE F 138 14.18 -28.02 6.32
CA ILE F 138 14.53 -26.61 6.26
C ILE F 138 13.41 -25.78 6.85
N PHE F 139 13.77 -24.83 7.73
CA PHE F 139 12.81 -24.16 8.59
C PHE F 139 13.09 -22.67 8.64
N SER F 140 14.16 -22.24 7.94
CA SER F 140 14.46 -20.82 7.80
C SER F 140 15.03 -20.55 6.41
N ALA F 141 14.93 -19.28 5.99
CA ALA F 141 15.51 -18.85 4.73
C ALA F 141 17.03 -18.99 4.78
N ASN F 142 17.61 -18.80 5.97
CA ASN F 142 19.06 -18.82 6.11
C ASN F 142 19.56 -20.24 5.82
N GLN F 143 18.79 -21.24 6.26
CA GLN F 143 19.14 -22.63 6.01
C GLN F 143 19.11 -22.90 4.51
N ALA F 144 18.08 -22.40 3.84
CA ALA F 144 17.93 -22.59 2.40
C ALA F 144 19.09 -21.92 1.67
N LEU F 145 19.50 -20.74 2.17
CA LEU F 145 20.59 -19.99 1.59
C LEU F 145 21.88 -20.83 1.64
N LEU F 146 22.16 -21.43 2.80
CA LEU F 146 23.36 -22.21 2.98
C LEU F 146 23.31 -23.42 2.04
N ALA F 147 22.13 -24.06 1.95
CA ALA F 147 21.95 -25.22 1.11
C ALA F 147 22.26 -24.85 -0.34
N ALA F 148 21.78 -23.68 -0.78
CA ALA F 148 22.01 -23.22 -2.13
C ALA F 148 23.50 -23.04 -2.38
N ARG F 149 24.21 -22.48 -1.39
CA ARG F 149 25.60 -22.14 -1.54
C ARG F 149 26.44 -23.42 -1.63
N ALA F 150 25.92 -24.51 -1.06
CA ALA F 150 26.66 -25.76 -0.99
C ALA F 150 26.28 -26.67 -2.15
N GLY F 151 25.41 -26.17 -3.04
CA GLY F 151 25.23 -26.75 -4.36
C GLY F 151 23.97 -27.59 -4.45
N ALA F 152 23.01 -27.34 -3.56
CA ALA F 152 21.73 -28.03 -3.61
C ALA F 152 21.04 -27.76 -4.94
N SER F 153 20.32 -28.77 -5.44
CA SER F 153 19.44 -28.60 -6.59
C SER F 153 18.03 -28.25 -6.13
N TYR F 154 17.69 -28.69 -4.91
CA TYR F 154 16.37 -28.43 -4.34
C TYR F 154 16.53 -28.06 -2.87
N VAL F 155 15.63 -27.20 -2.39
CA VAL F 155 15.45 -26.98 -0.97
C VAL F 155 13.99 -27.24 -0.62
N SER F 156 13.77 -27.88 0.54
CA SER F 156 12.46 -28.36 0.92
C SER F 156 12.07 -27.77 2.28
N PRO F 157 11.53 -26.53 2.31
CA PRO F 157 10.91 -26.01 3.53
C PRO F 157 9.63 -26.74 3.90
N PHE F 158 9.38 -26.85 5.21
CA PHE F 158 8.27 -27.62 5.74
C PHE F 158 7.20 -26.66 6.29
N LEU F 159 6.10 -26.50 5.54
CA LEU F 159 5.11 -25.50 5.86
C LEU F 159 4.32 -25.95 7.09
N GLY F 160 3.82 -27.18 7.05
CA GLY F 160 2.86 -27.68 8.03
C GLY F 160 3.45 -27.71 9.44
N ARG F 161 4.75 -28.06 9.53
CA ARG F 161 5.40 -28.25 10.82
C ARG F 161 5.64 -26.89 11.47
N VAL F 162 5.68 -25.84 10.64
CA VAL F 162 5.81 -24.48 11.13
C VAL F 162 4.44 -24.00 11.62
N ASP F 163 3.38 -24.28 10.84
CA ASP F 163 2.02 -24.05 11.28
C ASP F 163 1.83 -24.69 12.65
N ASP F 164 2.46 -25.85 12.85
CA ASP F 164 2.22 -26.69 14.01
C ASP F 164 2.65 -25.96 15.29
N ILE F 165 3.65 -25.08 15.17
CA ILE F 165 4.16 -24.37 16.33
C ILE F 165 3.69 -22.92 16.28
N SER F 166 2.60 -22.69 15.53
CA SER F 166 1.84 -21.45 15.61
C SER F 166 2.59 -20.31 14.93
N TRP F 167 3.45 -20.66 13.97
CA TRP F 167 4.06 -19.70 13.07
C TRP F 167 3.50 -19.91 11.65
N ASP F 168 3.67 -18.91 10.79
CA ASP F 168 3.09 -18.95 9.44
C ASP F 168 4.08 -19.65 8.50
N GLY F 169 3.76 -20.90 8.16
CA GLY F 169 4.59 -21.68 7.26
C GLY F 169 4.67 -21.03 5.88
N GLY F 170 3.60 -20.34 5.50
CA GLY F 170 3.54 -19.60 4.24
C GLY F 170 4.63 -18.54 4.18
N GLU F 171 4.94 -17.93 5.33
CA GLU F 171 5.92 -16.86 5.42
C GLU F 171 7.32 -17.41 5.22
N LEU F 172 7.57 -18.61 5.75
CA LEU F 172 8.81 -19.33 5.48
C LEU F 172 8.97 -19.49 3.97
N LEU F 173 7.93 -20.01 3.31
CA LEU F 173 7.99 -20.30 1.89
C LEU F 173 8.23 -19.00 1.13
N ARG F 174 7.54 -17.92 1.55
CA ARG F 174 7.63 -16.64 0.87
C ARG F 174 9.08 -16.14 0.91
N GLU F 175 9.70 -16.16 2.09
CA GLU F 175 11.03 -15.59 2.25
C GLU F 175 12.00 -16.35 1.36
N ILE F 176 11.85 -17.68 1.31
CA ILE F 176 12.77 -18.53 0.59
C ILE F 176 12.59 -18.28 -0.91
N VAL F 177 11.34 -18.25 -1.38
CA VAL F 177 11.06 -18.06 -2.78
C VAL F 177 11.58 -16.68 -3.20
N GLU F 178 11.29 -15.66 -2.37
CA GLU F 178 11.63 -14.29 -2.70
C GLU F 178 13.15 -14.14 -2.76
N MET F 179 13.84 -14.84 -1.85
CA MET F 179 15.29 -14.79 -1.76
C MET F 179 15.88 -15.40 -3.03
N ILE F 180 15.35 -16.56 -3.42
CA ILE F 180 15.83 -17.27 -4.59
C ILE F 180 15.59 -16.42 -5.84
N GLN F 181 14.41 -15.80 -5.93
CA GLN F 181 14.07 -14.94 -7.05
C GLN F 181 15.07 -13.78 -7.12
N VAL F 182 15.20 -13.05 -6.01
CA VAL F 182 15.93 -11.80 -5.97
C VAL F 182 17.40 -12.07 -6.30
N GLN F 183 17.91 -13.20 -5.79
CA GLN F 183 19.33 -13.51 -5.87
C GLN F 183 19.58 -14.29 -7.17
N ASP F 184 18.50 -14.72 -7.81
CA ASP F 184 18.57 -15.50 -9.05
C ASP F 184 19.46 -16.72 -8.83
N LEU F 185 19.17 -17.46 -7.75
CA LEU F 185 19.87 -18.69 -7.45
C LEU F 185 19.22 -19.85 -8.19
N PRO F 186 20.02 -20.73 -8.83
CA PRO F 186 19.46 -21.80 -9.67
C PRO F 186 18.64 -22.85 -8.92
N VAL F 187 18.78 -22.90 -7.59
CA VAL F 187 18.14 -23.93 -6.79
C VAL F 187 16.63 -23.86 -6.98
N LYS F 188 15.96 -25.01 -6.89
CA LYS F 188 14.51 -25.07 -6.98
C LYS F 188 13.92 -25.27 -5.59
N VAL F 189 12.72 -24.72 -5.38
CA VAL F 189 12.09 -24.71 -4.08
C VAL F 189 10.93 -25.70 -4.10
N ILE F 190 11.01 -26.71 -3.22
CA ILE F 190 9.94 -27.66 -3.01
C ILE F 190 9.16 -27.24 -1.76
N ALA F 191 7.89 -26.92 -1.94
CA ALA F 191 6.97 -26.76 -0.82
C ALA F 191 6.59 -28.13 -0.28
N ALA F 192 7.08 -28.44 0.93
CA ALA F 192 6.81 -29.71 1.58
C ALA F 192 6.02 -29.49 2.87
N SER F 193 5.72 -30.59 3.57
CA SER F 193 4.83 -30.56 4.73
C SER F 193 3.53 -29.86 4.37
N ILE F 194 2.90 -30.34 3.29
CA ILE F 194 1.63 -29.80 2.81
C ILE F 194 0.49 -30.49 3.55
N ARG F 195 -0.47 -29.70 4.04
CA ARG F 195 -1.51 -30.21 4.92
C ARG F 195 -2.90 -29.99 4.31
N HIS F 196 -3.04 -28.99 3.44
CA HIS F 196 -4.33 -28.62 2.90
C HIS F 196 -4.18 -27.95 1.54
N PRO F 197 -5.26 -27.91 0.72
CA PRO F 197 -5.19 -27.37 -0.63
C PRO F 197 -4.61 -25.96 -0.74
N ARG F 198 -4.80 -25.13 0.29
CA ARG F 198 -4.44 -23.72 0.18
C ARG F 198 -2.93 -23.58 0.34
N HIS F 199 -2.27 -24.57 0.93
CA HIS F 199 -0.82 -24.65 0.93
C HIS F 199 -0.32 -24.69 -0.52
N VAL F 200 -1.05 -25.43 -1.37
CA VAL F 200 -0.63 -25.64 -2.73
C VAL F 200 -0.85 -24.34 -3.52
N THR F 201 -2.00 -23.70 -3.31
CA THR F 201 -2.33 -22.48 -4.03
C THR F 201 -1.31 -21.41 -3.68
N GLU F 202 -0.93 -21.31 -2.40
CA GLU F 202 -0.03 -20.26 -1.96
C GLU F 202 1.36 -20.50 -2.56
N ALA F 203 1.78 -21.77 -2.58
CA ALA F 203 3.02 -22.15 -3.24
C ALA F 203 2.98 -21.74 -4.71
N ALA F 204 1.85 -22.01 -5.36
CA ALA F 204 1.69 -21.70 -6.77
C ALA F 204 1.80 -20.19 -6.99
N LEU F 205 1.14 -19.41 -6.12
CA LEU F 205 1.03 -17.97 -6.33
C LEU F 205 2.37 -17.30 -6.02
N LEU F 206 3.12 -17.87 -5.06
CA LEU F 206 4.37 -17.28 -4.61
C LEU F 206 5.43 -17.49 -5.70
N GLY F 207 5.37 -18.63 -6.39
CA GLY F 207 6.31 -18.95 -7.44
C GLY F 207 7.30 -20.04 -7.01
N ALA F 208 6.85 -20.92 -6.10
CA ALA F 208 7.55 -22.15 -5.82
C ALA F 208 7.66 -23.00 -7.08
N ASP F 209 8.61 -23.93 -7.09
CA ASP F 209 8.92 -24.71 -8.27
C ASP F 209 8.18 -26.04 -8.23
N ILE F 210 8.08 -26.60 -7.02
CA ILE F 210 7.44 -27.89 -6.80
C ILE F 210 6.59 -27.81 -5.54
N ALA F 211 5.42 -28.44 -5.58
CA ALA F 211 4.67 -28.77 -4.37
C ALA F 211 4.58 -30.29 -4.23
N THR F 212 5.00 -30.80 -3.07
CA THR F 212 4.89 -32.22 -2.78
C THR F 212 3.97 -32.43 -1.58
N MET F 213 3.04 -33.38 -1.71
CA MET F 213 1.89 -33.45 -0.84
C MET F 213 1.43 -34.91 -0.69
N PRO F 214 0.79 -35.25 0.45
CA PRO F 214 0.16 -36.56 0.61
C PRO F 214 -0.98 -36.81 -0.38
N HIS F 215 -1.25 -38.10 -0.60
CA HIS F 215 -2.29 -38.55 -1.53
C HIS F 215 -3.60 -37.83 -1.23
N ALA F 216 -3.98 -37.74 0.05
CA ALA F 216 -5.29 -37.27 0.43
C ALA F 216 -5.48 -35.81 0.03
N VAL F 217 -4.40 -35.01 0.12
CA VAL F 217 -4.45 -33.61 -0.26
C VAL F 217 -4.55 -33.54 -1.78
N PHE F 218 -3.74 -34.34 -2.47
CA PHE F 218 -3.70 -34.35 -3.92
C PHE F 218 -5.12 -34.58 -4.45
N LYS F 219 -5.83 -35.51 -3.82
CA LYS F 219 -7.16 -35.89 -4.25
C LYS F 219 -8.13 -34.74 -4.03
N GLN F 220 -7.92 -33.99 -2.95
CA GLN F 220 -8.78 -32.88 -2.58
C GLN F 220 -8.72 -31.79 -3.64
N LEU F 221 -7.55 -31.59 -4.24
CA LEU F 221 -7.28 -30.42 -5.07
C LEU F 221 -8.39 -30.29 -6.12
N LEU F 222 -8.92 -31.44 -6.55
CA LEU F 222 -9.70 -31.54 -7.76
C LEU F 222 -11.17 -31.22 -7.46
N LYS F 223 -11.54 -31.31 -6.18
CA LYS F 223 -12.94 -31.33 -5.78
C LYS F 223 -13.44 -29.91 -5.55
N HIS F 224 -14.61 -29.60 -6.12
CA HIS F 224 -15.35 -28.39 -5.80
C HIS F 224 -16.83 -28.64 -6.04
N PRO F 225 -17.73 -28.18 -5.13
CA PRO F 225 -19.15 -28.47 -5.25
C PRO F 225 -19.76 -27.93 -6.54
N LEU F 226 -19.22 -26.81 -7.06
CA LEU F 226 -19.80 -26.16 -8.21
C LEU F 226 -19.51 -26.97 -9.47
N THR F 227 -18.39 -27.71 -9.46
CA THR F 227 -18.07 -28.62 -10.54
C THR F 227 -19.07 -29.76 -10.56
N ASP F 228 -19.29 -30.37 -9.39
CA ASP F 228 -20.23 -31.46 -9.25
C ASP F 228 -21.60 -31.03 -9.76
N ILE F 229 -22.06 -29.87 -9.29
CA ILE F 229 -23.40 -29.38 -9.60
C ILE F 229 -23.48 -29.02 -11.09
N GLY F 230 -22.42 -28.38 -11.59
CA GLY F 230 -22.37 -27.95 -12.97
C GLY F 230 -22.44 -29.13 -13.94
N LEU F 231 -21.68 -30.19 -13.61
CA LEU F 231 -21.59 -31.37 -14.47
C LEU F 231 -22.94 -32.09 -14.48
N LYS F 232 -23.55 -32.20 -13.29
CA LYS F 232 -24.83 -32.89 -13.14
C LYS F 232 -25.87 -32.20 -14.01
N ARG F 233 -25.91 -30.87 -13.95
CA ARG F 233 -26.91 -30.09 -14.66
C ARG F 233 -26.67 -30.19 -16.16
N PHE F 234 -25.40 -30.10 -16.56
CA PHE F 234 -25.03 -30.12 -17.97
C PHE F 234 -25.51 -31.43 -18.60
N LEU F 235 -25.32 -32.53 -17.86
CA LEU F 235 -25.61 -33.86 -18.38
C LEU F 235 -27.12 -34.08 -18.43
N GLU F 236 -27.84 -33.47 -17.49
CA GLU F 236 -29.29 -33.45 -17.51
C GLU F 236 -29.78 -32.68 -18.74
N ASP F 237 -29.20 -31.51 -18.97
CA ASP F 237 -29.58 -30.67 -20.10
C ASP F 237 -29.47 -31.48 -21.37
N TRP F 238 -28.35 -32.20 -21.50
CA TRP F 238 -28.08 -33.00 -22.69
C TRP F 238 -29.16 -34.07 -22.85
N GLU F 239 -29.56 -34.70 -21.73
CA GLU F 239 -30.54 -35.77 -21.76
C GLU F 239 -31.85 -35.23 -22.35
N LYS F 240 -32.15 -33.95 -22.10
CA LYS F 240 -33.46 -33.39 -22.39
C LYS F 240 -33.64 -33.23 -23.90
N VAL F 241 -32.52 -33.12 -24.63
CA VAL F 241 -32.56 -32.56 -25.97
C VAL F 241 -31.98 -33.57 -26.96
N LYS F 242 -31.31 -34.61 -26.45
CA LYS F 242 -30.43 -35.42 -27.29
C LYS F 242 -31.28 -36.33 -28.19
N PRO F 243 -30.72 -36.79 -29.33
CA PRO F 243 -31.47 -37.61 -30.27
C PRO F 243 -32.40 -38.61 -29.59
N SER G 19 22.34 -11.57 -8.05
CA SER G 19 23.66 -11.23 -7.47
C SER G 19 24.28 -12.47 -6.82
N HIS G 20 23.53 -13.58 -6.85
CA HIS G 20 23.94 -14.82 -6.23
C HIS G 20 24.73 -14.51 -4.95
N MET G 21 23.98 -14.28 -3.87
CA MET G 21 24.56 -13.72 -2.65
C MET G 21 25.58 -14.71 -2.07
N GLU G 22 26.78 -14.20 -1.80
CA GLU G 22 27.87 -15.00 -1.27
C GLU G 22 28.00 -14.75 0.23
N LEU G 23 28.45 -15.77 0.96
CA LEU G 23 28.70 -15.66 2.39
C LEU G 23 30.21 -15.54 2.62
N TYR G 24 30.60 -14.51 3.39
CA TYR G 24 31.99 -14.33 3.80
C TYR G 24 32.10 -14.45 5.31
N LEU G 25 33.33 -14.66 5.80
CA LEU G 25 33.63 -14.56 7.21
C LEU G 25 34.32 -13.22 7.49
N ASP G 26 33.89 -12.57 8.59
CA ASP G 26 34.44 -11.30 9.02
C ASP G 26 35.34 -11.53 10.22
N THR G 27 36.56 -12.02 9.95
CA THR G 27 37.46 -12.50 10.98
C THR G 27 38.88 -12.52 10.44
N ALA G 28 39.86 -12.67 11.34
CA ALA G 28 41.24 -12.90 10.95
C ALA G 28 41.72 -14.23 11.50
N SER G 29 40.81 -14.96 12.17
CA SER G 29 41.14 -16.23 12.79
C SER G 29 41.12 -17.34 11.74
N LEU G 30 42.27 -18.00 11.56
CA LEU G 30 42.41 -19.05 10.57
C LEU G 30 41.57 -20.26 10.99
N GLU G 31 41.43 -20.44 12.31
CA GLU G 31 40.71 -21.57 12.87
C GLU G 31 39.24 -21.47 12.50
N GLU G 32 38.66 -20.29 12.74
CA GLU G 32 37.31 -19.98 12.32
C GLU G 32 37.16 -20.23 10.82
N ILE G 33 38.15 -19.78 10.04
CA ILE G 33 38.03 -19.74 8.60
C ILE G 33 38.11 -21.16 8.05
N ARG G 34 38.83 -22.04 8.76
CA ARG G 34 38.99 -23.42 8.34
C ARG G 34 37.66 -24.16 8.49
N GLU G 35 37.03 -24.01 9.66
CA GLU G 35 35.82 -24.78 9.98
C GLU G 35 34.78 -24.56 8.89
N ILE G 36 34.53 -23.29 8.53
CA ILE G 36 33.40 -22.94 7.68
C ILE G 36 33.75 -23.27 6.24
N ALA G 37 35.01 -23.04 5.86
CA ALA G 37 35.50 -23.44 4.55
C ALA G 37 35.04 -24.86 4.25
N ALA G 38 35.11 -25.73 5.27
CA ALA G 38 34.89 -27.14 5.10
C ALA G 38 33.41 -27.43 4.83
N TRP G 39 32.55 -26.43 5.02
CA TRP G 39 31.12 -26.59 4.79
C TRP G 39 30.81 -26.53 3.30
N GLY G 40 31.64 -25.79 2.55
CA GLY G 40 31.47 -25.63 1.13
C GLY G 40 30.63 -24.40 0.78
N VAL G 41 30.47 -23.49 1.74
CA VAL G 41 29.55 -22.37 1.58
C VAL G 41 30.32 -21.06 1.74
N LEU G 42 31.64 -21.14 1.90
CA LEU G 42 32.43 -19.95 2.21
C LEU G 42 33.06 -19.40 0.93
N SER G 43 32.78 -18.14 0.63
CA SER G 43 33.16 -17.54 -0.64
C SER G 43 34.35 -16.59 -0.46
N GLY G 44 34.58 -16.12 0.77
CA GLY G 44 35.51 -15.03 0.97
C GLY G 44 35.68 -14.66 2.44
N VAL G 45 36.59 -13.69 2.70
CA VAL G 45 36.92 -13.25 4.04
C VAL G 45 37.15 -11.73 4.00
N THR G 46 36.65 -11.03 5.03
CA THR G 46 37.03 -9.64 5.26
C THR G 46 37.81 -9.56 6.57
N THR G 47 38.88 -8.75 6.56
CA THR G 47 39.57 -8.36 7.77
C THR G 47 39.50 -6.84 7.93
N ASN G 48 39.84 -6.37 9.13
CA ASN G 48 40.09 -4.96 9.37
C ASN G 48 41.17 -4.83 10.43
N PRO G 49 41.74 -3.62 10.65
CA PRO G 49 42.85 -3.45 11.59
C PRO G 49 42.57 -4.04 12.96
N THR G 50 41.33 -3.87 13.45
CA THR G 50 40.94 -4.35 14.77
C THR G 50 41.01 -5.87 14.81
N LEU G 51 40.45 -6.53 13.78
CA LEU G 51 40.33 -7.98 13.78
C LEU G 51 41.70 -8.60 13.65
N VAL G 52 42.55 -8.00 12.81
CA VAL G 52 43.90 -8.49 12.59
C VAL G 52 44.67 -8.41 13.91
N ALA G 53 44.59 -7.24 14.55
CA ALA G 53 45.28 -6.98 15.81
C ALA G 53 44.89 -8.05 16.84
N LYS G 54 43.59 -8.34 16.93
CA LYS G 54 43.08 -9.22 17.98
C LYS G 54 43.59 -10.63 17.75
N ALA G 55 43.67 -11.03 16.47
CA ALA G 55 44.19 -12.34 16.11
C ALA G 55 45.65 -12.45 16.53
N PHE G 56 46.37 -11.33 16.45
CA PHE G 56 47.81 -11.35 16.64
C PHE G 56 48.13 -11.38 18.13
N ALA G 57 47.37 -10.63 18.92
CA ALA G 57 47.61 -10.53 20.35
C ALA G 57 47.25 -11.85 21.04
N ALA G 58 46.32 -12.59 20.45
CA ALA G 58 45.83 -13.83 21.06
C ALA G 58 46.81 -14.97 20.77
N LYS G 59 47.43 -14.94 19.59
CA LYS G 59 48.36 -15.97 19.18
C LYS G 59 49.74 -15.68 19.76
N GLY G 60 49.87 -14.52 20.42
CA GLY G 60 51.13 -14.11 21.01
C GLY G 60 52.01 -13.36 20.01
N GLU G 61 51.78 -13.62 18.71
CA GLU G 61 52.73 -13.25 17.68
C GLU G 61 52.84 -11.72 17.62
N ALA G 62 54.05 -11.23 17.34
CA ALA G 62 54.29 -9.82 17.10
C ALA G 62 54.06 -9.49 15.63
N LEU G 63 53.66 -8.24 15.38
CA LEU G 63 53.05 -7.85 14.11
C LEU G 63 54.10 -7.16 13.24
N THR G 64 54.98 -7.97 12.63
CA THR G 64 55.90 -7.49 11.61
C THR G 64 55.24 -7.58 10.25
N GLU G 65 55.75 -6.81 9.27
CA GLU G 65 55.08 -6.68 7.99
C GLU G 65 55.23 -7.97 7.19
N GLU G 66 56.17 -8.82 7.60
CA GLU G 66 56.33 -10.13 6.97
C GLU G 66 55.36 -11.13 7.59
N ALA G 67 55.08 -10.94 8.88
CA ALA G 67 54.19 -11.84 9.61
C ALA G 67 52.73 -11.58 9.20
N PHE G 68 52.40 -10.29 9.04
CA PHE G 68 51.13 -9.87 8.49
C PHE G 68 50.92 -10.50 7.12
N ALA G 69 51.90 -10.29 6.23
CA ALA G 69 51.84 -10.81 4.87
C ALA G 69 51.63 -12.32 4.90
N ALA G 70 52.27 -13.00 5.86
CA ALA G 70 52.22 -14.44 5.95
C ALA G 70 50.81 -14.89 6.31
N HIS G 71 50.20 -14.16 7.25
CA HIS G 71 48.87 -14.49 7.76
C HIS G 71 47.84 -14.35 6.63
N LEU G 72 48.01 -13.31 5.80
CA LEU G 72 47.05 -12.99 4.75
C LEU G 72 47.12 -14.07 3.67
N ARG G 73 48.35 -14.41 3.24
CA ARG G 73 48.57 -15.53 2.34
C ARG G 73 47.80 -16.75 2.87
N ALA G 74 47.90 -16.96 4.18
CA ALA G 74 47.34 -18.15 4.81
C ALA G 74 45.83 -18.14 4.65
N ILE G 75 45.22 -16.97 4.90
CA ILE G 75 43.77 -16.83 4.75
C ILE G 75 43.40 -17.07 3.30
N CYS G 76 44.13 -16.44 2.37
CA CYS G 76 43.78 -16.49 0.95
C CYS G 76 43.75 -17.96 0.50
N GLU G 77 44.72 -18.73 0.99
CA GLU G 77 44.95 -20.08 0.52
C GLU G 77 43.87 -20.99 1.10
N THR G 78 43.44 -20.68 2.32
CA THR G 78 42.42 -21.45 3.01
C THR G 78 41.08 -21.27 2.31
N VAL G 79 40.77 -20.02 1.91
CA VAL G 79 39.41 -19.65 1.54
C VAL G 79 39.20 -19.96 0.06
N GLY G 80 40.19 -19.61 -0.77
CA GLY G 80 40.10 -19.83 -2.21
C GLY G 80 39.14 -18.83 -2.85
N GLY G 81 39.07 -17.63 -2.25
CA GLY G 81 38.27 -16.54 -2.78
C GLY G 81 38.78 -15.20 -2.26
N PRO G 82 38.12 -14.08 -2.63
CA PRO G 82 38.61 -12.75 -2.26
C PRO G 82 38.82 -12.58 -0.76
N VAL G 83 39.86 -11.81 -0.40
CA VAL G 83 40.19 -11.53 0.99
C VAL G 83 40.52 -10.03 1.11
N SER G 84 39.80 -9.36 2.01
CA SER G 84 39.95 -7.92 2.17
C SER G 84 41.00 -7.60 3.23
N ALA G 85 41.93 -6.72 2.88
CA ALA G 85 42.93 -6.21 3.82
C ALA G 85 42.95 -4.69 3.77
N GLU G 86 42.84 -4.06 4.95
CA GLU G 86 42.64 -2.63 5.04
C GLU G 86 43.99 -1.93 5.21
N VAL G 87 44.16 -0.80 4.53
CA VAL G 87 45.32 0.04 4.69
C VAL G 87 45.20 0.82 6.01
N THR G 88 46.33 1.29 6.53
CA THR G 88 46.36 2.07 7.75
C THR G 88 46.97 3.45 7.46
N ALA G 89 47.49 3.61 6.24
CA ALA G 89 48.15 4.85 5.85
C ALA G 89 47.14 6.00 5.85
N LEU G 90 47.63 7.20 6.17
CA LEU G 90 46.76 8.31 6.56
C LEU G 90 46.28 9.05 5.32
N GLU G 91 47.17 9.19 4.33
CA GLU G 91 46.89 10.02 3.16
C GLU G 91 47.10 9.20 1.89
N ALA G 92 46.64 9.74 0.76
CA ALA G 92 46.25 8.94 -0.39
C ALA G 92 47.49 8.27 -0.99
N GLU G 93 48.59 9.04 -1.06
CA GLU G 93 49.83 8.54 -1.64
C GLU G 93 50.24 7.26 -0.93
N ALA G 94 50.32 7.33 0.40
CA ALA G 94 50.74 6.21 1.21
C ALA G 94 49.72 5.09 1.14
N MET G 95 48.44 5.46 0.96
CA MET G 95 47.37 4.49 0.81
C MET G 95 47.60 3.67 -0.46
N VAL G 96 48.01 4.35 -1.54
CA VAL G 96 48.18 3.71 -2.83
C VAL G 96 49.39 2.77 -2.75
N ALA G 97 50.47 3.25 -2.13
CA ALA G 97 51.68 2.46 -1.95
C ALA G 97 51.34 1.18 -1.20
N GLU G 98 50.65 1.34 -0.06
CA GLU G 98 50.31 0.23 0.81
C GLU G 98 49.30 -0.68 0.10
N GLY G 99 48.39 -0.06 -0.66
CA GLY G 99 47.46 -0.78 -1.51
C GLY G 99 48.19 -1.77 -2.43
N ARG G 100 49.22 -1.27 -3.11
CA ARG G 100 49.98 -2.06 -4.06
C ARG G 100 50.69 -3.20 -3.33
N ARG G 101 51.25 -2.89 -2.16
CA ARG G 101 51.97 -3.89 -1.37
C ARG G 101 51.03 -5.03 -1.03
N LEU G 102 49.81 -4.68 -0.59
CA LEU G 102 48.84 -5.68 -0.18
C LEU G 102 48.38 -6.47 -1.40
N ALA G 103 48.16 -5.78 -2.51
CA ALA G 103 47.69 -6.42 -3.74
C ALA G 103 48.67 -7.50 -4.16
N ALA G 104 49.96 -7.23 -3.94
CA ALA G 104 51.03 -8.10 -4.43
C ALA G 104 51.11 -9.37 -3.58
N ILE G 105 50.50 -9.34 -2.40
CA ILE G 105 50.67 -10.40 -1.43
C ILE G 105 50.02 -11.68 -1.96
N HIS G 106 49.04 -11.51 -2.85
CA HIS G 106 48.29 -12.63 -3.41
C HIS G 106 47.17 -12.08 -4.29
N PRO G 107 46.91 -12.67 -5.47
CA PRO G 107 45.95 -12.11 -6.42
C PRO G 107 44.51 -12.10 -5.92
N ASN G 108 44.26 -12.75 -4.77
CA ASN G 108 42.93 -12.81 -4.20
C ASN G 108 42.67 -11.58 -3.33
N ILE G 109 43.74 -10.82 -3.05
CA ILE G 109 43.66 -9.73 -2.09
C ILE G 109 42.82 -8.61 -2.69
N VAL G 110 41.82 -8.15 -1.92
CA VAL G 110 41.11 -6.92 -2.18
C VAL G 110 41.53 -5.86 -1.16
N VAL G 111 41.78 -4.64 -1.66
CA VAL G 111 42.29 -3.57 -0.81
C VAL G 111 41.10 -2.79 -0.24
N LYS G 112 41.02 -2.76 1.10
CA LYS G 112 40.05 -1.94 1.81
C LYS G 112 40.62 -0.55 2.03
N LEU G 113 39.87 0.48 1.61
CA LEU G 113 40.15 1.85 1.99
C LEU G 113 38.97 2.39 2.81
N PRO G 114 39.22 3.37 3.71
CA PRO G 114 38.14 4.13 4.34
C PRO G 114 37.50 5.12 3.38
N THR G 115 36.19 5.29 3.47
CA THR G 115 35.47 6.17 2.57
C THR G 115 35.62 7.60 3.09
N THR G 116 36.82 8.15 2.85
CA THR G 116 37.15 9.54 3.14
C THR G 116 37.62 10.20 1.85
N GLU G 117 37.96 11.50 1.93
CA GLU G 117 38.48 12.23 0.80
C GLU G 117 39.71 11.50 0.25
N GLU G 118 40.62 11.14 1.15
CA GLU G 118 41.87 10.49 0.77
C GLU G 118 41.57 9.10 0.23
N GLY G 119 40.57 8.44 0.80
CA GLY G 119 40.16 7.11 0.37
C GLY G 119 39.68 7.12 -1.08
N LEU G 120 38.90 8.14 -1.46
CA LEU G 120 38.40 8.26 -2.81
C LEU G 120 39.57 8.41 -3.77
N LYS G 121 40.52 9.26 -3.40
CA LYS G 121 41.66 9.58 -4.26
C LYS G 121 42.44 8.30 -4.54
N ALA G 122 42.68 7.51 -3.50
CA ALA G 122 43.43 6.27 -3.62
C ALA G 122 42.62 5.23 -4.37
N CYS G 123 41.30 5.26 -4.17
CA CYS G 123 40.39 4.36 -4.87
C CYS G 123 40.52 4.57 -6.38
N LYS G 124 40.49 5.84 -6.80
CA LYS G 124 40.57 6.19 -8.21
C LYS G 124 41.83 5.57 -8.81
N ARG G 125 42.96 5.74 -8.10
CA ARG G 125 44.27 5.38 -8.63
C ARG G 125 44.41 3.86 -8.66
N LEU G 126 44.05 3.20 -7.54
CA LEU G 126 44.28 1.78 -7.40
C LEU G 126 43.42 1.02 -8.41
N SER G 127 42.17 1.46 -8.59
CA SER G 127 41.22 0.73 -9.40
C SER G 127 41.60 0.86 -10.88
N ALA G 128 42.18 2.01 -11.23
CA ALA G 128 42.70 2.25 -12.56
C ALA G 128 43.72 1.17 -12.95
N GLU G 129 44.45 0.66 -11.94
CA GLU G 129 45.56 -0.25 -12.19
C GLU G 129 45.09 -1.70 -12.09
N GLY G 130 43.78 -1.90 -11.96
CA GLY G 130 43.21 -3.24 -12.01
C GLY G 130 43.15 -3.87 -10.62
N ILE G 131 43.53 -3.10 -9.59
CA ILE G 131 43.42 -3.55 -8.20
C ILE G 131 41.99 -3.30 -7.71
N LYS G 132 41.39 -4.33 -7.11
CA LYS G 132 40.00 -4.28 -6.71
C LYS G 132 39.90 -3.67 -5.32
N VAL G 133 38.99 -2.69 -5.16
CA VAL G 133 38.95 -1.85 -3.98
C VAL G 133 37.62 -2.08 -3.27
N ASN G 134 37.70 -2.33 -1.96
CA ASN G 134 36.54 -2.42 -1.09
C ASN G 134 36.50 -1.16 -0.22
N MET G 135 35.55 -0.27 -0.50
CA MET G 135 35.42 0.98 0.22
C MET G 135 34.55 0.73 1.45
N THR G 136 35.08 1.08 2.63
CA THR G 136 34.52 0.60 3.89
C THR G 136 34.29 1.79 4.83
N LEU G 137 33.83 1.49 6.04
CA LEU G 137 33.37 2.50 6.98
C LEU G 137 32.33 3.39 6.29
N ILE G 138 31.34 2.74 5.67
CA ILE G 138 30.27 3.45 4.98
C ILE G 138 29.02 3.43 5.86
N PHE G 139 28.41 4.61 6.02
CA PHE G 139 27.29 4.77 6.94
C PHE G 139 26.16 5.55 6.30
N SER G 140 26.33 5.89 5.01
CA SER G 140 25.28 6.57 4.26
C SER G 140 25.33 6.14 2.79
N ALA G 141 24.19 6.25 2.10
CA ALA G 141 24.12 5.90 0.69
C ALA G 141 24.97 6.87 -0.14
N ASN G 142 25.06 8.13 0.31
CA ASN G 142 25.85 9.12 -0.41
C ASN G 142 27.31 8.68 -0.43
N GLN G 143 27.80 8.13 0.70
CA GLN G 143 29.16 7.65 0.78
C GLN G 143 29.37 6.54 -0.23
N ALA G 144 28.40 5.61 -0.29
CA ALA G 144 28.45 4.50 -1.24
C ALA G 144 28.47 5.03 -2.66
N LEU G 145 27.70 6.09 -2.92
CA LEU G 145 27.57 6.64 -4.26
C LEU G 145 28.92 7.23 -4.70
N LEU G 146 29.57 7.97 -3.79
CA LEU G 146 30.85 8.58 -4.08
C LEU G 146 31.88 7.49 -4.32
N ALA G 147 31.86 6.45 -3.46
CA ALA G 147 32.72 5.30 -3.62
C ALA G 147 32.55 4.70 -5.00
N ALA G 148 31.28 4.50 -5.42
CA ALA G 148 30.98 3.89 -6.69
C ALA G 148 31.55 4.72 -7.83
N ARG G 149 31.44 6.05 -7.71
CA ARG G 149 31.89 6.95 -8.76
C ARG G 149 33.42 6.90 -8.85
N ALA G 150 34.07 6.56 -7.73
CA ALA G 150 35.52 6.63 -7.63
C ALA G 150 36.14 5.33 -8.12
N GLY G 151 35.31 4.31 -8.36
CA GLY G 151 35.74 3.11 -9.07
C GLY G 151 35.86 1.91 -8.13
N ALA G 152 35.11 1.93 -7.03
CA ALA G 152 35.10 0.83 -6.09
C ALA G 152 34.53 -0.42 -6.75
N SER G 153 35.09 -1.58 -6.40
CA SER G 153 34.51 -2.87 -6.75
C SER G 153 33.46 -3.27 -5.73
N TYR G 154 33.65 -2.81 -4.49
CA TYR G 154 32.78 -3.15 -3.38
C TYR G 154 32.54 -1.92 -2.52
N VAL G 155 31.35 -1.86 -1.92
CA VAL G 155 31.08 -0.96 -0.82
C VAL G 155 30.57 -1.77 0.38
N SER G 156 30.99 -1.35 1.58
CA SER G 156 30.74 -2.10 2.80
C SER G 156 30.04 -1.22 3.82
N PRO G 157 28.69 -1.10 3.76
CA PRO G 157 27.93 -0.48 4.84
C PRO G 157 27.94 -1.31 6.12
N PHE G 158 27.92 -0.63 7.26
CA PHE G 158 27.97 -1.27 8.57
C PHE G 158 26.59 -1.24 9.21
N LEU G 159 25.88 -2.38 9.18
CA LEU G 159 24.54 -2.47 9.74
C LEU G 159 24.60 -2.29 11.25
N GLY G 160 25.45 -3.07 11.91
CA GLY G 160 25.44 -3.19 13.36
C GLY G 160 25.74 -1.86 14.04
N ARG G 161 26.73 -1.13 13.51
CA ARG G 161 27.20 0.10 14.14
C ARG G 161 26.12 1.17 14.02
N VAL G 162 25.24 1.03 13.03
CA VAL G 162 24.11 1.94 12.86
C VAL G 162 23.02 1.56 13.86
N ASP G 163 22.75 0.26 14.00
CA ASP G 163 21.86 -0.23 15.04
C ASP G 163 22.31 0.35 16.38
N ASP G 164 23.62 0.43 16.57
CA ASP G 164 24.21 0.77 17.87
C ASP G 164 23.83 2.19 18.28
N ILE G 165 23.56 3.06 17.30
CA ILE G 165 23.22 4.44 17.59
C ILE G 165 21.72 4.65 17.41
N SER G 166 20.97 3.54 17.36
CA SER G 166 19.53 3.54 17.51
C SER G 166 18.87 3.97 16.20
N TRP G 167 19.60 3.79 15.09
CA TRP G 167 19.06 3.90 13.75
C TRP G 167 18.98 2.52 13.11
N ASP G 168 18.18 2.41 12.05
CA ASP G 168 17.91 1.13 11.42
C ASP G 168 19.01 0.84 10.39
N GLY G 169 19.94 -0.03 10.76
CA GLY G 169 21.03 -0.42 9.88
C GLY G 169 20.51 -1.04 8.58
N GLY G 170 19.39 -1.75 8.68
CA GLY G 170 18.75 -2.36 7.53
C GLY G 170 18.33 -1.31 6.50
N GLU G 171 17.96 -0.12 6.99
CA GLU G 171 17.49 0.96 6.14
C GLU G 171 18.66 1.50 5.33
N LEU G 172 19.84 1.59 5.96
CA LEU G 172 21.06 1.95 5.26
C LEU G 172 21.30 0.98 4.12
N LEU G 173 21.24 -0.33 4.42
CA LEU G 173 21.51 -1.35 3.42
C LEU G 173 20.50 -1.19 2.27
N ARG G 174 19.23 -0.96 2.62
CA ARG G 174 18.17 -0.91 1.64
C ARG G 174 18.43 0.25 0.67
N GLU G 175 18.76 1.43 1.19
CA GLU G 175 18.96 2.60 0.34
C GLU G 175 20.12 2.34 -0.62
N ILE G 176 21.17 1.67 -0.11
CA ILE G 176 22.38 1.47 -0.90
C ILE G 176 22.09 0.44 -2.00
N VAL G 177 21.41 -0.65 -1.62
CA VAL G 177 21.08 -1.69 -2.58
C VAL G 177 20.15 -1.10 -3.63
N GLU G 178 19.12 -0.37 -3.18
CA GLU G 178 18.11 0.16 -4.08
C GLU G 178 18.74 1.16 -5.04
N MET G 179 19.64 2.00 -4.51
CA MET G 179 20.33 3.00 -5.31
C MET G 179 21.08 2.31 -6.44
N ILE G 180 21.75 1.20 -6.12
CA ILE G 180 22.69 0.57 -7.04
C ILE G 180 21.92 -0.24 -8.06
N GLN G 181 20.73 -0.73 -7.67
CA GLN G 181 19.83 -1.41 -8.59
C GLN G 181 19.28 -0.41 -9.60
N VAL G 182 18.77 0.72 -9.11
CA VAL G 182 18.08 1.69 -9.94
C VAL G 182 19.08 2.27 -10.95
N GLN G 183 20.31 2.50 -10.48
CA GLN G 183 21.32 3.21 -11.25
C GLN G 183 22.17 2.21 -12.03
N ASP G 184 21.86 0.93 -11.86
CA ASP G 184 22.60 -0.16 -12.49
C ASP G 184 24.10 0.09 -12.40
N LEU G 185 24.58 0.41 -11.19
CA LEU G 185 26.00 0.62 -10.95
C LEU G 185 26.67 -0.74 -10.77
N PRO G 186 27.92 -0.91 -11.28
CA PRO G 186 28.56 -2.23 -11.29
C PRO G 186 29.01 -2.70 -9.92
N VAL G 187 29.15 -1.75 -8.98
CA VAL G 187 29.76 -2.01 -7.69
C VAL G 187 28.95 -3.06 -6.93
N LYS G 188 29.65 -3.90 -6.16
CA LYS G 188 29.00 -4.95 -5.39
C LYS G 188 28.82 -4.48 -3.95
N VAL G 189 27.71 -4.87 -3.33
CA VAL G 189 27.37 -4.41 -1.99
C VAL G 189 27.68 -5.53 -0.99
N ILE G 190 28.57 -5.23 -0.03
CA ILE G 190 28.86 -6.11 1.08
C ILE G 190 28.10 -5.62 2.30
N ALA G 191 27.20 -6.45 2.83
CA ALA G 191 26.58 -6.20 4.12
C ALA G 191 27.57 -6.58 5.23
N ALA G 192 28.03 -5.56 5.95
CA ALA G 192 29.07 -5.73 6.97
C ALA G 192 28.52 -5.30 8.32
N SER G 193 29.34 -5.46 9.36
CA SER G 193 28.90 -5.21 10.74
C SER G 193 27.63 -6.00 11.02
N ILE G 194 27.69 -7.32 10.78
CA ILE G 194 26.55 -8.19 10.92
C ILE G 194 26.56 -8.79 12.32
N ARG G 195 25.40 -8.77 12.99
CA ARG G 195 25.33 -8.98 14.42
C ARG G 195 24.48 -10.20 14.75
N HIS G 196 23.54 -10.54 13.86
CA HIS G 196 22.58 -11.60 14.13
C HIS G 196 22.08 -12.19 12.81
N PRO G 197 21.48 -13.40 12.83
CA PRO G 197 21.05 -14.09 11.62
C PRO G 197 20.13 -13.28 10.72
N ARG G 198 19.32 -12.38 11.29
CA ARG G 198 18.29 -11.70 10.52
C ARG G 198 18.92 -10.58 9.68
N HIS G 199 20.11 -10.11 10.08
CA HIS G 199 20.89 -9.23 9.23
C HIS G 199 21.17 -9.94 7.91
N VAL G 200 21.50 -11.23 7.98
CA VAL G 200 21.86 -12.01 6.81
C VAL G 200 20.62 -12.14 5.92
N THR G 201 19.47 -12.48 6.54
CA THR G 201 18.26 -12.73 5.78
C THR G 201 17.83 -11.44 5.08
N GLU G 202 17.87 -10.32 5.82
CA GLU G 202 17.46 -9.03 5.27
C GLU G 202 18.36 -8.69 4.08
N ALA G 203 19.66 -8.93 4.24
CA ALA G 203 20.62 -8.69 3.17
C ALA G 203 20.24 -9.51 1.94
N ALA G 204 19.93 -10.78 2.17
CA ALA G 204 19.61 -11.71 1.10
C ALA G 204 18.34 -11.25 0.38
N LEU G 205 17.34 -10.81 1.15
CA LEU G 205 16.03 -10.49 0.60
C LEU G 205 16.12 -9.17 -0.17
N LEU G 206 17.01 -8.27 0.28
CA LEU G 206 17.12 -6.95 -0.30
C LEU G 206 17.82 -7.04 -1.66
N GLY G 207 18.79 -7.94 -1.77
CA GLY G 207 19.51 -8.16 -3.01
C GLY G 207 20.97 -7.73 -2.91
N ALA G 208 21.49 -7.69 -1.68
CA ALA G 208 22.93 -7.51 -1.46
C ALA G 208 23.70 -8.65 -2.12
N ASP G 209 24.98 -8.40 -2.39
CA ASP G 209 25.80 -9.32 -3.17
C ASP G 209 26.58 -10.24 -2.23
N ILE G 210 26.96 -9.70 -1.06
CA ILE G 210 27.77 -10.41 -0.10
C ILE G 210 27.27 -10.07 1.30
N ALA G 211 27.21 -11.08 2.16
CA ALA G 211 27.13 -10.87 3.60
C ALA G 211 28.40 -11.39 4.26
N THR G 212 29.07 -10.50 5.01
CA THR G 212 30.25 -10.89 5.77
C THR G 212 29.97 -10.72 7.26
N MET G 213 30.27 -11.77 8.03
CA MET G 213 29.75 -11.89 9.39
C MET G 213 30.79 -12.56 10.27
N PRO G 214 30.75 -12.30 11.60
CA PRO G 214 31.52 -13.08 12.57
C PRO G 214 31.19 -14.57 12.56
N HIS G 215 32.16 -15.37 13.02
CA HIS G 215 32.07 -16.82 13.01
C HIS G 215 30.84 -17.26 13.80
N ALA G 216 30.59 -16.60 14.94
CA ALA G 216 29.53 -17.00 15.83
C ALA G 216 28.17 -16.91 15.12
N VAL G 217 28.00 -15.83 14.34
CA VAL G 217 26.78 -15.63 13.59
C VAL G 217 26.67 -16.70 12.51
N PHE G 218 27.79 -16.95 11.83
CA PHE G 218 27.83 -17.93 10.76
C PHE G 218 27.37 -19.28 11.28
N LYS G 219 27.78 -19.62 12.52
CA LYS G 219 27.46 -20.91 13.10
C LYS G 219 25.99 -20.96 13.50
N GLN G 220 25.39 -19.79 13.78
CA GLN G 220 24.00 -19.71 14.16
C GLN G 220 23.11 -20.06 12.98
N LEU G 221 23.53 -19.65 11.77
CA LEU G 221 22.66 -19.61 10.62
C LEU G 221 21.96 -20.95 10.45
N LEU G 222 22.69 -22.02 10.80
CA LEU G 222 22.36 -23.37 10.38
C LEU G 222 21.38 -23.99 11.37
N LYS G 223 21.23 -23.34 12.53
CA LYS G 223 20.54 -23.92 13.68
C LYS G 223 19.05 -23.56 13.61
N HIS G 224 18.20 -24.58 13.78
CA HIS G 224 16.78 -24.36 14.04
C HIS G 224 16.24 -25.59 14.76
N PRO G 225 15.49 -25.42 15.88
CA PRO G 225 15.06 -26.55 16.69
C PRO G 225 14.30 -27.62 15.91
N LEU G 226 13.58 -27.22 14.86
CA LEU G 226 12.68 -28.12 14.17
C LEU G 226 13.48 -29.08 13.30
N THR G 227 14.68 -28.67 12.90
CA THR G 227 15.59 -29.54 12.17
C THR G 227 16.06 -30.66 13.10
N ASP G 228 16.52 -30.27 14.30
CA ASP G 228 17.03 -31.21 15.28
C ASP G 228 15.94 -32.23 15.58
N ILE G 229 14.73 -31.73 15.88
CA ILE G 229 13.60 -32.56 16.25
C ILE G 229 13.27 -33.51 15.10
N GLY G 230 13.23 -32.97 13.88
CA GLY G 230 12.77 -33.71 12.72
C GLY G 230 13.74 -34.83 12.36
N LEU G 231 15.04 -34.54 12.48
CA LEU G 231 16.08 -35.51 12.19
C LEU G 231 15.96 -36.68 13.18
N LYS G 232 15.81 -36.35 14.46
CA LYS G 232 15.74 -37.35 15.51
C LYS G 232 14.60 -38.32 15.22
N ARG G 233 13.42 -37.78 14.90
CA ARG G 233 12.24 -38.61 14.70
C ARG G 233 12.41 -39.46 13.45
N PHE G 234 13.06 -38.89 12.43
CA PHE G 234 13.34 -39.62 11.19
C PHE G 234 14.13 -40.88 11.53
N LEU G 235 15.17 -40.74 12.36
CA LEU G 235 16.12 -41.81 12.60
C LEU G 235 15.51 -42.84 13.53
N GLU G 236 14.64 -42.40 14.45
CA GLU G 236 13.90 -43.31 15.32
C GLU G 236 12.93 -44.13 14.48
N ASP G 237 12.21 -43.44 13.58
CA ASP G 237 11.21 -44.08 12.75
C ASP G 237 11.86 -45.12 11.86
N TRP G 238 13.13 -44.86 11.50
CA TRP G 238 13.88 -45.75 10.62
C TRP G 238 14.34 -46.98 11.40
N GLU G 239 14.96 -46.76 12.56
CA GLU G 239 15.57 -47.82 13.33
C GLU G 239 14.52 -48.89 13.65
N LYS G 240 13.25 -48.49 13.64
CA LYS G 240 12.17 -49.37 14.05
C LYS G 240 11.93 -50.45 13.00
N VAL G 241 12.22 -50.12 11.73
CA VAL G 241 11.89 -51.01 10.63
C VAL G 241 13.18 -51.46 9.93
N LYS G 242 14.32 -50.96 10.39
CA LYS G 242 15.61 -51.41 9.88
C LYS G 242 16.03 -52.67 10.63
N PRO G 243 16.48 -53.73 9.90
CA PRO G 243 17.14 -54.86 10.54
C PRO G 243 18.25 -54.45 11.51
N SER H 19 20.95 4.46 -15.41
CA SER H 19 21.28 5.91 -15.51
C SER H 19 22.76 6.12 -15.18
N HIS H 20 23.30 5.24 -14.32
CA HIS H 20 24.63 5.43 -13.77
C HIS H 20 24.81 6.89 -13.36
N MET H 21 24.22 7.27 -12.21
CA MET H 21 24.06 8.68 -11.89
C MET H 21 25.43 9.31 -11.76
N GLU H 22 25.54 10.55 -12.25
CA GLU H 22 26.80 11.27 -12.26
C GLU H 22 26.68 12.50 -11.36
N LEU H 23 27.80 12.92 -10.79
CA LEU H 23 27.83 14.06 -9.88
C LEU H 23 28.48 15.25 -10.60
N TYR H 24 27.79 16.39 -10.55
CA TYR H 24 28.31 17.62 -11.13
C TYR H 24 28.49 18.66 -10.02
N LEU H 25 29.32 19.67 -10.31
CA LEU H 25 29.47 20.84 -9.46
C LEU H 25 28.69 22.00 -10.07
N ASP H 26 27.87 22.66 -9.24
CA ASP H 26 27.04 23.77 -9.70
C ASP H 26 27.66 25.08 -9.26
N THR H 27 28.72 25.49 -9.98
CA THR H 27 29.58 26.59 -9.57
C THR H 27 30.31 27.13 -10.78
N ALA H 28 30.76 28.38 -10.69
CA ALA H 28 31.70 28.94 -11.65
C ALA H 28 33.10 29.02 -11.04
N SER H 29 33.20 28.61 -9.77
CA SER H 29 34.44 28.74 -9.01
C SER H 29 35.45 27.69 -9.48
N LEU H 30 36.62 28.17 -9.91
CA LEU H 30 37.65 27.32 -10.49
C LEU H 30 38.31 26.51 -9.39
N GLU H 31 38.49 27.12 -8.21
CA GLU H 31 39.14 26.45 -7.08
C GLU H 31 38.24 25.32 -6.60
N GLU H 32 36.96 25.63 -6.42
CA GLU H 32 35.97 24.63 -6.01
C GLU H 32 36.10 23.40 -6.91
N ILE H 33 36.33 23.61 -8.21
CA ILE H 33 36.18 22.55 -9.19
C ILE H 33 37.39 21.63 -9.18
N ARG H 34 38.59 22.19 -8.98
CA ARG H 34 39.80 21.37 -9.06
C ARG H 34 39.91 20.51 -7.81
N GLU H 35 39.29 20.96 -6.71
CA GLU H 35 39.33 20.19 -5.47
C GLU H 35 38.59 18.87 -5.68
N ILE H 36 37.34 18.96 -6.16
CA ILE H 36 36.46 17.80 -6.23
C ILE H 36 36.93 16.88 -7.36
N ALA H 37 37.44 17.48 -8.44
CA ALA H 37 37.96 16.73 -9.56
C ALA H 37 39.00 15.72 -9.07
N ALA H 38 39.84 16.18 -8.13
CA ALA H 38 40.92 15.37 -7.60
C ALA H 38 40.39 14.10 -6.93
N TRP H 39 39.16 14.13 -6.41
CA TRP H 39 38.60 12.99 -5.71
C TRP H 39 38.33 11.85 -6.70
N GLY H 40 38.11 12.21 -7.97
CA GLY H 40 37.90 11.23 -9.02
C GLY H 40 36.41 10.94 -9.23
N VAL H 41 35.55 11.86 -8.79
CA VAL H 41 34.12 11.59 -8.74
C VAL H 41 33.35 12.68 -9.50
N LEU H 42 34.09 13.61 -10.13
CA LEU H 42 33.46 14.78 -10.73
C LEU H 42 33.28 14.55 -12.23
N SER H 43 32.01 14.60 -12.68
CA SER H 43 31.66 14.18 -14.02
C SER H 43 31.46 15.39 -14.93
N GLY H 44 31.19 16.55 -14.33
CA GLY H 44 30.70 17.70 -15.10
C GLY H 44 30.48 18.93 -14.22
N VAL H 45 30.17 20.06 -14.88
CA VAL H 45 29.91 21.32 -14.20
C VAL H 45 28.70 21.98 -14.86
N THR H 46 27.86 22.64 -14.05
CA THR H 46 26.85 23.55 -14.55
C THR H 46 27.12 24.95 -14.01
N THR H 47 27.01 25.94 -14.89
CA THR H 47 27.04 27.33 -14.48
C THR H 47 25.69 27.98 -14.81
N ASN H 48 25.50 29.21 -14.32
CA ASN H 48 24.39 30.05 -14.72
C ASN H 48 24.81 31.51 -14.58
N PRO H 49 24.07 32.47 -15.18
CA PRO H 49 24.51 33.86 -15.21
C PRO H 49 24.87 34.41 -13.83
N THR H 50 24.16 33.96 -12.81
CA THR H 50 24.39 34.42 -11.45
C THR H 50 25.74 33.89 -10.95
N LEU H 51 25.98 32.59 -11.15
CA LEU H 51 27.17 31.94 -10.63
C LEU H 51 28.41 32.54 -11.28
N VAL H 52 28.32 32.75 -12.60
CA VAL H 52 29.41 33.34 -13.37
C VAL H 52 29.70 34.74 -12.84
N ALA H 53 28.63 35.54 -12.67
CA ALA H 53 28.76 36.92 -12.25
C ALA H 53 29.42 37.01 -10.88
N LYS H 54 29.09 36.02 -10.02
CA LYS H 54 29.52 36.04 -8.63
C LYS H 54 31.01 35.65 -8.57
N ALA H 55 31.47 34.90 -9.57
CA ALA H 55 32.84 34.46 -9.64
C ALA H 55 33.73 35.58 -10.16
N PHE H 56 33.14 36.48 -10.95
CA PHE H 56 33.89 37.56 -11.58
C PHE H 56 33.98 38.75 -10.64
N ALA H 57 32.91 38.99 -9.88
CA ALA H 57 32.90 40.03 -8.88
C ALA H 57 33.78 39.64 -7.70
N ALA H 58 33.99 38.32 -7.54
CA ALA H 58 34.85 37.80 -6.49
C ALA H 58 36.30 38.15 -6.79
N LYS H 59 36.81 37.66 -7.93
CA LYS H 59 38.23 37.80 -8.26
C LYS H 59 38.45 39.17 -8.88
N GLY H 60 37.41 40.02 -8.87
CA GLY H 60 37.56 41.43 -9.12
C GLY H 60 37.60 41.73 -10.61
N GLU H 61 37.40 40.69 -11.43
CA GLU H 61 37.77 40.70 -12.83
C GLU H 61 36.57 41.14 -13.66
N ALA H 62 36.83 41.89 -14.75
CA ALA H 62 35.78 42.41 -15.60
C ALA H 62 35.33 41.35 -16.59
N LEU H 63 34.06 41.44 -17.00
CA LEU H 63 33.39 40.35 -17.69
C LEU H 63 33.25 40.69 -19.17
N THR H 64 34.27 40.34 -19.96
CA THR H 64 34.23 40.50 -21.40
C THR H 64 33.84 39.19 -22.05
N GLU H 65 33.72 39.19 -23.38
CA GLU H 65 33.47 37.97 -24.14
C GLU H 65 34.70 37.08 -24.09
N GLU H 66 35.88 37.69 -24.04
CA GLU H 66 37.13 36.95 -24.11
C GLU H 66 37.43 36.33 -22.75
N ALA H 67 37.19 37.11 -21.68
CA ALA H 67 37.32 36.61 -20.32
C ALA H 67 36.40 35.40 -20.13
N PHE H 68 35.12 35.59 -20.47
CA PHE H 68 34.09 34.58 -20.24
C PHE H 68 34.49 33.28 -20.93
N ALA H 69 35.02 33.40 -22.16
CA ALA H 69 35.35 32.25 -22.98
C ALA H 69 36.54 31.50 -22.39
N ALA H 70 37.51 32.27 -21.89
CA ALA H 70 38.72 31.70 -21.31
C ALA H 70 38.37 30.93 -20.03
N HIS H 71 37.49 31.53 -19.22
CA HIS H 71 37.05 30.92 -17.98
C HIS H 71 36.32 29.61 -18.26
N LEU H 72 35.45 29.62 -19.27
CA LEU H 72 34.69 28.45 -19.65
C LEU H 72 35.64 27.37 -20.15
N ARG H 73 36.68 27.79 -20.88
CA ARG H 73 37.63 26.87 -21.47
C ARG H 73 38.46 26.25 -20.36
N ALA H 74 38.72 27.04 -19.30
CA ALA H 74 39.49 26.58 -18.16
C ALA H 74 38.69 25.54 -17.38
N ILE H 75 37.39 25.81 -17.20
CA ILE H 75 36.50 24.88 -16.53
C ILE H 75 36.50 23.56 -17.30
N CYS H 76 36.32 23.63 -18.61
CA CYS H 76 36.25 22.44 -19.44
C CYS H 76 37.50 21.59 -19.24
N GLU H 77 38.67 22.24 -19.21
CA GLU H 77 39.94 21.54 -19.15
C GLU H 77 40.03 20.81 -17.82
N THR H 78 39.63 21.48 -16.74
CA THR H 78 39.76 20.94 -15.39
C THR H 78 38.90 19.68 -15.28
N VAL H 79 37.63 19.78 -15.67
CA VAL H 79 36.65 18.75 -15.34
C VAL H 79 36.90 17.54 -16.25
N GLY H 80 37.07 17.79 -17.55
CA GLY H 80 37.18 16.73 -18.53
C GLY H 80 35.84 16.06 -18.77
N GLY H 81 34.75 16.83 -18.62
CA GLY H 81 33.43 16.37 -18.98
C GLY H 81 32.50 17.54 -19.29
N PRO H 82 31.20 17.28 -19.52
CA PRO H 82 30.27 18.33 -19.95
C PRO H 82 30.27 19.55 -19.02
N VAL H 83 30.15 20.73 -19.64
CA VAL H 83 30.04 21.99 -18.90
C VAL H 83 28.91 22.81 -19.51
N SER H 84 27.96 23.22 -18.65
CA SER H 84 26.81 23.98 -19.09
C SER H 84 27.11 25.47 -19.02
N ALA H 85 26.76 26.20 -20.10
CA ALA H 85 26.82 27.64 -20.11
C ALA H 85 25.53 28.21 -20.68
N GLU H 86 24.98 29.24 -20.03
CA GLU H 86 23.63 29.71 -20.29
C GLU H 86 23.68 30.96 -21.15
N VAL H 87 22.86 30.98 -22.21
CA VAL H 87 22.65 32.17 -23.02
C VAL H 87 22.04 33.26 -22.15
N THR H 88 22.25 34.52 -22.57
CA THR H 88 21.58 35.65 -21.95
C THR H 88 20.65 36.32 -22.98
N ALA H 89 20.76 35.89 -24.24
CA ALA H 89 19.97 36.48 -25.31
C ALA H 89 18.49 36.26 -25.04
N LEU H 90 17.66 37.22 -25.52
CA LEU H 90 16.28 37.33 -25.11
C LEU H 90 15.39 36.51 -26.05
N GLU H 91 15.76 36.49 -27.33
CA GLU H 91 14.90 35.93 -28.38
C GLU H 91 15.66 34.85 -29.13
N ALA H 92 14.91 34.02 -29.87
CA ALA H 92 15.40 32.71 -30.29
C ALA H 92 16.56 32.86 -31.27
N GLU H 93 16.44 33.83 -32.18
CA GLU H 93 17.50 34.09 -33.15
C GLU H 93 18.80 34.33 -32.40
N ALA H 94 18.76 35.25 -31.43
CA ALA H 94 19.96 35.65 -30.70
C ALA H 94 20.44 34.50 -29.81
N MET H 95 19.49 33.72 -29.29
CA MET H 95 19.81 32.55 -28.48
C MET H 95 20.59 31.54 -29.32
N VAL H 96 20.17 31.35 -30.57
CA VAL H 96 20.80 30.38 -31.44
C VAL H 96 22.22 30.87 -31.76
N ALA H 97 22.35 32.17 -32.04
CA ALA H 97 23.63 32.76 -32.36
C ALA H 97 24.58 32.59 -31.17
N GLU H 98 24.13 33.02 -29.99
CA GLU H 98 24.93 32.92 -28.77
C GLU H 98 25.27 31.46 -28.50
N GLY H 99 24.30 30.58 -28.73
CA GLY H 99 24.46 29.15 -28.48
C GLY H 99 25.62 28.57 -29.30
N ARG H 100 25.69 28.96 -30.57
CA ARG H 100 26.72 28.46 -31.46
C ARG H 100 28.10 28.91 -30.97
N ARG H 101 28.17 30.17 -30.51
CA ARG H 101 29.42 30.73 -30.03
C ARG H 101 29.92 29.94 -28.82
N LEU H 102 29.03 29.75 -27.84
CA LEU H 102 29.35 28.99 -26.65
C LEU H 102 29.87 27.60 -27.05
N ALA H 103 29.11 26.93 -27.94
CA ALA H 103 29.43 25.56 -28.34
C ALA H 103 30.82 25.52 -28.97
N ALA H 104 31.29 26.67 -29.46
CA ALA H 104 32.51 26.73 -30.25
C ALA H 104 33.73 26.81 -29.33
N ILE H 105 33.48 27.04 -28.04
CA ILE H 105 34.55 27.33 -27.09
C ILE H 105 35.27 26.03 -26.75
N HIS H 106 34.56 24.91 -26.83
CA HIS H 106 35.09 23.61 -26.43
C HIS H 106 34.04 22.53 -26.71
N PRO H 107 34.45 21.36 -27.24
CA PRO H 107 33.50 20.30 -27.57
C PRO H 107 32.70 19.78 -26.37
N ASN H 108 33.10 20.19 -25.16
CA ASN H 108 32.45 19.72 -23.94
C ASN H 108 31.20 20.55 -23.66
N ILE H 109 31.12 21.73 -24.28
CA ILE H 109 30.19 22.76 -23.85
C ILE H 109 28.78 22.33 -24.19
N VAL H 110 27.92 22.34 -23.17
CA VAL H 110 26.48 22.18 -23.33
C VAL H 110 25.82 23.54 -23.16
N VAL H 111 24.88 23.86 -24.05
CA VAL H 111 24.23 25.17 -24.05
C VAL H 111 22.97 25.09 -23.18
N LYS H 112 22.88 25.98 -22.19
CA LYS H 112 21.70 26.13 -21.36
C LYS H 112 20.78 27.19 -21.97
N LEU H 113 19.51 26.82 -22.16
CA LEU H 113 18.47 27.77 -22.52
C LEU H 113 17.41 27.78 -21.43
N PRO H 114 16.71 28.91 -21.21
CA PRO H 114 15.55 28.93 -20.33
C PRO H 114 14.35 28.27 -20.99
N THR H 115 13.56 27.54 -20.20
CA THR H 115 12.43 26.83 -20.76
C THR H 115 11.28 27.82 -20.95
N THR H 116 11.39 28.56 -22.06
CA THR H 116 10.38 29.52 -22.48
C THR H 116 10.04 29.25 -23.94
N GLU H 117 9.08 30.02 -24.46
CA GLU H 117 8.63 29.91 -25.84
C GLU H 117 9.81 30.12 -26.78
N GLU H 118 10.61 31.15 -26.53
CA GLU H 118 11.79 31.43 -27.32
C GLU H 118 12.82 30.34 -27.12
N GLY H 119 12.89 29.80 -25.89
CA GLY H 119 13.87 28.78 -25.55
C GLY H 119 13.61 27.49 -26.32
N LEU H 120 12.34 27.13 -26.49
CA LEU H 120 11.96 25.92 -27.20
C LEU H 120 12.44 26.04 -28.64
N LYS H 121 12.22 27.22 -29.25
CA LYS H 121 12.54 27.45 -30.64
C LYS H 121 14.05 27.26 -30.84
N ALA H 122 14.84 27.86 -29.95
CA ALA H 122 16.29 27.81 -30.06
C ALA H 122 16.78 26.39 -29.76
N CYS H 123 16.06 25.70 -28.87
CA CYS H 123 16.40 24.32 -28.54
C CYS H 123 16.27 23.46 -29.80
N LYS H 124 15.14 23.61 -30.50
CA LYS H 124 14.85 22.80 -31.67
C LYS H 124 15.98 22.96 -32.69
N ARG H 125 16.43 24.20 -32.87
CA ARG H 125 17.38 24.52 -33.94
C ARG H 125 18.78 24.07 -33.54
N LEU H 126 19.17 24.35 -32.29
CA LEU H 126 20.51 24.03 -31.85
C LEU H 126 20.70 22.51 -31.83
N SER H 127 19.69 21.79 -31.36
CA SER H 127 19.78 20.34 -31.26
C SER H 127 19.86 19.73 -32.65
N ALA H 128 19.16 20.34 -33.60
CA ALA H 128 19.14 19.86 -34.98
C ALA H 128 20.54 19.94 -35.58
N GLU H 129 21.37 20.83 -35.04
CA GLU H 129 22.72 21.05 -35.57
C GLU H 129 23.74 20.27 -34.75
N GLY H 130 23.25 19.41 -33.85
CA GLY H 130 24.12 18.48 -33.14
C GLY H 130 24.67 19.09 -31.85
N ILE H 131 24.17 20.27 -31.47
CA ILE H 131 24.60 20.91 -30.24
C ILE H 131 23.68 20.47 -29.11
N LYS H 132 24.29 20.04 -28.00
CA LYS H 132 23.56 19.49 -26.87
C LYS H 132 23.00 20.63 -26.03
N VAL H 133 21.71 20.51 -25.69
CA VAL H 133 20.98 21.60 -25.06
C VAL H 133 20.50 21.13 -23.69
N ASN H 134 20.74 21.97 -22.69
CA ASN H 134 20.25 21.78 -21.34
C ASN H 134 19.16 22.82 -21.07
N MET H 135 17.90 22.37 -21.04
CA MET H 135 16.77 23.26 -20.82
C MET H 135 16.57 23.41 -19.32
N THR H 136 16.60 24.66 -18.84
CA THR H 136 16.72 24.95 -17.42
C THR H 136 15.55 25.83 -16.99
N LEU H 137 15.58 26.24 -15.72
CA LEU H 137 14.48 26.96 -15.10
C LEU H 137 13.18 26.17 -15.29
N ILE H 138 13.26 24.85 -15.03
CA ILE H 138 12.10 23.97 -15.12
C ILE H 138 11.53 23.75 -13.72
N PHE H 139 10.21 23.91 -13.59
CA PHE H 139 9.54 23.83 -12.30
C PHE H 139 8.27 22.98 -12.40
N SER H 140 8.04 22.37 -13.57
CA SER H 140 6.95 21.43 -13.72
C SER H 140 7.33 20.32 -14.69
N ALA H 141 6.67 19.17 -14.53
CA ALA H 141 6.86 18.04 -15.44
C ALA H 141 6.49 18.45 -16.86
N ASN H 142 5.47 19.30 -17.01
CA ASN H 142 4.98 19.69 -18.32
C ASN H 142 6.06 20.48 -19.06
N GLN H 143 6.75 21.36 -18.33
CA GLN H 143 7.85 22.13 -18.91
C GLN H 143 8.92 21.18 -19.42
N ALA H 144 9.24 20.16 -18.62
CA ALA H 144 10.26 19.19 -18.97
C ALA H 144 9.83 18.39 -20.20
N LEU H 145 8.52 18.11 -20.28
CA LEU H 145 7.95 17.40 -21.41
C LEU H 145 8.13 18.21 -22.69
N LEU H 146 7.79 19.51 -22.62
CA LEU H 146 7.93 20.40 -23.76
C LEU H 146 9.39 20.43 -24.19
N ALA H 147 10.29 20.53 -23.23
CA ALA H 147 11.72 20.57 -23.50
C ALA H 147 12.15 19.31 -24.24
N ALA H 148 11.62 18.16 -23.80
CA ALA H 148 11.95 16.89 -24.41
C ALA H 148 11.51 16.87 -25.87
N ARG H 149 10.30 17.40 -26.13
CA ARG H 149 9.73 17.37 -27.47
C ARG H 149 10.52 18.28 -28.39
N ALA H 150 11.21 19.28 -27.80
CA ALA H 150 11.91 20.30 -28.57
C ALA H 150 13.35 19.86 -28.85
N GLY H 151 13.73 18.70 -28.30
CA GLY H 151 14.99 18.05 -28.64
C GLY H 151 16.06 18.26 -27.58
N ALA H 152 15.64 18.61 -26.36
CA ALA H 152 16.57 18.80 -25.25
C ALA H 152 17.38 17.52 -25.02
N SER H 153 18.66 17.70 -24.68
CA SER H 153 19.51 16.60 -24.23
C SER H 153 19.41 16.43 -22.72
N TYR H 154 19.23 17.56 -22.02
CA TYR H 154 19.04 17.55 -20.57
C TYR H 154 17.87 18.44 -20.20
N VAL H 155 17.21 18.10 -19.09
CA VAL H 155 16.30 19.02 -18.42
C VAL H 155 16.75 19.17 -16.97
N SER H 156 16.63 20.40 -16.45
CA SER H 156 17.19 20.76 -15.16
C SER H 156 16.10 21.31 -14.25
N PRO H 157 15.32 20.44 -13.57
CA PRO H 157 14.41 20.89 -12.52
C PRO H 157 15.14 21.44 -11.30
N PHE H 158 14.56 22.48 -10.69
CA PHE H 158 15.14 23.17 -9.56
C PHE H 158 14.42 22.74 -8.27
N LEU H 159 15.04 21.83 -7.51
CA LEU H 159 14.43 21.29 -6.31
C LEU H 159 14.29 22.39 -5.27
N GLY H 160 15.39 23.12 -5.04
CA GLY H 160 15.51 24.01 -3.90
C GLY H 160 14.51 25.16 -3.97
N ARG H 161 14.34 25.73 -5.17
CA ARG H 161 13.52 26.92 -5.34
C ARG H 161 12.05 26.54 -5.18
N VAL H 162 11.74 25.26 -5.35
CA VAL H 162 10.40 24.77 -5.12
C VAL H 162 10.18 24.61 -3.61
N ASP H 163 11.16 24.00 -2.92
CA ASP H 163 11.16 23.95 -1.46
C ASP H 163 10.93 25.35 -0.90
N ASP H 164 11.52 26.35 -1.57
CA ASP H 164 11.52 27.71 -1.07
C ASP H 164 10.11 28.27 -1.00
N ILE H 165 9.20 27.78 -1.86
CA ILE H 165 7.84 28.29 -1.89
C ILE H 165 6.90 27.25 -1.26
N SER H 166 7.46 26.36 -0.45
CA SER H 166 6.70 25.53 0.48
C SER H 166 6.00 24.40 -0.27
N TRP H 167 6.52 24.07 -1.46
CA TRP H 167 6.15 22.85 -2.17
C TRP H 167 7.33 21.88 -2.15
N ASP H 168 7.06 20.60 -2.43
CA ASP H 168 8.05 19.55 -2.30
C ASP H 168 8.83 19.43 -3.60
N GLY H 169 10.06 19.96 -3.61
CA GLY H 169 10.91 19.92 -4.78
C GLY H 169 11.19 18.48 -5.22
N GLY H 170 11.22 17.57 -4.23
CA GLY H 170 11.44 16.16 -4.49
C GLY H 170 10.36 15.59 -5.39
N GLU H 171 9.14 16.09 -5.26
CA GLU H 171 8.00 15.59 -5.99
C GLU H 171 8.06 16.05 -7.44
N LEU H 172 8.57 17.27 -7.66
CA LEU H 172 8.86 17.74 -9.00
C LEU H 172 9.81 16.75 -9.68
N LEU H 173 10.91 16.42 -9.00
CA LEU H 173 11.91 15.54 -9.56
C LEU H 173 11.29 14.18 -9.85
N ARG H 174 10.45 13.70 -8.92
CA ARG H 174 9.87 12.37 -9.04
C ARG H 174 9.00 12.30 -10.29
N GLU H 175 8.18 13.34 -10.51
CA GLU H 175 7.25 13.34 -11.63
C GLU H 175 8.04 13.31 -12.93
N ILE H 176 9.12 14.10 -12.99
CA ILE H 176 9.87 14.26 -14.23
C ILE H 176 10.59 12.95 -14.54
N VAL H 177 11.19 12.35 -13.51
CA VAL H 177 11.94 11.11 -13.68
C VAL H 177 10.98 10.00 -14.10
N GLU H 178 9.82 9.93 -13.45
CA GLU H 178 8.86 8.85 -13.70
C GLU H 178 8.30 9.02 -15.11
N MET H 179 7.99 10.27 -15.47
CA MET H 179 7.44 10.56 -16.79
C MET H 179 8.42 10.09 -17.86
N ILE H 180 9.71 10.35 -17.64
CA ILE H 180 10.72 10.10 -18.65
C ILE H 180 11.05 8.61 -18.68
N GLN H 181 10.94 7.92 -17.53
CA GLN H 181 11.09 6.49 -17.49
C GLN H 181 9.94 5.83 -18.25
N VAL H 182 8.71 6.24 -17.94
CA VAL H 182 7.52 5.58 -18.44
C VAL H 182 7.45 5.79 -19.95
N GLN H 183 7.84 6.99 -20.41
CA GLN H 183 7.69 7.36 -21.81
C GLN H 183 8.94 6.94 -22.59
N ASP H 184 9.97 6.51 -21.84
CA ASP H 184 11.23 6.09 -22.43
C ASP H 184 11.80 7.18 -23.33
N LEU H 185 11.74 8.43 -22.85
CA LEU H 185 12.33 9.56 -23.55
C LEU H 185 13.84 9.57 -23.34
N PRO H 186 14.65 9.83 -24.39
CA PRO H 186 16.10 9.79 -24.28
C PRO H 186 16.72 10.91 -23.44
N VAL H 187 15.90 11.91 -23.08
CA VAL H 187 16.40 13.09 -22.38
C VAL H 187 16.93 12.67 -21.00
N LYS H 188 17.98 13.35 -20.54
CA LYS H 188 18.58 13.07 -19.24
C LYS H 188 18.12 14.13 -18.24
N VAL H 189 17.92 13.70 -16.99
CA VAL H 189 17.40 14.58 -15.95
C VAL H 189 18.54 14.98 -15.01
N ILE H 190 18.76 16.29 -14.92
CA ILE H 190 19.68 16.87 -13.96
C ILE H 190 18.87 17.40 -12.77
N ALA H 191 19.12 16.84 -11.59
CA ALA H 191 18.64 17.43 -10.36
C ALA H 191 19.48 18.67 -10.03
N ALA H 192 18.85 19.84 -10.11
CA ALA H 192 19.52 21.11 -9.85
C ALA H 192 18.89 21.80 -8.64
N SER H 193 19.37 23.01 -8.34
CA SER H 193 18.97 23.73 -7.14
C SER H 193 19.05 22.80 -5.93
N ILE H 194 20.21 22.18 -5.74
CA ILE H 194 20.40 21.21 -4.66
C ILE H 194 20.93 21.93 -3.42
N ARG H 195 20.30 21.68 -2.28
CA ARG H 195 20.49 22.51 -1.09
C ARG H 195 21.13 21.69 0.03
N HIS H 196 20.96 20.37 -0.02
CA HIS H 196 21.39 19.52 1.08
C HIS H 196 21.63 18.10 0.58
N PRO H 197 22.37 17.27 1.35
CA PRO H 197 22.76 15.93 0.91
C PRO H 197 21.59 15.02 0.53
N ARG H 198 20.42 15.21 1.14
CA ARG H 198 19.32 14.28 0.94
C ARG H 198 18.65 14.57 -0.41
N HIS H 199 18.85 15.78 -0.93
CA HIS H 199 18.48 16.09 -2.32
C HIS H 199 19.22 15.12 -3.25
N VAL H 200 20.49 14.84 -2.93
CA VAL H 200 21.32 14.00 -3.77
C VAL H 200 20.84 12.56 -3.66
N THR H 201 20.55 12.11 -2.43
CA THR H 201 20.17 10.72 -2.21
C THR H 201 18.86 10.44 -2.92
N GLU H 202 17.91 11.39 -2.83
CA GLU H 202 16.59 11.20 -3.42
C GLU H 202 16.72 11.11 -4.94
N ALA H 203 17.51 12.04 -5.51
CA ALA H 203 17.82 12.02 -6.92
C ALA H 203 18.33 10.64 -7.31
N ALA H 204 19.26 10.09 -6.52
CA ALA H 204 19.89 8.82 -6.82
C ALA H 204 18.85 7.70 -6.77
N LEU H 205 17.99 7.71 -5.74
CA LEU H 205 17.04 6.63 -5.51
C LEU H 205 15.96 6.66 -6.58
N LEU H 206 15.61 7.87 -7.03
CA LEU H 206 14.55 8.06 -8.00
C LEU H 206 15.02 7.59 -9.38
N GLY H 207 16.32 7.75 -9.63
CA GLY H 207 16.92 7.33 -10.89
C GLY H 207 17.19 8.51 -11.82
N ALA H 208 17.38 9.70 -11.23
CA ALA H 208 17.89 10.84 -11.98
C ALA H 208 19.26 10.50 -12.56
N ASP H 209 19.63 11.20 -13.64
CA ASP H 209 20.82 10.87 -14.40
C ASP H 209 22.01 11.61 -13.82
N ILE H 210 21.78 12.87 -13.41
CA ILE H 210 22.83 13.74 -12.91
C ILE H 210 22.31 14.47 -11.68
N ALA H 211 23.21 14.71 -10.72
CA ALA H 211 22.96 15.68 -9.66
C ALA H 211 24.05 16.74 -9.66
N THR H 212 23.64 18.01 -9.78
CA THR H 212 24.57 19.12 -9.77
C THR H 212 24.30 19.99 -8.54
N MET H 213 25.37 20.30 -7.80
CA MET H 213 25.24 20.82 -6.45
C MET H 213 26.35 21.83 -6.17
N PRO H 214 26.11 22.81 -5.27
CA PRO H 214 27.18 23.67 -4.79
C PRO H 214 28.29 22.91 -4.07
N HIS H 215 29.49 23.51 -4.04
CA HIS H 215 30.68 22.89 -3.50
C HIS H 215 30.42 22.46 -2.05
N ALA H 216 29.71 23.29 -1.29
CA ALA H 216 29.53 23.08 0.13
C ALA H 216 28.75 21.78 0.37
N VAL H 217 27.78 21.50 -0.51
CA VAL H 217 26.98 20.29 -0.39
C VAL H 217 27.84 19.10 -0.79
N PHE H 218 28.64 19.28 -1.84
CA PHE H 218 29.51 18.22 -2.32
C PHE H 218 30.44 17.79 -1.19
N LYS H 219 30.97 18.79 -0.45
CA LYS H 219 31.88 18.54 0.65
C LYS H 219 31.16 17.79 1.77
N GLN H 220 29.85 18.00 1.90
CA GLN H 220 29.09 17.42 3.00
C GLN H 220 28.95 15.92 2.81
N LEU H 221 28.85 15.49 1.54
CA LEU H 221 28.34 14.17 1.20
C LEU H 221 29.13 13.09 1.93
N LEU H 222 30.42 13.38 2.17
CA LEU H 222 31.37 12.37 2.59
C LEU H 222 31.28 12.18 4.10
N LYS H 223 30.68 13.15 4.79
CA LYS H 223 30.86 13.32 6.21
C LYS H 223 29.79 12.54 6.96
N HIS H 224 30.23 11.52 7.72
CA HIS H 224 29.40 10.86 8.71
C HIS H 224 30.28 10.57 9.93
N PRO H 225 29.84 10.95 11.15
CA PRO H 225 30.70 10.85 12.32
C PRO H 225 31.25 9.45 12.56
N LEU H 226 30.49 8.43 12.12
CA LEU H 226 30.85 7.05 12.41
C LEU H 226 32.08 6.64 11.60
N THR H 227 32.27 7.27 10.43
CA THR H 227 33.46 7.01 9.64
C THR H 227 34.69 7.44 10.42
N ASP H 228 34.67 8.68 10.92
CA ASP H 228 35.82 9.25 11.62
C ASP H 228 36.10 8.44 12.88
N ILE H 229 35.03 8.07 13.60
CA ILE H 229 35.15 7.36 14.85
C ILE H 229 35.72 5.97 14.60
N GLY H 230 35.24 5.33 13.54
CA GLY H 230 35.67 3.98 13.19
C GLY H 230 37.13 3.96 12.76
N LEU H 231 37.53 5.00 12.02
CA LEU H 231 38.88 5.08 11.48
C LEU H 231 39.86 5.31 12.62
N LYS H 232 39.44 6.09 13.61
CA LYS H 232 40.29 6.42 14.75
C LYS H 232 40.53 5.15 15.58
N ARG H 233 39.48 4.34 15.74
CA ARG H 233 39.54 3.15 16.58
C ARG H 233 40.39 2.09 15.90
N PHE H 234 40.24 1.93 14.58
CA PHE H 234 41.05 0.99 13.83
C PHE H 234 42.52 1.29 14.10
N LEU H 235 42.90 2.56 13.92
CA LEU H 235 44.30 2.95 13.93
C LEU H 235 44.87 2.78 15.33
N GLU H 236 44.03 3.01 16.35
CA GLU H 236 44.48 2.96 17.74
C GLU H 236 44.71 1.50 18.14
N ASP H 237 43.89 0.60 17.59
CA ASP H 237 44.00 -0.82 17.86
C ASP H 237 45.22 -1.39 17.14
N TRP H 238 45.50 -0.84 15.95
CA TRP H 238 46.63 -1.27 15.14
C TRP H 238 47.93 -0.91 15.84
N GLU H 239 48.06 0.37 16.20
CA GLU H 239 49.18 0.86 16.99
C GLU H 239 49.44 -0.08 18.17
N LYS H 240 48.36 -0.54 18.82
CA LYS H 240 48.47 -1.18 20.13
C LYS H 240 49.34 -2.43 20.03
N VAL H 241 49.40 -3.04 18.83
CA VAL H 241 50.00 -4.35 18.68
C VAL H 241 51.14 -4.29 17.65
N LYS H 242 51.50 -3.08 17.21
CA LYS H 242 52.57 -2.93 16.22
C LYS H 242 53.90 -3.24 16.89
N PRO H 243 55.00 -3.42 16.11
CA PRO H 243 56.28 -3.82 16.65
C PRO H 243 56.60 -3.18 17.99
N SER I 19 6.51 4.89 -24.96
CA SER I 19 5.47 5.38 -25.91
C SER I 19 5.87 6.75 -26.47
N HIS I 20 6.98 7.30 -25.96
CA HIS I 20 7.43 8.63 -26.32
C HIS I 20 6.25 9.54 -26.61
N MET I 21 5.65 10.12 -25.55
CA MET I 21 4.40 10.83 -25.70
C MET I 21 4.59 12.06 -26.59
N GLU I 22 3.60 12.29 -27.45
CA GLU I 22 3.59 13.41 -28.37
C GLU I 22 2.49 14.39 -27.96
N LEU I 23 2.69 15.66 -28.32
CA LEU I 23 1.72 16.70 -28.04
C LEU I 23 0.99 17.09 -29.33
N TYR I 24 -0.34 17.10 -29.26
CA TYR I 24 -1.19 17.46 -30.38
C TYR I 24 -2.06 18.66 -29.99
N LEU I 25 -2.51 19.42 -30.98
CA LEU I 25 -3.54 20.42 -30.78
C LEU I 25 -4.90 19.84 -31.15
N ASP I 26 -5.91 20.21 -30.35
CA ASP I 26 -7.29 19.82 -30.57
C ASP I 26 -8.08 21.05 -31.02
N THR I 27 -7.98 21.37 -32.31
CA THR I 27 -8.56 22.60 -32.87
C THR I 27 -8.61 22.49 -34.38
N ALA I 28 -9.36 23.39 -35.02
CA ALA I 28 -9.31 23.57 -36.47
C ALA I 28 -8.83 24.97 -36.83
N SER I 29 -8.40 25.74 -35.83
CA SER I 29 -7.91 27.08 -36.06
C SER I 29 -6.48 27.04 -36.62
N LEU I 30 -6.32 27.55 -37.84
CA LEU I 30 -5.02 27.54 -38.50
C LEU I 30 -4.05 28.43 -37.73
N GLU I 31 -4.54 29.56 -37.21
CA GLU I 31 -3.70 30.52 -36.52
C GLU I 31 -3.11 29.87 -35.27
N GLU I 32 -3.95 29.10 -34.56
CA GLU I 32 -3.53 28.42 -33.35
C GLU I 32 -2.46 27.40 -33.68
N ILE I 33 -2.67 26.65 -34.77
CA ILE I 33 -1.79 25.55 -35.13
C ILE I 33 -0.44 26.12 -35.57
N ARG I 34 -0.47 27.23 -36.32
CA ARG I 34 0.74 27.87 -36.79
C ARG I 34 1.62 28.25 -35.61
N GLU I 35 0.99 28.79 -34.56
CA GLU I 35 1.72 29.35 -33.44
C GLU I 35 2.51 28.26 -32.73
N ILE I 36 1.84 27.14 -32.42
CA ILE I 36 2.45 26.09 -31.62
C ILE I 36 3.41 25.30 -32.50
N ALA I 37 3.09 25.18 -33.80
CA ALA I 37 3.97 24.50 -34.74
C ALA I 37 5.36 25.12 -34.67
N ALA I 38 5.40 26.44 -34.51
CA ALA I 38 6.65 27.19 -34.57
C ALA I 38 7.52 26.92 -33.35
N TRP I 39 6.91 26.37 -32.29
CA TRP I 39 7.64 26.03 -31.07
C TRP I 39 8.55 24.83 -31.30
N GLY I 40 8.12 23.94 -32.22
CA GLY I 40 8.89 22.75 -32.55
C GLY I 40 8.45 21.54 -31.74
N VAL I 41 7.27 21.61 -31.11
CA VAL I 41 6.85 20.59 -30.17
C VAL I 41 5.52 19.99 -30.61
N LEU I 42 5.00 20.41 -31.77
CA LEU I 42 3.66 20.01 -32.20
C LEU I 42 3.78 18.80 -33.13
N SER I 43 3.15 17.69 -32.73
CA SER I 43 3.32 16.43 -33.44
C SER I 43 2.14 16.17 -34.38
N GLY I 44 0.99 16.79 -34.10
CA GLY I 44 -0.25 16.38 -34.73
C GLY I 44 -1.42 17.31 -34.37
N VAL I 45 -2.55 17.07 -35.02
CA VAL I 45 -3.79 17.80 -34.76
C VAL I 45 -4.96 16.83 -34.78
N THR I 46 -5.89 16.99 -33.85
CA THR I 46 -7.20 16.37 -33.97
C THR I 46 -8.26 17.44 -34.22
N THR I 47 -9.11 17.21 -35.22
CA THR I 47 -10.32 17.98 -35.40
C THR I 47 -11.53 17.11 -35.08
N ASN I 48 -12.69 17.76 -34.98
CA ASN I 48 -13.97 17.07 -34.96
C ASN I 48 -15.00 18.01 -35.62
N PRO I 49 -16.22 17.54 -35.94
CA PRO I 49 -17.17 18.37 -36.67
C PRO I 49 -17.48 19.71 -35.98
N THR I 50 -17.52 19.69 -34.65
CA THR I 50 -17.81 20.91 -33.90
C THR I 50 -16.67 21.91 -34.10
N LEU I 51 -15.43 21.42 -33.95
CA LEU I 51 -14.26 22.28 -34.02
C LEU I 51 -14.16 22.89 -35.42
N VAL I 52 -14.46 22.10 -36.44
CA VAL I 52 -14.34 22.56 -37.82
C VAL I 52 -15.41 23.61 -38.08
N ALA I 53 -16.63 23.35 -37.61
CA ALA I 53 -17.73 24.28 -37.78
C ALA I 53 -17.40 25.61 -37.11
N LYS I 54 -16.75 25.54 -35.95
CA LYS I 54 -16.40 26.72 -35.18
C LYS I 54 -15.46 27.60 -36.00
N ALA I 55 -14.48 26.96 -36.66
CA ALA I 55 -13.47 27.67 -37.42
C ALA I 55 -14.11 28.35 -38.63
N PHE I 56 -15.10 27.68 -39.23
CA PHE I 56 -15.75 28.21 -40.42
C PHE I 56 -16.66 29.37 -40.03
N ALA I 57 -17.41 29.19 -38.93
CA ALA I 57 -18.27 30.24 -38.42
C ALA I 57 -17.45 31.48 -38.09
N ALA I 58 -16.26 31.26 -37.52
CA ALA I 58 -15.43 32.36 -37.04
C ALA I 58 -14.97 33.22 -38.22
N LYS I 59 -14.73 32.59 -39.37
CA LYS I 59 -14.22 33.29 -40.54
C LYS I 59 -15.37 33.72 -41.43
N GLY I 60 -16.59 33.30 -41.08
CA GLY I 60 -17.77 33.60 -41.87
C GLY I 60 -17.72 32.94 -43.25
N GLU I 61 -17.21 31.71 -43.30
CA GLU I 61 -17.13 30.95 -44.53
C GLU I 61 -18.13 29.80 -44.49
N ALA I 62 -18.83 29.60 -45.61
CA ALA I 62 -19.69 28.43 -45.77
C ALA I 62 -18.82 27.17 -45.84
N LEU I 63 -19.29 26.11 -45.15
CA LEU I 63 -18.62 24.83 -45.17
C LEU I 63 -19.06 24.04 -46.41
N THR I 64 -18.20 24.07 -47.43
CA THR I 64 -18.42 23.28 -48.64
C THR I 64 -17.41 22.14 -48.67
N GLU I 65 -17.68 21.15 -49.52
CA GLU I 65 -16.75 20.04 -49.73
C GLU I 65 -15.37 20.60 -50.06
N GLU I 66 -15.34 21.58 -50.98
CA GLU I 66 -14.07 22.06 -51.52
C GLU I 66 -13.33 22.85 -50.45
N ALA I 67 -14.08 23.64 -49.66
CA ALA I 67 -13.49 24.48 -48.63
C ALA I 67 -13.00 23.61 -47.47
N PHE I 68 -13.75 22.55 -47.16
CA PHE I 68 -13.37 21.63 -46.10
C PHE I 68 -12.05 20.96 -46.48
N ALA I 69 -11.96 20.47 -47.73
CA ALA I 69 -10.77 19.76 -48.18
C ALA I 69 -9.56 20.69 -48.11
N ALA I 70 -9.74 21.94 -48.56
CA ALA I 70 -8.67 22.91 -48.57
C ALA I 70 -8.18 23.18 -47.16
N HIS I 71 -9.11 23.21 -46.21
CA HIS I 71 -8.80 23.52 -44.82
C HIS I 71 -7.96 22.39 -44.23
N LEU I 72 -8.36 21.15 -44.52
CA LEU I 72 -7.65 19.98 -44.01
C LEU I 72 -6.23 19.96 -44.55
N ARG I 73 -6.07 20.26 -45.85
CA ARG I 73 -4.75 20.25 -46.47
C ARG I 73 -3.88 21.31 -45.79
N ALA I 74 -4.49 22.48 -45.52
CA ALA I 74 -3.78 23.59 -44.93
C ALA I 74 -3.28 23.21 -43.54
N ILE I 75 -4.13 22.53 -42.77
CA ILE I 75 -3.74 22.06 -41.45
C ILE I 75 -2.61 21.03 -41.60
N CYS I 76 -2.78 20.10 -42.54
CA CYS I 76 -1.81 19.04 -42.75
C CYS I 76 -0.44 19.65 -43.05
N GLU I 77 -0.42 20.67 -43.91
CA GLU I 77 0.82 21.25 -44.37
C GLU I 77 1.46 22.05 -43.22
N THR I 78 0.63 22.57 -42.32
CA THR I 78 1.10 23.43 -41.26
C THR I 78 1.75 22.58 -40.16
N VAL I 79 1.12 21.45 -39.82
CA VAL I 79 1.58 20.62 -38.70
C VAL I 79 2.73 19.74 -39.17
N GLY I 80 2.61 19.19 -40.38
CA GLY I 80 3.57 18.22 -40.87
C GLY I 80 3.53 16.93 -40.05
N GLY I 81 2.33 16.56 -39.61
CA GLY I 81 2.12 15.32 -38.87
C GLY I 81 0.65 14.89 -38.95
N PRO I 82 0.27 13.77 -38.29
CA PRO I 82 -1.08 13.24 -38.40
C PRO I 82 -2.17 14.27 -38.06
N VAL I 83 -3.22 14.27 -38.88
CA VAL I 83 -4.37 15.12 -38.66
C VAL I 83 -5.63 14.27 -38.73
N SER I 84 -6.39 14.26 -37.62
CA SER I 84 -7.62 13.48 -37.53
C SER I 84 -8.77 14.29 -38.10
N ALA I 85 -9.51 13.66 -39.03
CA ALA I 85 -10.73 14.22 -39.59
C ALA I 85 -11.86 13.21 -39.45
N GLU I 86 -13.01 13.66 -38.92
CA GLU I 86 -14.07 12.76 -38.53
C GLU I 86 -15.12 12.64 -39.64
N VAL I 87 -15.59 11.41 -39.87
CA VAL I 87 -16.71 11.16 -40.76
C VAL I 87 -18.00 11.67 -40.11
N THR I 88 -18.99 12.00 -40.95
CA THR I 88 -20.30 12.40 -40.45
C THR I 88 -21.34 11.31 -40.75
N ALA I 89 -21.01 10.39 -41.65
CA ALA I 89 -21.89 9.26 -41.95
C ALA I 89 -22.08 8.39 -40.71
N LEU I 90 -23.22 7.71 -40.65
CA LEU I 90 -23.63 7.00 -39.45
C LEU I 90 -23.68 5.49 -39.72
N GLU I 91 -23.58 5.12 -41.00
CA GLU I 91 -23.72 3.73 -41.41
C GLU I 91 -22.40 3.26 -42.02
N ALA I 92 -22.07 1.98 -41.80
CA ALA I 92 -20.72 1.48 -42.04
C ALA I 92 -20.30 1.71 -43.48
N GLU I 93 -21.19 1.38 -44.43
CA GLU I 93 -20.82 1.39 -45.83
C GLU I 93 -20.46 2.82 -46.25
N ALA I 94 -21.29 3.77 -45.83
CA ALA I 94 -21.06 5.18 -46.11
C ALA I 94 -19.81 5.68 -45.38
N MET I 95 -19.60 5.18 -44.14
CA MET I 95 -18.46 5.62 -43.36
C MET I 95 -17.17 5.22 -44.08
N VAL I 96 -17.16 4.02 -44.67
CA VAL I 96 -15.97 3.50 -45.32
C VAL I 96 -15.68 4.35 -46.56
N ALA I 97 -16.70 4.63 -47.35
CA ALA I 97 -16.54 5.45 -48.54
C ALA I 97 -15.99 6.82 -48.15
N GLU I 98 -16.57 7.40 -47.09
CA GLU I 98 -16.21 8.74 -46.65
C GLU I 98 -14.79 8.72 -46.10
N GLY I 99 -14.45 7.67 -45.36
CA GLY I 99 -13.12 7.53 -44.79
C GLY I 99 -12.04 7.47 -45.87
N ARG I 100 -12.37 6.76 -46.97
CA ARG I 100 -11.47 6.66 -48.10
C ARG I 100 -11.25 8.03 -48.73
N ARG I 101 -12.33 8.81 -48.86
CA ARG I 101 -12.25 10.15 -49.42
C ARG I 101 -11.36 11.01 -48.52
N LEU I 102 -11.61 10.95 -47.21
CA LEU I 102 -10.87 11.75 -46.24
C LEU I 102 -9.39 11.42 -46.35
N ALA I 103 -9.06 10.12 -46.36
CA ALA I 103 -7.67 9.66 -46.36
C ALA I 103 -6.95 10.19 -47.60
N ALA I 104 -7.69 10.32 -48.70
CA ALA I 104 -7.10 10.64 -49.99
C ALA I 104 -6.81 12.14 -50.11
N ILE I 105 -7.35 12.94 -49.19
CA ILE I 105 -7.21 14.38 -49.25
C ILE I 105 -5.74 14.75 -49.03
N HIS I 106 -5.10 14.06 -48.08
CA HIS I 106 -3.70 14.30 -47.75
C HIS I 106 -3.14 13.06 -47.04
N PRO I 107 -1.87 12.68 -47.30
CA PRO I 107 -1.32 11.47 -46.69
C PRO I 107 -1.28 11.52 -45.17
N ASN I 108 -1.47 12.71 -44.59
CA ASN I 108 -1.32 12.90 -43.16
C ASN I 108 -2.64 12.59 -42.44
N ILE I 109 -3.71 12.41 -43.21
CA ILE I 109 -5.05 12.32 -42.64
C ILE I 109 -5.22 10.99 -41.93
N VAL I 110 -5.67 11.07 -40.67
CA VAL I 110 -6.19 9.93 -39.93
C VAL I 110 -7.71 10.05 -39.87
N VAL I 111 -8.40 8.93 -40.09
CA VAL I 111 -9.86 8.93 -40.12
C VAL I 111 -10.39 8.69 -38.71
N LYS I 112 -11.20 9.64 -38.21
CA LYS I 112 -11.91 9.47 -36.96
C LYS I 112 -13.27 8.83 -37.23
N LEU I 113 -13.55 7.73 -36.51
CA LEU I 113 -14.88 7.13 -36.48
C LEU I 113 -15.41 7.16 -35.05
N PRO I 114 -16.73 7.33 -34.86
CA PRO I 114 -17.35 7.15 -33.55
C PRO I 114 -17.37 5.68 -33.15
N THR I 115 -17.12 5.41 -31.86
CA THR I 115 -17.06 4.04 -31.39
C THR I 115 -18.50 3.55 -31.15
N THR I 116 -19.16 3.24 -32.27
CA THR I 116 -20.49 2.66 -32.30
C THR I 116 -20.40 1.31 -33.03
N GLU I 117 -21.52 0.59 -33.10
CA GLU I 117 -21.57 -0.66 -33.83
C GLU I 117 -21.10 -0.42 -35.27
N GLU I 118 -21.70 0.57 -35.93
CA GLU I 118 -21.39 0.86 -37.32
C GLU I 118 -19.93 1.31 -37.42
N GLY I 119 -19.47 2.06 -36.41
CA GLY I 119 -18.10 2.53 -36.36
C GLY I 119 -17.09 1.39 -36.33
N LEU I 120 -17.39 0.33 -35.58
CA LEU I 120 -16.51 -0.82 -35.50
C LEU I 120 -16.43 -1.46 -36.89
N LYS I 121 -17.59 -1.63 -37.52
CA LYS I 121 -17.68 -2.30 -38.81
C LYS I 121 -16.81 -1.56 -39.82
N ALA I 122 -16.86 -0.22 -39.78
CA ALA I 122 -16.11 0.61 -40.71
C ALA I 122 -14.62 0.59 -40.35
N CYS I 123 -14.33 0.59 -39.05
CA CYS I 123 -12.96 0.50 -38.57
C CYS I 123 -12.28 -0.74 -39.15
N LYS I 124 -12.98 -1.87 -39.07
CA LYS I 124 -12.43 -3.14 -39.52
C LYS I 124 -12.02 -3.02 -40.99
N ARG I 125 -12.91 -2.44 -41.80
CA ARG I 125 -12.74 -2.44 -43.24
C ARG I 125 -11.63 -1.46 -43.61
N LEU I 126 -11.66 -0.26 -43.02
CA LEU I 126 -10.69 0.77 -43.34
C LEU I 126 -9.29 0.34 -42.90
N SER I 127 -9.20 -0.22 -41.69
CA SER I 127 -7.92 -0.69 -41.18
C SER I 127 -7.45 -1.89 -41.99
N ALA I 128 -8.41 -2.74 -42.40
CA ALA I 128 -8.11 -3.90 -43.22
C ALA I 128 -7.50 -3.46 -44.55
N GLU I 129 -7.67 -2.17 -44.87
CA GLU I 129 -7.19 -1.60 -46.12
C GLU I 129 -5.87 -0.87 -45.90
N GLY I 130 -5.53 -0.65 -44.62
CA GLY I 130 -4.30 0.03 -44.27
C GLY I 130 -4.49 1.51 -44.01
N ILE I 131 -5.76 1.95 -43.92
CA ILE I 131 -6.04 3.32 -43.53
C ILE I 131 -6.06 3.41 -42.01
N LYS I 132 -5.39 4.43 -41.47
CA LYS I 132 -5.24 4.59 -40.04
C LYS I 132 -6.52 5.21 -39.46
N VAL I 133 -7.03 4.58 -38.40
CA VAL I 133 -8.34 4.91 -37.86
C VAL I 133 -8.16 5.33 -36.41
N ASN I 134 -8.79 6.47 -36.08
CA ASN I 134 -8.86 6.98 -34.72
C ASN I 134 -10.30 6.78 -34.22
N MET I 135 -10.50 5.83 -33.32
CA MET I 135 -11.81 5.54 -32.77
C MET I 135 -12.07 6.50 -31.62
N THR I 136 -13.14 7.29 -31.75
CA THR I 136 -13.35 8.45 -30.89
C THR I 136 -14.69 8.35 -30.19
N LEU I 137 -15.04 9.40 -29.43
CA LEU I 137 -16.19 9.39 -28.53
C LEU I 137 -16.17 8.14 -27.65
N ILE I 138 -15.02 7.91 -27.01
CA ILE I 138 -14.84 6.77 -26.13
C ILE I 138 -14.97 7.22 -24.68
N PHE I 139 -15.79 6.49 -23.90
CA PHE I 139 -16.12 6.90 -22.54
C PHE I 139 -16.03 5.71 -21.59
N SER I 140 -15.66 4.54 -22.10
CA SER I 140 -15.45 3.38 -21.27
C SER I 140 -14.28 2.56 -21.81
N ALA I 141 -13.63 1.81 -20.91
CA ALA I 141 -12.53 0.94 -21.30
C ALA I 141 -13.02 -0.12 -22.27
N ASN I 142 -14.27 -0.57 -22.10
CA ASN I 142 -14.83 -1.62 -22.94
C ASN I 142 -14.93 -1.12 -24.38
N GLN I 143 -15.33 0.16 -24.56
CA GLN I 143 -15.40 0.76 -25.88
C GLN I 143 -14.02 0.76 -26.51
N ALA I 144 -13.00 1.10 -25.72
CA ALA I 144 -11.63 1.16 -26.20
C ALA I 144 -11.14 -0.24 -26.58
N LEU I 145 -11.55 -1.24 -25.79
CA LEU I 145 -11.17 -2.63 -26.04
C LEU I 145 -11.70 -3.06 -27.41
N LEU I 146 -12.99 -2.81 -27.65
CA LEU I 146 -13.65 -3.24 -28.88
C LEU I 146 -13.01 -2.51 -30.06
N ALA I 147 -12.76 -1.21 -29.88
CA ALA I 147 -12.07 -0.41 -30.89
C ALA I 147 -10.72 -1.05 -31.25
N ALA I 148 -9.94 -1.40 -30.22
CA ALA I 148 -8.64 -1.99 -30.43
C ALA I 148 -8.77 -3.30 -31.21
N ARG I 149 -9.76 -4.12 -30.82
CA ARG I 149 -9.94 -5.44 -31.41
C ARG I 149 -10.27 -5.29 -32.90
N ALA I 150 -10.95 -4.19 -33.24
CA ALA I 150 -11.49 -3.99 -34.58
C ALA I 150 -10.42 -3.39 -35.50
N GLY I 151 -9.28 -3.00 -34.92
CA GLY I 151 -8.10 -2.67 -35.69
C GLY I 151 -7.77 -1.17 -35.65
N ALA I 152 -8.34 -0.46 -34.67
CA ALA I 152 -8.03 0.95 -34.46
C ALA I 152 -6.51 1.14 -34.38
N SER I 153 -6.02 2.23 -34.97
CA SER I 153 -4.66 2.69 -34.74
C SER I 153 -4.58 3.54 -33.47
N TYR I 154 -5.66 4.30 -33.21
CA TYR I 154 -5.73 5.16 -32.03
C TYR I 154 -7.09 4.97 -31.37
N VAL I 155 -7.11 5.09 -30.03
CA VAL I 155 -8.34 5.27 -29.29
C VAL I 155 -8.26 6.61 -28.54
N SER I 156 -9.40 7.30 -28.48
CA SER I 156 -9.47 8.66 -27.95
C SER I 156 -10.53 8.75 -26.85
N PRO I 157 -10.21 8.34 -25.60
CA PRO I 157 -11.06 8.65 -24.46
C PRO I 157 -11.18 10.15 -24.18
N PHE I 158 -12.37 10.56 -23.73
CA PHE I 158 -12.68 11.96 -23.49
C PHE I 158 -12.68 12.22 -21.98
N LEU I 159 -11.57 12.78 -21.47
CA LEU I 159 -11.40 12.99 -20.04
C LEU I 159 -12.41 14.04 -19.55
N GLY I 160 -12.46 15.17 -20.25
CA GLY I 160 -13.17 16.35 -19.79
C GLY I 160 -14.67 16.11 -19.67
N ARG I 161 -15.25 15.42 -20.67
CA ARG I 161 -16.68 15.20 -20.72
C ARG I 161 -17.10 14.25 -19.61
N VAL I 162 -16.17 13.41 -19.15
CA VAL I 162 -16.43 12.52 -18.04
C VAL I 162 -16.41 13.32 -16.73
N ASP I 163 -15.41 14.21 -16.59
CA ASP I 163 -15.36 15.15 -15.48
C ASP I 163 -16.67 15.92 -15.40
N ASP I 164 -17.25 16.24 -16.57
CA ASP I 164 -18.40 17.11 -16.66
C ASP I 164 -19.62 16.45 -15.99
N ILE I 165 -19.63 15.12 -15.92
CA ILE I 165 -20.75 14.41 -15.32
C ILE I 165 -20.33 13.87 -13.95
N SER I 166 -19.26 14.43 -13.40
CA SER I 166 -18.89 14.24 -12.00
C SER I 166 -18.29 12.86 -11.77
N TRP I 167 -17.74 12.28 -12.85
CA TRP I 167 -16.91 11.11 -12.75
C TRP I 167 -15.46 11.46 -13.08
N ASP I 168 -14.53 10.57 -12.72
CA ASP I 168 -13.11 10.87 -12.81
C ASP I 168 -12.60 10.49 -14.19
N GLY I 169 -12.41 11.49 -15.05
CA GLY I 169 -11.94 11.28 -16.40
C GLY I 169 -10.57 10.60 -16.42
N GLY I 170 -9.74 10.92 -15.41
CA GLY I 170 -8.41 10.36 -15.31
C GLY I 170 -8.46 8.85 -15.08
N GLU I 171 -9.55 8.38 -14.45
CA GLU I 171 -9.73 6.97 -14.16
C GLU I 171 -10.09 6.21 -15.43
N LEU I 172 -10.90 6.84 -16.29
CA LEU I 172 -11.18 6.29 -17.61
C LEU I 172 -9.85 6.05 -18.33
N LEU I 173 -8.98 7.07 -18.31
CA LEU I 173 -7.71 7.00 -19.02
C LEU I 173 -6.83 5.92 -18.39
N ARG I 174 -6.80 5.88 -17.04
CA ARG I 174 -5.97 4.92 -16.35
C ARG I 174 -6.37 3.51 -16.76
N GLU I 175 -7.68 3.26 -16.78
CA GLU I 175 -8.19 1.93 -17.05
C GLU I 175 -7.80 1.51 -18.47
N ILE I 176 -7.87 2.46 -19.40
CA ILE I 176 -7.62 2.17 -20.80
C ILE I 176 -6.13 1.92 -21.01
N VAL I 177 -5.28 2.76 -20.42
CA VAL I 177 -3.84 2.61 -20.58
C VAL I 177 -3.40 1.30 -19.92
N GLU I 178 -3.90 1.05 -18.70
CA GLU I 178 -3.52 -0.13 -17.95
C GLU I 178 -3.89 -1.38 -18.74
N MET I 179 -5.11 -1.37 -19.29
CA MET I 179 -5.64 -2.49 -20.04
C MET I 179 -4.75 -2.76 -21.25
N ILE I 180 -4.36 -1.69 -21.95
CA ILE I 180 -3.60 -1.81 -23.19
C ILE I 180 -2.18 -2.25 -22.85
N GLN I 181 -1.70 -1.87 -21.66
CA GLN I 181 -0.37 -2.25 -21.22
C GLN I 181 -0.36 -3.73 -20.83
N VAL I 182 -1.34 -4.16 -20.03
CA VAL I 182 -1.37 -5.51 -19.51
C VAL I 182 -1.56 -6.49 -20.67
N GLN I 183 -2.38 -6.09 -21.66
CA GLN I 183 -2.77 -6.97 -22.75
C GLN I 183 -1.81 -6.81 -23.92
N ASP I 184 -0.90 -5.83 -23.80
CA ASP I 184 0.09 -5.56 -24.84
C ASP I 184 -0.60 -5.39 -26.19
N LEU I 185 -1.70 -4.62 -26.21
CA LEU I 185 -2.36 -4.23 -27.44
C LEU I 185 -1.56 -3.13 -28.13
N PRO I 186 -1.33 -3.24 -29.47
CA PRO I 186 -0.51 -2.26 -30.19
C PRO I 186 -1.14 -0.88 -30.36
N VAL I 187 -2.45 -0.77 -30.14
CA VAL I 187 -3.17 0.48 -30.37
C VAL I 187 -2.52 1.60 -29.57
N LYS I 188 -2.60 2.83 -30.07
CA LYS I 188 -2.08 4.00 -29.36
C LYS I 188 -3.23 4.73 -28.66
N VAL I 189 -2.94 5.27 -27.48
CA VAL I 189 -3.95 5.95 -26.69
C VAL I 189 -3.75 7.46 -26.80
N ILE I 190 -4.81 8.14 -27.23
CA ILE I 190 -4.87 9.59 -27.23
C ILE I 190 -5.73 10.05 -26.05
N ALA I 191 -5.11 10.79 -25.12
CA ALA I 191 -5.87 11.54 -24.13
C ALA I 191 -6.52 12.75 -24.80
N ALA I 192 -7.84 12.74 -24.86
CA ALA I 192 -8.61 13.80 -25.52
C ALA I 192 -9.57 14.44 -24.53
N SER I 193 -10.33 15.43 -25.00
CA SER I 193 -11.17 16.24 -24.13
C SER I 193 -10.35 16.75 -22.95
N ILE I 194 -9.20 17.35 -23.25
CA ILE I 194 -8.29 17.84 -22.22
C ILE I 194 -8.70 19.26 -21.84
N ARG I 195 -8.69 19.56 -20.54
CA ARG I 195 -9.32 20.76 -20.03
C ARG I 195 -8.31 21.61 -19.25
N HIS I 196 -7.24 20.98 -18.75
CA HIS I 196 -6.27 21.67 -17.91
C HIS I 196 -4.91 20.99 -18.01
N PRO I 197 -3.82 21.69 -17.61
CA PRO I 197 -2.47 21.13 -17.70
C PRO I 197 -2.26 19.79 -16.98
N ARG I 198 -3.06 19.51 -15.95
CA ARG I 198 -2.82 18.31 -15.15
C ARG I 198 -3.37 17.08 -15.87
N HIS I 199 -4.33 17.29 -16.78
CA HIS I 199 -4.75 16.23 -17.68
C HIS I 199 -3.55 15.73 -18.47
N VAL I 200 -2.70 16.66 -18.90
CA VAL I 200 -1.55 16.35 -19.74
C VAL I 200 -0.53 15.56 -18.90
N THR I 201 -0.25 16.05 -17.68
CA THR I 201 0.77 15.40 -16.85
C THR I 201 0.30 13.99 -16.49
N GLU I 202 -0.99 13.84 -16.14
CA GLU I 202 -1.54 12.54 -15.77
C GLU I 202 -1.37 11.57 -16.93
N ALA I 203 -1.70 12.04 -18.15
CA ALA I 203 -1.55 11.22 -19.34
C ALA I 203 -0.10 10.78 -19.52
N ALA I 204 0.83 11.71 -19.29
CA ALA I 204 2.24 11.43 -19.51
C ALA I 204 2.74 10.40 -18.50
N LEU I 205 2.27 10.51 -17.25
CA LEU I 205 2.75 9.65 -16.18
C LEU I 205 2.19 8.24 -16.36
N LEU I 206 0.98 8.15 -16.91
CA LEU I 206 0.29 6.88 -17.07
C LEU I 206 0.93 6.08 -18.20
N GLY I 207 1.49 6.80 -19.19
CA GLY I 207 2.11 6.18 -20.35
C GLY I 207 1.16 6.20 -21.55
N ALA I 208 0.28 7.20 -21.61
CA ALA I 208 -0.48 7.48 -22.82
C ALA I 208 0.47 7.88 -23.95
N ASP I 209 0.01 7.73 -25.19
CA ASP I 209 0.88 7.88 -26.35
C ASP I 209 0.83 9.32 -26.85
N ILE I 210 -0.36 9.93 -26.75
CA ILE I 210 -0.58 11.27 -27.27
C ILE I 210 -1.48 12.02 -26.29
N ALA I 211 -1.20 13.31 -26.08
CA ALA I 211 -2.15 14.23 -25.49
C ALA I 211 -2.56 15.29 -26.50
N THR I 212 -3.86 15.39 -26.77
CA THR I 212 -4.38 16.41 -27.67
C THR I 212 -5.26 17.37 -26.88
N MET I 213 -4.98 18.66 -27.02
CA MET I 213 -5.48 19.65 -26.09
C MET I 213 -5.81 20.93 -26.82
N PRO I 214 -6.76 21.74 -26.30
CA PRO I 214 -7.02 23.08 -26.83
C PRO I 214 -5.80 23.99 -26.73
N HIS I 215 -5.79 25.01 -27.60
CA HIS I 215 -4.68 25.94 -27.70
C HIS I 215 -4.40 26.58 -26.35
N ALA I 216 -5.47 26.91 -25.61
CA ALA I 216 -5.33 27.67 -24.38
C ALA I 216 -4.57 26.83 -23.35
N VAL I 217 -4.82 25.52 -23.34
CA VAL I 217 -4.16 24.62 -22.41
C VAL I 217 -2.70 24.44 -22.85
N PHE I 218 -2.49 24.33 -24.15
CA PHE I 218 -1.13 24.20 -24.70
C PHE I 218 -0.31 25.41 -24.28
N LYS I 219 -0.91 26.60 -24.36
CA LYS I 219 -0.21 27.83 -24.03
C LYS I 219 0.16 27.84 -22.54
N GLN I 220 -0.67 27.19 -21.72
CA GLN I 220 -0.45 27.19 -20.27
C GLN I 220 0.76 26.36 -19.90
N LEU I 221 1.01 25.27 -20.65
CA LEU I 221 1.94 24.25 -20.21
C LEU I 221 3.27 24.91 -19.85
N LEU I 222 3.63 25.94 -20.63
CA LEU I 222 4.98 26.48 -20.63
C LEU I 222 5.16 27.40 -19.44
N LYS I 223 4.03 27.84 -18.86
CA LYS I 223 4.03 28.94 -17.91
C LYS I 223 4.19 28.38 -16.49
N HIS I 224 5.22 28.89 -15.80
CA HIS I 224 5.33 28.73 -14.36
C HIS I 224 5.98 30.00 -13.82
N PRO I 225 5.44 30.62 -12.75
CA PRO I 225 5.95 31.91 -12.28
C PRO I 225 7.44 31.90 -11.95
N LEU I 226 7.97 30.74 -11.54
CA LEU I 226 9.33 30.66 -11.05
C LEU I 226 10.31 30.75 -12.22
N THR I 227 9.87 30.33 -13.41
CA THR I 227 10.68 30.50 -14.60
C THR I 227 10.85 31.99 -14.90
N ASP I 228 9.74 32.72 -14.88
CA ASP I 228 9.74 34.15 -15.18
C ASP I 228 10.67 34.86 -14.20
N ILE I 229 10.59 34.44 -12.93
CA ILE I 229 11.27 35.14 -11.85
C ILE I 229 12.76 34.83 -11.93
N GLY I 230 13.09 33.56 -12.15
CA GLY I 230 14.47 33.11 -12.23
C GLY I 230 15.21 33.79 -13.38
N LEU I 231 14.56 33.85 -14.55
CA LEU I 231 15.16 34.41 -15.75
C LEU I 231 15.48 35.88 -15.52
N LYS I 232 14.53 36.60 -14.91
CA LYS I 232 14.66 38.02 -14.67
C LYS I 232 15.87 38.28 -13.78
N ARG I 233 16.00 37.47 -12.72
CA ARG I 233 17.08 37.64 -11.76
C ARG I 233 18.41 37.34 -12.43
N PHE I 234 18.46 36.27 -13.22
CA PHE I 234 19.67 35.90 -13.93
C PHE I 234 20.17 37.11 -14.71
N LEU I 235 19.26 37.73 -15.47
CA LEU I 235 19.62 38.78 -16.41
C LEU I 235 20.03 40.04 -15.65
N GLU I 236 19.43 40.25 -14.46
CA GLU I 236 19.80 41.37 -13.61
C GLU I 236 21.22 41.18 -13.12
N ASP I 237 21.53 39.98 -12.64
CA ASP I 237 22.83 39.69 -12.05
C ASP I 237 23.91 39.82 -13.12
N TRP I 238 23.55 39.48 -14.35
CA TRP I 238 24.47 39.57 -15.49
C TRP I 238 24.81 41.04 -15.75
N GLU I 239 23.78 41.88 -15.80
CA GLU I 239 23.94 43.28 -16.15
C GLU I 239 24.84 43.96 -15.12
N LYS I 240 24.86 43.43 -13.90
CA LYS I 240 25.54 44.08 -12.79
C LYS I 240 27.04 44.11 -13.06
N VAL I 241 27.59 43.01 -13.58
CA VAL I 241 29.03 42.79 -13.52
C VAL I 241 29.63 42.83 -14.92
N LYS I 242 28.79 42.68 -15.95
CA LYS I 242 29.24 42.88 -17.32
C LYS I 242 29.44 44.37 -17.56
N PRO I 243 30.54 44.79 -18.25
CA PRO I 243 31.03 46.15 -18.14
C PRO I 243 29.99 47.21 -18.50
N SER J 19 -2.71 -14.34 -26.46
CA SER J 19 -4.02 -13.69 -26.75
C SER J 19 -4.09 -12.33 -26.05
N HIS J 20 -4.51 -11.31 -26.80
CA HIS J 20 -4.54 -9.95 -26.30
C HIS J 20 -6.00 -9.57 -26.00
N MET J 21 -6.52 -10.11 -24.91
CA MET J 21 -7.93 -10.02 -24.57
C MET J 21 -8.79 -10.22 -25.82
N GLU J 22 -8.78 -11.44 -26.34
CA GLU J 22 -9.66 -11.83 -27.42
C GLU J 22 -11.08 -12.04 -26.88
N LEU J 23 -12.07 -11.77 -27.73
CA LEU J 23 -13.46 -11.87 -27.33
C LEU J 23 -14.14 -13.01 -28.10
N TYR J 24 -14.85 -13.86 -27.36
CA TYR J 24 -15.59 -14.98 -27.92
C TYR J 24 -17.08 -14.78 -27.65
N LEU J 25 -17.91 -15.38 -28.50
CA LEU J 25 -19.34 -15.54 -28.21
C LEU J 25 -19.58 -16.93 -27.62
N ASP J 26 -20.44 -16.98 -26.59
CA ASP J 26 -21.02 -18.23 -26.13
C ASP J 26 -22.39 -18.42 -26.78
N THR J 27 -22.42 -19.15 -27.91
CA THR J 27 -23.63 -19.28 -28.70
C THR J 27 -23.42 -20.37 -29.76
N ALA J 28 -24.52 -20.79 -30.40
CA ALA J 28 -24.46 -21.56 -31.62
C ALA J 28 -25.33 -20.90 -32.70
N SER J 29 -25.72 -19.65 -32.46
CA SER J 29 -26.46 -18.87 -33.44
C SER J 29 -25.50 -18.29 -34.47
N LEU J 30 -25.66 -18.70 -35.74
CA LEU J 30 -24.83 -18.16 -36.81
C LEU J 30 -25.21 -16.71 -37.06
N GLU J 31 -26.47 -16.35 -36.82
CA GLU J 31 -26.91 -14.96 -36.98
C GLU J 31 -26.12 -14.08 -36.01
N GLU J 32 -26.00 -14.52 -34.77
CA GLU J 32 -25.31 -13.76 -33.74
C GLU J 32 -23.83 -13.65 -34.09
N ILE J 33 -23.27 -14.78 -34.54
CA ILE J 33 -21.86 -14.87 -34.86
C ILE J 33 -21.53 -13.92 -36.02
N ARG J 34 -22.39 -13.90 -37.05
CA ARG J 34 -22.13 -13.10 -38.23
C ARG J 34 -22.22 -11.62 -37.88
N GLU J 35 -23.14 -11.27 -36.99
CA GLU J 35 -23.30 -9.88 -36.58
C GLU J 35 -22.00 -9.37 -35.96
N ILE J 36 -21.50 -10.10 -34.96
CA ILE J 36 -20.37 -9.63 -34.18
C ILE J 36 -19.10 -9.74 -35.03
N ALA J 37 -19.04 -10.78 -35.88
CA ALA J 37 -17.91 -10.97 -36.76
C ALA J 37 -17.67 -9.73 -37.60
N ALA J 38 -18.77 -9.08 -38.04
CA ALA J 38 -18.68 -7.95 -38.94
C ALA J 38 -18.12 -6.73 -38.23
N TRP J 39 -18.20 -6.72 -36.89
CA TRP J 39 -17.60 -5.66 -36.10
C TRP J 39 -16.08 -5.75 -36.15
N GLY J 40 -15.58 -6.96 -36.42
CA GLY J 40 -14.15 -7.18 -36.53
C GLY J 40 -13.53 -7.61 -35.20
N VAL J 41 -14.36 -7.97 -34.22
CA VAL J 41 -13.90 -8.13 -32.85
C VAL J 41 -14.10 -9.56 -32.36
N LEU J 42 -14.52 -10.47 -33.26
CA LEU J 42 -14.86 -11.82 -32.84
C LEU J 42 -13.70 -12.76 -33.12
N SER J 43 -13.16 -13.38 -32.06
CA SER J 43 -11.96 -14.18 -32.15
C SER J 43 -12.28 -15.67 -32.10
N GLY J 44 -13.46 -16.02 -31.57
CA GLY J 44 -13.80 -17.41 -31.35
C GLY J 44 -15.22 -17.60 -30.84
N VAL J 45 -15.63 -18.87 -30.70
CA VAL J 45 -16.95 -19.24 -30.25
C VAL J 45 -16.80 -20.41 -29.27
N THR J 46 -17.58 -20.38 -28.18
CA THR J 46 -17.74 -21.55 -27.34
C THR J 46 -19.18 -22.03 -27.41
N THR J 47 -19.35 -23.35 -27.60
CA THR J 47 -20.66 -23.95 -27.75
C THR J 47 -20.88 -24.94 -26.62
N ASN J 48 -22.14 -25.34 -26.42
CA ASN J 48 -22.45 -26.57 -25.72
C ASN J 48 -23.72 -27.17 -26.31
N PRO J 49 -23.95 -28.50 -26.09
CA PRO J 49 -25.06 -29.20 -26.71
C PRO J 49 -26.39 -28.45 -26.61
N THR J 50 -26.62 -27.76 -25.48
CA THR J 50 -27.88 -27.07 -25.25
C THR J 50 -27.99 -25.88 -26.20
N LEU J 51 -26.89 -25.13 -26.35
CA LEU J 51 -26.88 -23.97 -27.21
C LEU J 51 -27.14 -24.40 -28.64
N VAL J 52 -26.61 -25.58 -29.01
CA VAL J 52 -26.76 -26.10 -30.36
C VAL J 52 -28.20 -26.57 -30.54
N ALA J 53 -28.74 -27.23 -29.51
CA ALA J 53 -30.14 -27.65 -29.52
C ALA J 53 -31.04 -26.45 -29.75
N LYS J 54 -30.74 -25.34 -29.07
CA LYS J 54 -31.55 -24.13 -29.18
C LYS J 54 -31.54 -23.65 -30.64
N ALA J 55 -30.37 -23.68 -31.26
CA ALA J 55 -30.22 -23.24 -32.64
C ALA J 55 -31.08 -24.09 -33.56
N PHE J 56 -31.14 -25.40 -33.29
CA PHE J 56 -31.75 -26.36 -34.20
C PHE J 56 -33.27 -26.26 -34.08
N ALA J 57 -33.76 -25.93 -32.88
CA ALA J 57 -35.19 -25.81 -32.64
C ALA J 57 -35.72 -24.59 -33.38
N ALA J 58 -34.95 -23.50 -33.33
CA ALA J 58 -35.25 -22.28 -34.06
C ALA J 58 -35.45 -22.59 -35.53
N LYS J 59 -34.49 -23.32 -36.14
CA LYS J 59 -34.53 -23.62 -37.56
C LYS J 59 -35.58 -24.71 -37.81
N GLY J 60 -35.68 -25.67 -36.88
CA GLY J 60 -36.58 -26.80 -37.03
C GLY J 60 -35.84 -28.05 -37.51
N GLU J 61 -34.52 -27.97 -37.64
CA GLU J 61 -33.73 -29.09 -38.14
C GLU J 61 -33.62 -30.15 -37.06
N ALA J 62 -33.66 -31.42 -37.48
CA ALA J 62 -33.47 -32.56 -36.61
C ALA J 62 -32.01 -32.67 -36.19
N LEU J 63 -31.78 -33.04 -34.93
CA LEU J 63 -30.47 -32.92 -34.30
C LEU J 63 -29.77 -34.27 -34.32
N THR J 64 -29.23 -34.65 -35.48
CA THR J 64 -28.47 -35.89 -35.62
C THR J 64 -27.01 -35.61 -35.34
N GLU J 65 -26.23 -36.68 -35.10
CA GLU J 65 -24.81 -36.54 -34.83
C GLU J 65 -24.16 -35.77 -35.98
N GLU J 66 -24.51 -36.14 -37.22
CA GLU J 66 -23.82 -35.61 -38.39
C GLU J 66 -24.22 -34.15 -38.59
N ALA J 67 -25.50 -33.84 -38.35
CA ALA J 67 -26.00 -32.49 -38.51
C ALA J 67 -25.37 -31.58 -37.44
N PHE J 68 -25.25 -32.10 -36.22
CA PHE J 68 -24.57 -31.39 -35.14
C PHE J 68 -23.16 -31.03 -35.60
N ALA J 69 -22.45 -32.02 -36.14
CA ALA J 69 -21.09 -31.82 -36.61
C ALA J 69 -21.06 -30.76 -37.70
N ALA J 70 -22.05 -30.80 -38.61
CA ALA J 70 -22.08 -29.90 -39.75
C ALA J 70 -22.27 -28.47 -39.27
N HIS J 71 -23.06 -28.28 -38.21
CA HIS J 71 -23.30 -26.96 -37.66
C HIS J 71 -22.01 -26.42 -37.05
N LEU J 72 -21.28 -27.28 -36.33
CA LEU J 72 -20.00 -26.89 -35.74
C LEU J 72 -19.05 -26.47 -36.85
N ARG J 73 -18.99 -27.27 -37.92
CA ARG J 73 -18.14 -26.97 -39.06
C ARG J 73 -18.51 -25.60 -39.64
N ALA J 74 -19.82 -25.33 -39.71
CA ALA J 74 -20.32 -24.08 -40.27
C ALA J 74 -19.84 -22.91 -39.42
N ILE J 75 -19.88 -23.09 -38.09
CA ILE J 75 -19.41 -22.07 -37.16
C ILE J 75 -17.92 -21.84 -37.40
N CYS J 76 -17.15 -22.92 -37.52
CA CYS J 76 -15.72 -22.82 -37.72
C CYS J 76 -15.41 -21.97 -38.96
N GLU J 77 -16.14 -22.21 -40.04
CA GLU J 77 -15.85 -21.57 -41.31
C GLU J 77 -16.25 -20.10 -41.24
N THR J 78 -17.17 -19.77 -40.34
CA THR J 78 -17.70 -18.41 -40.23
C THR J 78 -16.76 -17.56 -39.39
N VAL J 79 -16.35 -18.07 -38.22
CA VAL J 79 -15.64 -17.25 -37.24
C VAL J 79 -14.16 -17.21 -37.60
N GLY J 80 -13.65 -18.31 -38.18
CA GLY J 80 -12.27 -18.38 -38.62
C GLY J 80 -11.31 -18.27 -37.45
N GLY J 81 -11.76 -18.73 -36.28
CA GLY J 81 -10.91 -18.94 -35.12
C GLY J 81 -11.38 -20.12 -34.28
N PRO J 82 -10.79 -20.36 -33.10
CA PRO J 82 -11.14 -21.52 -32.28
C PRO J 82 -12.64 -21.62 -31.99
N VAL J 83 -13.15 -22.85 -32.02
CA VAL J 83 -14.53 -23.13 -31.64
C VAL J 83 -14.54 -24.31 -30.66
N SER J 84 -15.03 -24.04 -29.44
CA SER J 84 -15.06 -25.04 -28.39
C SER J 84 -16.34 -25.88 -28.50
N ALA J 85 -16.17 -27.20 -28.40
CA ALA J 85 -17.29 -28.14 -28.35
C ALA J 85 -17.12 -29.08 -27.17
N GLU J 86 -18.22 -29.30 -26.43
CA GLU J 86 -18.18 -29.97 -25.15
C GLU J 86 -18.60 -31.43 -25.32
N VAL J 87 -17.82 -32.34 -24.73
CA VAL J 87 -18.13 -33.76 -24.75
C VAL J 87 -19.25 -34.03 -23.75
N THR J 88 -20.03 -35.09 -24.02
CA THR J 88 -21.07 -35.54 -23.10
C THR J 88 -20.71 -36.92 -22.52
N ALA J 89 -19.60 -37.49 -22.98
CA ALA J 89 -19.18 -38.81 -22.53
C ALA J 89 -18.91 -38.77 -21.02
N LEU J 90 -19.11 -39.93 -20.37
CA LEU J 90 -19.16 -40.00 -18.92
C LEU J 90 -17.75 -40.24 -18.37
N GLU J 91 -16.97 -41.09 -19.04
CA GLU J 91 -15.67 -41.51 -18.54
C GLU J 91 -14.61 -41.35 -19.62
N ALA J 92 -13.35 -41.53 -19.22
CA ALA J 92 -12.20 -41.01 -19.96
C ALA J 92 -12.14 -41.60 -21.36
N GLU J 93 -12.24 -42.93 -21.44
CA GLU J 93 -12.09 -43.62 -22.72
C GLU J 93 -13.04 -43.00 -23.73
N ALA J 94 -14.32 -42.85 -23.34
CA ALA J 94 -15.35 -42.38 -24.23
C ALA J 94 -15.15 -40.88 -24.51
N MET J 95 -14.57 -40.16 -23.54
CA MET J 95 -14.27 -38.75 -23.71
C MET J 95 -13.22 -38.58 -24.81
N VAL J 96 -12.23 -39.47 -24.80
CA VAL J 96 -11.14 -39.40 -25.77
C VAL J 96 -11.70 -39.73 -27.16
N ALA J 97 -12.57 -40.73 -27.24
CA ALA J 97 -13.18 -41.12 -28.50
C ALA J 97 -13.98 -39.95 -29.08
N GLU J 98 -14.79 -39.32 -28.21
CA GLU J 98 -15.65 -38.23 -28.65
C GLU J 98 -14.79 -37.03 -29.03
N GLY J 99 -13.72 -36.80 -28.25
CA GLY J 99 -12.82 -35.69 -28.50
C GLY J 99 -12.18 -35.79 -29.89
N ARG J 100 -11.79 -37.01 -30.26
CA ARG J 100 -11.14 -37.25 -31.54
C ARG J 100 -12.13 -36.95 -32.67
N ARG J 101 -13.37 -37.40 -32.50
CA ARG J 101 -14.41 -37.16 -33.49
C ARG J 101 -14.62 -35.65 -33.65
N LEU J 102 -14.77 -34.95 -32.51
CA LEU J 102 -15.06 -33.53 -32.54
C LEU J 102 -13.93 -32.82 -33.28
N ALA J 103 -12.68 -33.18 -32.94
CA ALA J 103 -11.51 -32.51 -33.48
C ALA J 103 -11.44 -32.72 -34.99
N ALA J 104 -11.96 -33.86 -35.46
CA ALA J 104 -11.86 -34.23 -36.86
C ALA J 104 -12.84 -33.43 -37.71
N ILE J 105 -13.76 -32.70 -37.05
CA ILE J 105 -14.76 -31.92 -37.76
C ILE J 105 -14.08 -30.81 -38.55
N HIS J 106 -13.13 -30.14 -37.90
CA HIS J 106 -12.47 -28.97 -38.46
C HIS J 106 -11.23 -28.66 -37.61
N PRO J 107 -10.11 -28.22 -38.24
CA PRO J 107 -8.90 -27.92 -37.49
C PRO J 107 -9.10 -26.94 -36.33
N ASN J 108 -10.15 -26.11 -36.41
CA ASN J 108 -10.34 -25.03 -35.45
C ASN J 108 -11.01 -25.56 -34.17
N ILE J 109 -11.49 -26.80 -34.19
CA ILE J 109 -12.29 -27.29 -33.07
C ILE J 109 -11.39 -27.49 -31.86
N VAL J 110 -11.85 -26.97 -30.71
CA VAL J 110 -11.24 -27.21 -29.43
C VAL J 110 -12.17 -28.07 -28.58
N VAL J 111 -11.61 -29.11 -27.95
CA VAL J 111 -12.40 -30.05 -27.19
C VAL J 111 -12.52 -29.56 -25.74
N LYS J 112 -13.77 -29.38 -25.28
CA LYS J 112 -14.04 -28.99 -23.91
C LYS J 112 -14.31 -30.23 -23.07
N LEU J 113 -13.54 -30.39 -21.97
CA LEU J 113 -13.75 -31.46 -21.02
C LEU J 113 -14.08 -30.86 -19.66
N PRO J 114 -14.86 -31.56 -18.80
CA PRO J 114 -15.04 -31.12 -17.43
C PRO J 114 -13.81 -31.41 -16.58
N THR J 115 -13.49 -30.52 -15.63
CA THR J 115 -12.27 -30.69 -14.86
C THR J 115 -12.57 -31.66 -13.72
N THR J 116 -12.56 -32.95 -14.06
CA THR J 116 -12.70 -34.05 -13.12
C THR J 116 -11.54 -35.01 -13.33
N GLU J 117 -11.51 -36.10 -12.56
CA GLU J 117 -10.50 -37.13 -12.73
C GLU J 117 -10.52 -37.62 -14.17
N GLU J 118 -11.72 -37.92 -14.67
CA GLU J 118 -11.89 -38.47 -16.00
C GLU J 118 -11.48 -37.43 -17.04
N GLY J 119 -11.89 -36.18 -16.81
CA GLY J 119 -11.48 -35.05 -17.65
C GLY J 119 -9.97 -34.97 -17.79
N LEU J 120 -9.25 -35.10 -16.68
CA LEU J 120 -7.80 -34.95 -16.67
C LEU J 120 -7.18 -36.05 -17.52
N LYS J 121 -7.67 -37.29 -17.33
CA LYS J 121 -7.16 -38.44 -18.05
C LYS J 121 -7.27 -38.18 -19.55
N ALA J 122 -8.45 -37.72 -19.98
CA ALA J 122 -8.73 -37.52 -21.38
C ALA J 122 -7.90 -36.34 -21.91
N CYS J 123 -7.77 -35.31 -21.07
CA CYS J 123 -6.96 -34.14 -21.43
C CYS J 123 -5.54 -34.56 -21.78
N LYS J 124 -4.95 -35.42 -20.93
CA LYS J 124 -3.58 -35.85 -21.11
C LYS J 124 -3.44 -36.53 -22.47
N ARG J 125 -4.43 -37.37 -22.81
CA ARG J 125 -4.34 -38.23 -23.97
C ARG J 125 -4.64 -37.44 -25.23
N LEU J 126 -5.68 -36.60 -25.19
CA LEU J 126 -6.06 -35.79 -26.33
C LEU J 126 -4.93 -34.80 -26.65
N SER J 127 -4.40 -34.14 -25.62
CA SER J 127 -3.40 -33.11 -25.81
C SER J 127 -2.11 -33.72 -26.37
N ALA J 128 -1.82 -34.97 -25.97
CA ALA J 128 -0.61 -35.65 -26.42
C ALA J 128 -0.69 -35.94 -27.91
N GLU J 129 -1.91 -35.95 -28.45
CA GLU J 129 -2.13 -36.23 -29.87
C GLU J 129 -2.22 -34.92 -30.66
N GLY J 130 -2.07 -33.79 -29.97
CA GLY J 130 -2.01 -32.50 -30.63
C GLY J 130 -3.41 -31.88 -30.77
N ILE J 131 -4.38 -32.45 -30.06
CA ILE J 131 -5.71 -31.89 -29.98
C ILE J 131 -5.75 -30.88 -28.82
N LYS J 132 -6.26 -29.68 -29.10
CA LYS J 132 -6.28 -28.62 -28.11
C LYS J 132 -7.47 -28.82 -27.18
N VAL J 133 -7.20 -28.72 -25.87
CA VAL J 133 -8.20 -29.04 -24.87
C VAL J 133 -8.50 -27.79 -24.06
N ASN J 134 -9.80 -27.60 -23.80
CA ASN J 134 -10.30 -26.52 -22.98
C ASN J 134 -10.98 -27.13 -21.76
N MET J 135 -10.33 -26.98 -20.60
CA MET J 135 -10.83 -27.61 -19.38
C MET J 135 -11.78 -26.64 -18.69
N THR J 136 -13.01 -27.11 -18.42
CA THR J 136 -14.11 -26.23 -18.08
C THR J 136 -14.65 -26.62 -16.70
N LEU J 137 -15.66 -25.88 -16.25
CA LEU J 137 -16.24 -26.03 -14.93
C LEU J 137 -15.14 -25.93 -13.87
N ILE J 138 -14.33 -24.88 -14.00
CA ILE J 138 -13.23 -24.63 -13.07
C ILE J 138 -13.66 -23.54 -12.09
N PHE J 139 -13.43 -23.80 -10.79
CA PHE J 139 -13.96 -22.95 -9.74
C PHE J 139 -12.90 -22.71 -8.66
N SER J 140 -11.68 -23.22 -8.91
CA SER J 140 -10.55 -22.95 -8.04
C SER J 140 -9.26 -22.88 -8.86
N ALA J 141 -8.28 -22.12 -8.36
CA ALA J 141 -6.99 -22.03 -8.99
C ALA J 141 -6.31 -23.40 -9.02
N ASN J 142 -6.59 -24.23 -8.00
CA ASN J 142 -6.00 -25.55 -7.90
C ASN J 142 -6.46 -26.40 -9.08
N GLN J 143 -7.75 -26.28 -9.44
CA GLN J 143 -8.31 -27.03 -10.54
C GLN J 143 -7.66 -26.57 -11.84
N ALA J 144 -7.46 -25.26 -11.98
CA ALA J 144 -6.77 -24.71 -13.14
C ALA J 144 -5.36 -25.27 -13.24
N LEU J 145 -4.70 -25.40 -12.07
CA LEU J 145 -3.33 -25.87 -12.02
C LEU J 145 -3.27 -27.31 -12.54
N LEU J 146 -4.17 -28.16 -12.03
CA LEU J 146 -4.21 -29.56 -12.42
C LEU J 146 -4.42 -29.65 -13.94
N ALA J 147 -5.32 -28.80 -14.45
CA ALA J 147 -5.62 -28.79 -15.87
C ALA J 147 -4.37 -28.45 -16.66
N ALA J 148 -3.62 -27.44 -16.19
CA ALA J 148 -2.42 -26.99 -16.86
C ALA J 148 -1.40 -28.13 -16.91
N ARG J 149 -1.28 -28.87 -15.80
CA ARG J 149 -0.31 -29.95 -15.71
C ARG J 149 -0.68 -31.08 -16.66
N ALA J 150 -1.98 -31.20 -16.94
CA ALA J 150 -2.48 -32.33 -17.73
C ALA J 150 -2.47 -31.99 -19.22
N GLY J 151 -2.05 -30.76 -19.55
CA GLY J 151 -1.74 -30.40 -20.92
C GLY J 151 -2.84 -29.53 -21.55
N ALA J 152 -3.71 -28.96 -20.71
CA ALA J 152 -4.76 -28.08 -21.19
C ALA J 152 -4.17 -26.93 -22.00
N SER J 153 -4.87 -26.54 -23.07
CA SER J 153 -4.54 -25.34 -23.81
C SER J 153 -5.30 -24.13 -23.25
N TYR J 154 -6.48 -24.40 -22.67
CA TYR J 154 -7.30 -23.36 -22.10
C TYR J 154 -7.87 -23.85 -20.77
N VAL J 155 -8.05 -22.92 -19.83
CA VAL J 155 -8.84 -23.16 -18.64
C VAL J 155 -9.95 -22.12 -18.57
N SER J 156 -11.15 -22.57 -18.19
CA SER J 156 -12.35 -21.74 -18.22
C SER J 156 -12.95 -21.64 -16.82
N PRO J 157 -12.49 -20.70 -15.97
CA PRO J 157 -13.21 -20.35 -14.75
C PRO J 157 -14.54 -19.66 -15.01
N PHE J 158 -15.51 -19.90 -14.11
CA PHE J 158 -16.86 -19.36 -14.25
C PHE J 158 -17.08 -18.29 -13.18
N LEU J 159 -17.07 -17.03 -13.61
CA LEU J 159 -17.12 -15.90 -12.69
C LEU J 159 -18.53 -15.79 -12.10
N GLY J 160 -19.54 -15.80 -12.97
CA GLY J 160 -20.90 -15.48 -12.58
C GLY J 160 -21.46 -16.50 -11.59
N ARG J 161 -21.10 -17.77 -11.79
CA ARG J 161 -21.63 -18.85 -10.96
C ARG J 161 -21.05 -18.74 -9.54
N VAL J 162 -19.88 -18.12 -9.44
CA VAL J 162 -19.24 -17.89 -8.17
C VAL J 162 -19.92 -16.70 -7.48
N ASP J 163 -20.13 -15.62 -8.24
CA ASP J 163 -20.92 -14.49 -7.77
C ASP J 163 -22.24 -15.01 -7.19
N ASP J 164 -22.80 -16.04 -7.83
CA ASP J 164 -24.13 -16.52 -7.51
C ASP J 164 -24.18 -17.06 -6.07
N ILE J 165 -23.05 -17.55 -5.57
CA ILE J 165 -23.02 -18.12 -4.23
C ILE J 165 -22.31 -17.15 -3.28
N SER J 166 -22.28 -15.88 -3.67
CA SER J 166 -21.93 -14.79 -2.78
C SER J 166 -20.44 -14.78 -2.49
N TRP J 167 -19.66 -15.41 -3.39
CA TRP J 167 -18.23 -15.22 -3.45
C TRP J 167 -17.85 -14.35 -4.64
N ASP J 168 -16.64 -13.78 -4.62
CA ASP J 168 -16.19 -12.86 -5.64
C ASP J 168 -15.57 -13.65 -6.80
N GLY J 169 -16.34 -13.82 -7.88
CA GLY J 169 -15.87 -14.50 -9.07
C GLY J 169 -14.56 -13.92 -9.59
N GLY J 170 -14.39 -12.61 -9.39
CA GLY J 170 -13.21 -11.90 -9.89
C GLY J 170 -11.95 -12.35 -9.17
N GLU J 171 -12.11 -12.82 -7.93
CA GLU J 171 -11.00 -13.26 -7.11
C GLU J 171 -10.50 -14.62 -7.60
N LEU J 172 -11.45 -15.47 -8.02
CA LEU J 172 -11.11 -16.72 -8.70
C LEU J 172 -10.26 -16.41 -9.92
N LEU J 173 -10.72 -15.47 -10.75
CA LEU J 173 -10.05 -15.16 -12.00
C LEU J 173 -8.66 -14.62 -11.69
N ARG J 174 -8.58 -13.76 -10.65
CA ARG J 174 -7.32 -13.11 -10.31
C ARG J 174 -6.29 -14.16 -9.93
N GLU J 175 -6.68 -15.12 -9.09
CA GLU J 175 -5.76 -16.13 -8.60
C GLU J 175 -5.25 -16.97 -9.77
N ILE J 176 -6.16 -17.33 -10.69
CA ILE J 176 -5.78 -18.19 -11.80
C ILE J 176 -4.81 -17.43 -12.71
N VAL J 177 -5.14 -16.17 -13.02
CA VAL J 177 -4.33 -15.39 -13.94
C VAL J 177 -2.95 -15.17 -13.32
N GLU J 178 -2.92 -14.85 -12.02
CA GLU J 178 -1.67 -14.55 -11.34
C GLU J 178 -0.81 -15.81 -11.28
N MET J 179 -1.45 -16.95 -11.01
CA MET J 179 -0.73 -18.21 -10.90
C MET J 179 -0.03 -18.50 -12.23
N ILE J 180 -0.77 -18.35 -13.33
CA ILE J 180 -0.28 -18.73 -14.64
C ILE J 180 0.80 -17.74 -15.07
N GLN J 181 0.67 -16.48 -14.64
CA GLN J 181 1.64 -15.46 -14.97
C GLN J 181 2.94 -15.72 -14.23
N VAL J 182 2.85 -15.96 -12.92
CA VAL J 182 4.02 -16.13 -12.07
C VAL J 182 4.75 -17.40 -12.48
N GLN J 183 4.00 -18.43 -12.89
CA GLN J 183 4.57 -19.74 -13.17
C GLN J 183 4.88 -19.86 -14.65
N ASP J 184 4.49 -18.85 -15.43
CA ASP J 184 4.75 -18.79 -16.85
C ASP J 184 4.31 -20.10 -17.51
N LEU J 185 3.10 -20.56 -17.14
CA LEU J 185 2.46 -21.69 -17.78
C LEU J 185 1.89 -21.27 -19.14
N PRO J 186 2.02 -22.11 -20.18
CA PRO J 186 1.56 -21.75 -21.52
C PRO J 186 0.05 -21.73 -21.69
N VAL J 187 -0.68 -22.21 -20.67
CA VAL J 187 -2.13 -22.33 -20.73
C VAL J 187 -2.74 -20.93 -20.85
N LYS J 188 -3.83 -20.81 -21.63
CA LYS J 188 -4.56 -19.56 -21.75
C LYS J 188 -5.82 -19.59 -20.90
N VAL J 189 -6.18 -18.42 -20.35
CA VAL J 189 -7.31 -18.30 -19.43
C VAL J 189 -8.49 -17.70 -20.18
N ILE J 190 -9.61 -18.45 -20.21
CA ILE J 190 -10.89 -17.95 -20.67
C ILE J 190 -11.74 -17.57 -19.45
N ALA J 191 -12.09 -16.28 -19.35
CA ALA J 191 -13.14 -15.85 -18.45
C ALA J 191 -14.50 -16.22 -19.01
N ALA J 192 -15.19 -17.14 -18.32
CA ALA J 192 -16.51 -17.58 -18.70
C ALA J 192 -17.51 -17.25 -17.60
N SER J 193 -18.78 -17.62 -17.81
CA SER J 193 -19.87 -17.17 -16.96
C SER J 193 -19.81 -15.65 -16.79
N ILE J 194 -19.82 -14.96 -17.93
CA ILE J 194 -19.74 -13.50 -17.96
C ILE J 194 -21.16 -12.94 -18.04
N ARG J 195 -21.51 -12.09 -17.07
CA ARG J 195 -22.91 -11.78 -16.80
C ARG J 195 -23.18 -10.31 -17.15
N HIS J 196 -22.13 -9.49 -17.14
CA HIS J 196 -22.28 -8.05 -17.22
C HIS J 196 -20.99 -7.44 -17.78
N PRO J 197 -21.05 -6.20 -18.31
CA PRO J 197 -19.90 -5.57 -18.95
C PRO J 197 -18.65 -5.50 -18.08
N ARG J 198 -18.82 -5.35 -16.77
CA ARG J 198 -17.68 -5.10 -15.89
C ARG J 198 -16.91 -6.40 -15.66
N HIS J 199 -17.56 -7.55 -15.87
CA HIS J 199 -16.85 -8.81 -15.90
C HIS J 199 -15.78 -8.76 -16.99
N VAL J 200 -16.16 -8.20 -18.15
CA VAL J 200 -15.27 -8.13 -19.29
C VAL J 200 -14.10 -7.22 -18.96
N THR J 201 -14.39 -6.04 -18.37
CA THR J 201 -13.35 -5.07 -18.08
C THR J 201 -12.40 -5.66 -17.05
N GLU J 202 -12.95 -6.30 -16.00
CA GLU J 202 -12.13 -6.84 -14.93
C GLU J 202 -11.21 -7.91 -15.51
N ALA J 203 -11.75 -8.76 -16.39
CA ALA J 203 -10.97 -9.81 -17.02
C ALA J 203 -9.81 -9.20 -17.81
N ALA J 204 -10.10 -8.11 -18.53
CA ALA J 204 -9.11 -7.44 -19.36
C ALA J 204 -8.01 -6.86 -18.49
N LEU J 205 -8.39 -6.24 -17.37
CA LEU J 205 -7.44 -5.53 -16.52
C LEU J 205 -6.55 -6.53 -15.80
N LEU J 206 -7.13 -7.66 -15.41
CA LEU J 206 -6.40 -8.69 -14.66
C LEU J 206 -5.39 -9.36 -15.58
N GLY J 207 -5.74 -9.49 -16.87
CA GLY J 207 -4.85 -10.04 -17.86
C GLY J 207 -5.26 -11.44 -18.29
N ALA J 208 -6.56 -11.73 -18.17
CA ALA J 208 -7.17 -12.87 -18.85
C ALA J 208 -6.85 -12.80 -20.34
N ASP J 209 -6.81 -13.98 -20.98
CA ASP J 209 -6.43 -14.08 -22.38
C ASP J 209 -7.66 -13.92 -23.26
N ILE J 210 -8.78 -14.47 -22.79
CA ILE J 210 -10.02 -14.52 -23.54
C ILE J 210 -11.18 -14.25 -22.58
N ALA J 211 -12.21 -13.57 -23.10
CA ALA J 211 -13.51 -13.54 -22.45
C ALA J 211 -14.57 -14.08 -23.42
N THR J 212 -15.37 -15.04 -22.96
CA THR J 212 -16.48 -15.55 -23.75
C THR J 212 -17.79 -15.20 -23.04
N MET J 213 -18.77 -14.76 -23.82
CA MET J 213 -19.98 -14.16 -23.27
C MET J 213 -21.14 -14.35 -24.23
N PRO J 214 -22.39 -14.34 -23.69
CA PRO J 214 -23.59 -14.32 -24.53
C PRO J 214 -23.67 -13.08 -25.42
N HIS J 215 -24.41 -13.21 -26.53
CA HIS J 215 -24.63 -12.11 -27.47
C HIS J 215 -25.19 -10.89 -26.73
N ALA J 216 -26.08 -11.13 -25.76
CA ALA J 216 -26.76 -10.04 -25.07
C ALA J 216 -25.75 -9.16 -24.36
N VAL J 217 -24.72 -9.79 -23.78
CA VAL J 217 -23.70 -9.06 -23.05
C VAL J 217 -22.78 -8.36 -24.05
N PHE J 218 -22.39 -9.08 -25.11
CA PHE J 218 -21.57 -8.50 -26.16
C PHE J 218 -22.20 -7.20 -26.65
N LYS J 219 -23.53 -7.20 -26.78
CA LYS J 219 -24.25 -6.09 -27.40
C LYS J 219 -24.35 -4.90 -26.44
N GLN J 220 -23.98 -5.12 -25.17
CA GLN J 220 -24.13 -4.09 -24.15
C GLN J 220 -22.85 -3.28 -24.05
N LEU J 221 -21.75 -3.85 -24.55
CA LEU J 221 -20.41 -3.38 -24.25
C LEU J 221 -20.22 -1.95 -24.76
N LEU J 222 -20.91 -1.61 -25.86
CA LEU J 222 -20.66 -0.37 -26.56
C LEU J 222 -21.50 0.76 -25.97
N LYS J 223 -22.43 0.41 -25.08
CA LYS J 223 -23.47 1.34 -24.69
C LYS J 223 -22.90 2.28 -23.63
N HIS J 224 -22.71 3.54 -24.04
CA HIS J 224 -22.47 4.64 -23.10
C HIS J 224 -23.19 5.87 -23.64
N PRO J 225 -24.04 6.53 -22.83
CA PRO J 225 -24.90 7.60 -23.33
C PRO J 225 -24.13 8.75 -23.97
N LEU J 226 -22.89 8.95 -23.55
CA LEU J 226 -22.15 10.14 -23.95
C LEU J 226 -21.73 10.04 -25.41
N THR J 227 -21.66 8.80 -25.93
CA THR J 227 -21.27 8.61 -27.33
C THR J 227 -22.34 9.18 -28.24
N ASP J 228 -23.60 8.76 -28.04
CA ASP J 228 -24.70 9.19 -28.89
C ASP J 228 -24.94 10.69 -28.69
N ILE J 229 -24.78 11.16 -27.45
CA ILE J 229 -25.00 12.57 -27.16
C ILE J 229 -23.96 13.40 -27.90
N GLY J 230 -22.71 12.95 -27.88
CA GLY J 230 -21.62 13.63 -28.56
C GLY J 230 -21.83 13.63 -30.07
N LEU J 231 -22.24 12.48 -30.59
CA LEU J 231 -22.41 12.29 -32.03
C LEU J 231 -23.52 13.21 -32.54
N LYS J 232 -24.61 13.32 -31.77
CA LYS J 232 -25.74 14.16 -32.14
C LYS J 232 -25.29 15.61 -32.26
N ARG J 233 -24.54 16.08 -31.25
CA ARG J 233 -24.15 17.48 -31.20
C ARG J 233 -23.18 17.79 -32.34
N PHE J 234 -22.26 16.85 -32.62
CA PHE J 234 -21.33 17.01 -33.72
C PHE J 234 -22.09 17.35 -34.99
N LEU J 235 -23.08 16.51 -35.33
CA LEU J 235 -23.80 16.62 -36.60
C LEU J 235 -24.60 17.91 -36.62
N GLU J 236 -25.14 18.30 -35.45
CA GLU J 236 -25.92 19.52 -35.35
C GLU J 236 -25.05 20.74 -35.66
N ASP J 237 -23.86 20.77 -35.06
CA ASP J 237 -22.94 21.88 -35.24
C ASP J 237 -22.50 21.94 -36.70
N TRP J 238 -22.30 20.75 -37.28
CA TRP J 238 -21.78 20.61 -38.63
C TRP J 238 -22.76 21.22 -39.63
N GLU J 239 -24.04 20.88 -39.46
CA GLU J 239 -25.08 21.26 -40.40
C GLU J 239 -25.35 22.76 -40.31
N LYS J 240 -25.04 23.36 -39.15
CA LYS J 240 -25.35 24.75 -38.90
C LYS J 240 -24.55 25.64 -39.86
N VAL J 241 -23.34 25.19 -40.26
CA VAL J 241 -22.43 26.05 -40.99
C VAL J 241 -22.47 25.69 -42.49
N LYS J 242 -23.15 24.60 -42.83
CA LYS J 242 -23.31 24.22 -44.22
C LYS J 242 -24.36 25.12 -44.86
N PRO J 243 -24.16 25.57 -46.13
CA PRO J 243 -25.04 26.56 -46.72
C PRO J 243 -26.49 26.08 -46.82
#